data_9DOB
#
_entry.id   9DOB
#
_cell.length_a   1.00
_cell.length_b   1.00
_cell.length_c   1.00
_cell.angle_alpha   90.00
_cell.angle_beta   90.00
_cell.angle_gamma   90.00
#
_symmetry.space_group_name_H-M   'P 1'
#
loop_
_entity.id
_entity.type
_entity.pdbx_description
1 polymer 'Ostreolysin A6'
2 polymer 'Pleurotolysin B'
3 non-polymer N-oleoyl-D-erythro-sphingosylphosphorylcholine
#
loop_
_entity_poly.entity_id
_entity_poly.type
_entity_poly.pdbx_seq_one_letter_code
_entity_poly.pdbx_strand_id
1 'polypeptide(L)'
;MAYAQWVIIIIHNVGSQDVKIKNLKASWGKLHADGDKDAEVSASNYEGKIVKPDEKLQINASGRSDAAAGTTGTFDLVDP
ADGDKQVRHFYWDSPWGSKTNTWTVSGSNTKWMIEYSGQNLDSGALGTITVDTLKKGENLYFQ
;
A,B,L,M
2 'polypeptide(L)'
;HHHHHHHHSQAGDTLNDVIQDPTRRNKLINDNNLLKGIIMGRDGPVPSSRELIVRPDTLRAIINNRATIETTTMEAEFTE
TLMESNYNSASVKVSAPFITANSEYSESSSFKNTETEKSMYTSSRYLFPQGRIDFTTPDSGFDDVIKLSPQFTSGVQAAL
AKATGTEKREALQNLFQEYGHVFRTKVHIGGVLSAHTMETFSRSENETEVKQDVKAGLEGAVKGWGGGATAGHGNTQGTI
TTSQNRKLNVKYIVNVVDYTKIQNTEEWVASTNQSEHWRVIEVTEVTAVADLLPQPIRGQVKDLLKPLLGKWVDVEKVPG
LESLPVSVYRPKGAIPAGWFWLGDTADASKALLVKPTLPARSGRNPALTSLHQGSGMTEQPFVDLPQYQYLSTYFGSFAH
DTPPGSTLRGLRPDHVLPGRYEMHGDTISTAVYVTRPVDVPFPEDECFDLKSLVRVKLPGSGNPPKPRSALKKSMVLFDS
GEK
;
C,N
#
# COMPACT_ATOMS: atom_id res chain seq x y z
N ALA A 2 39.48 35.55 17.18
CA ALA A 2 39.74 34.11 17.19
C ALA A 2 38.73 33.39 16.31
N TYR A 3 39.10 32.19 15.87
CA TYR A 3 38.20 31.40 15.02
C TYR A 3 37.00 30.87 15.79
N ALA A 4 37.04 30.88 17.12
CA ALA A 4 35.90 30.45 17.90
C ALA A 4 34.71 31.38 17.75
N GLN A 5 34.95 32.63 17.38
CA GLN A 5 33.89 33.60 17.11
C GLN A 5 33.61 33.59 15.62
N TRP A 6 32.49 33.00 15.22
CA TRP A 6 32.17 32.80 13.81
C TRP A 6 30.69 33.00 13.57
N VAL A 7 30.34 33.32 12.33
CA VAL A 7 28.96 33.46 11.92
C VAL A 7 28.84 33.05 10.45
N ILE A 8 27.75 32.37 10.13
CA ILE A 8 27.40 32.04 8.76
C ILE A 8 26.00 32.59 8.51
N ILE A 9 25.87 33.44 7.49
CA ILE A 9 24.61 34.07 7.15
C ILE A 9 24.20 33.55 5.78
N ILE A 10 23.11 32.82 5.72
CA ILE A 10 22.60 32.24 4.48
C ILE A 10 21.37 33.03 4.09
N ILE A 11 21.49 33.90 3.11
CA ILE A 11 20.36 34.64 2.57
C ILE A 11 19.71 33.79 1.49
N HIS A 12 18.46 33.39 1.71
CA HIS A 12 17.75 32.48 0.83
C HIS A 12 16.52 33.20 0.30
N ASN A 13 16.46 33.36 -1.02
CA ASN A 13 15.35 34.07 -1.66
C ASN A 13 14.25 33.07 -1.98
N VAL A 14 13.16 33.13 -1.22
CA VAL A 14 12.03 32.24 -1.40
C VAL A 14 10.94 32.84 -2.26
N GLY A 15 11.12 34.06 -2.75
CA GLY A 15 10.15 34.75 -3.55
C GLY A 15 10.43 34.61 -5.04
N SER A 16 9.94 35.59 -5.81
CA SER A 16 10.10 35.61 -7.25
C SER A 16 10.80 36.85 -7.76
N GLN A 17 11.13 37.80 -6.89
CA GLN A 17 11.81 39.02 -7.27
C GLN A 17 13.21 39.04 -6.68
N ASP A 18 14.16 39.56 -7.45
CA ASP A 18 15.55 39.59 -7.02
C ASP A 18 15.73 40.50 -5.81
N VAL A 19 16.73 40.17 -4.99
CA VAL A 19 17.14 40.99 -3.85
C VAL A 19 18.65 41.15 -3.93
N LYS A 20 19.13 42.35 -3.60
CA LYS A 20 20.54 42.69 -3.76
C LYS A 20 21.17 42.96 -2.39
N ILE A 21 22.45 42.59 -2.27
CA ILE A 21 23.20 42.87 -1.05
C ILE A 21 24.02 44.10 -1.29
N LYS A 22 24.10 44.99 -0.31
CA LYS A 22 24.80 46.25 -0.44
C LYS A 22 25.49 46.59 0.87
N ASN A 23 26.55 47.38 0.76
CA ASN A 23 27.24 47.93 1.93
C ASN A 23 27.64 46.85 2.93
N LEU A 24 28.13 45.72 2.41
CA LEU A 24 28.62 44.65 3.26
C LEU A 24 29.97 45.06 3.83
N LYS A 25 30.03 45.33 5.13
CA LYS A 25 31.26 45.77 5.76
C LYS A 25 31.46 45.05 7.08
N ALA A 26 32.61 44.40 7.23
CA ALA A 26 32.99 43.75 8.48
C ALA A 26 34.00 44.64 9.20
N SER A 27 33.55 45.28 10.28
CA SER A 27 34.43 46.18 11.02
C SER A 27 35.42 45.41 11.87
N TRP A 28 35.08 44.20 12.29
CA TRP A 28 35.97 43.33 13.03
C TRP A 28 35.97 41.95 12.40
N GLY A 29 37.10 41.26 12.50
CA GLY A 29 37.21 39.94 11.93
C GLY A 29 37.43 39.99 10.42
N LYS A 30 37.14 38.87 9.78
CA LYS A 30 37.37 38.74 8.34
C LYS A 30 36.28 37.87 7.72
N LEU A 31 36.06 38.08 6.43
CA LEU A 31 35.22 37.19 5.64
C LEU A 31 36.09 36.11 5.01
N HIS A 32 35.55 34.90 4.92
CA HIS A 32 36.32 33.78 4.42
C HIS A 32 35.43 32.88 3.59
N ALA A 33 36.05 31.89 2.94
CA ALA A 33 35.34 30.96 2.10
C ALA A 33 34.54 29.96 2.93
N ASP A 34 33.70 29.18 2.25
CA ASP A 34 32.83 28.24 2.94
C ASP A 34 33.65 27.10 3.53
N GLY A 35 33.59 26.97 4.85
CA GLY A 35 34.26 25.87 5.53
C GLY A 35 35.76 25.99 5.66
N ASP A 36 36.33 27.14 5.28
CA ASP A 36 37.77 27.35 5.34
C ASP A 36 38.02 28.73 5.91
N LYS A 37 38.29 28.79 7.22
CA LYS A 37 38.47 30.08 7.89
C LYS A 37 39.79 30.75 7.52
N ASP A 38 40.71 30.04 6.87
CA ASP A 38 41.99 30.62 6.49
C ASP A 38 41.91 31.35 5.15
N ALA A 39 41.00 30.95 4.27
CA ALA A 39 40.89 31.54 2.93
C ALA A 39 40.06 32.80 3.02
N GLU A 40 40.71 33.91 3.39
CA GLU A 40 40.01 35.18 3.52
C GLU A 40 39.54 35.67 2.15
N VAL A 41 38.40 36.36 2.15
CA VAL A 41 37.84 36.96 0.94
C VAL A 41 37.48 38.41 1.27
N SER A 42 37.25 39.18 0.22
CA SER A 42 36.94 40.60 0.35
C SER A 42 35.45 40.85 0.21
N ALA A 43 35.02 42.00 0.74
CA ALA A 43 33.61 42.37 0.65
C ALA A 43 33.18 42.59 -0.79
N SER A 44 34.12 42.80 -1.71
CA SER A 44 33.77 42.97 -3.12
C SER A 44 33.14 41.71 -3.71
N ASN A 45 33.44 40.54 -3.15
CA ASN A 45 32.86 39.30 -3.66
C ASN A 45 31.35 39.23 -3.46
N TYR A 46 30.79 40.09 -2.61
CA TYR A 46 29.36 40.10 -2.34
C TYR A 46 28.70 41.44 -2.61
N GLU A 47 29.46 42.54 -2.56
CA GLU A 47 28.88 43.86 -2.74
C GLU A 47 28.15 43.94 -4.07
N GLY A 48 26.83 44.18 -4.01
CA GLY A 48 26.03 44.32 -5.20
C GLY A 48 25.60 43.02 -5.85
N LYS A 49 25.97 41.87 -5.29
CA LYS A 49 25.57 40.60 -5.86
C LYS A 49 24.06 40.42 -5.76
N ILE A 50 23.48 39.79 -6.78
CA ILE A 50 22.04 39.60 -6.87
C ILE A 50 21.72 38.16 -6.47
N VAL A 51 20.82 38.00 -5.51
CA VAL A 51 20.34 36.68 -5.09
C VAL A 51 19.06 36.42 -5.86
N LYS A 52 19.14 35.57 -6.87
CA LYS A 52 17.98 35.26 -7.69
C LYS A 52 16.96 34.46 -6.87
N PRO A 53 15.69 34.50 -7.25
CA PRO A 53 14.68 33.74 -6.52
C PRO A 53 15.05 32.26 -6.46
N ASP A 54 14.90 31.69 -5.27
CA ASP A 54 15.18 30.30 -4.97
C ASP A 54 16.66 30.01 -4.81
N GLU A 55 17.52 31.03 -4.82
CA GLU A 55 18.95 30.84 -4.67
C GLU A 55 19.41 31.23 -3.27
N LYS A 56 20.53 30.65 -2.86
CA LYS A 56 21.13 30.91 -1.55
C LYS A 56 22.48 31.58 -1.72
N LEU A 57 22.75 32.56 -0.87
CA LEU A 57 24.06 33.22 -0.82
C LEU A 57 24.57 33.13 0.61
N GLN A 58 25.78 32.57 0.76
CA GLN A 58 26.36 32.31 2.08
C GLN A 58 27.51 33.27 2.33
N ILE A 59 27.45 33.95 3.47
CA ILE A 59 28.51 34.85 3.91
C ILE A 59 29.08 34.28 5.20
N ASN A 60 30.39 34.03 5.20
CA ASN A 60 31.08 33.46 6.35
C ASN A 60 32.01 34.51 6.93
N ALA A 61 31.87 34.78 8.23
CA ALA A 61 32.74 35.72 8.91
C ALA A 61 33.26 35.10 10.19
N SER A 62 34.47 35.50 10.59
CA SER A 62 35.06 35.02 11.82
C SER A 62 36.14 35.99 12.26
N GLY A 63 36.54 35.87 13.52
CA GLY A 63 37.62 36.68 14.02
C GLY A 63 38.97 36.25 13.48
N ARG A 64 39.95 37.13 13.61
CA ARG A 64 41.30 36.80 13.20
C ARG A 64 41.87 35.73 14.12
N SER A 65 42.69 34.84 13.53
CA SER A 65 43.23 33.71 14.27
C SER A 65 44.01 34.17 15.49
N ASP A 66 43.68 33.60 16.65
CA ASP A 66 44.40 33.86 17.90
C ASP A 66 44.52 35.36 18.16
N ALA A 67 43.43 36.08 17.94
CA ALA A 67 43.46 37.55 17.95
C ALA A 67 42.78 38.18 19.15
N ALA A 68 42.06 37.41 19.96
CA ALA A 68 41.33 37.98 21.10
C ALA A 68 40.32 39.04 20.64
N ALA A 69 39.75 38.85 19.46
CA ALA A 69 38.76 39.76 18.91
C ALA A 69 37.70 38.94 18.18
N GLY A 70 36.45 39.38 18.29
CA GLY A 70 35.34 38.71 17.65
C GLY A 70 35.17 39.17 16.22
N THR A 71 33.97 38.96 15.70
CA THR A 71 33.61 39.38 14.34
C THR A 71 32.37 40.23 14.41
N THR A 72 32.46 41.46 13.90
CA THR A 72 31.34 42.39 13.88
C THR A 72 31.17 42.94 12.48
N GLY A 73 29.94 43.06 12.02
CA GLY A 73 29.72 43.56 10.68
C GLY A 73 28.29 43.96 10.44
N THR A 74 28.06 44.55 9.27
CA THR A 74 26.73 44.97 8.86
C THR A 74 26.61 44.82 7.35
N PHE A 75 25.36 44.81 6.89
CA PHE A 75 25.08 44.86 5.45
C PHE A 75 23.62 45.26 5.28
N ASP A 76 23.20 45.42 4.03
CA ASP A 76 21.86 45.84 3.70
C ASP A 76 21.30 44.95 2.60
N LEU A 77 20.04 44.57 2.75
CA LEU A 77 19.28 43.99 1.66
C LEU A 77 18.45 45.11 1.03
N VAL A 78 18.57 45.25 -0.29
CA VAL A 78 17.88 46.30 -1.03
C VAL A 78 17.17 45.68 -2.22
N ASP A 79 16.15 46.39 -2.70
CA ASP A 79 15.33 45.92 -3.81
C ASP A 79 15.83 46.54 -5.11
N PRO A 80 16.42 45.76 -6.01
CA PRO A 80 16.90 46.35 -7.28
C PRO A 80 15.79 46.72 -8.24
N ALA A 81 14.55 46.26 -8.01
CA ALA A 81 13.46 46.54 -8.93
C ALA A 81 12.95 47.97 -8.84
N ASP A 82 13.22 48.67 -7.74
CA ASP A 82 12.75 50.04 -7.54
C ASP A 82 13.91 50.93 -7.08
N GLY A 83 15.02 50.87 -7.80
CA GLY A 83 16.15 51.73 -7.51
C GLY A 83 16.86 51.43 -6.21
N ASP A 84 17.06 50.15 -5.90
CA ASP A 84 17.87 49.73 -4.75
C ASP A 84 17.34 50.35 -3.46
N LYS A 85 16.02 50.34 -3.30
CA LYS A 85 15.42 50.78 -2.06
C LYS A 85 15.78 49.79 -0.95
N GLN A 86 15.96 50.32 0.26
CA GLN A 86 16.40 49.50 1.38
C GLN A 86 15.29 48.55 1.80
N VAL A 87 15.58 47.25 1.78
CA VAL A 87 14.67 46.25 2.32
C VAL A 87 14.88 46.06 3.81
N ARG A 88 16.12 45.81 4.21
CA ARG A 88 16.46 45.65 5.61
C ARG A 88 17.92 45.99 5.83
N HIS A 89 18.25 46.27 7.09
CA HIS A 89 19.64 46.48 7.52
C HIS A 89 19.96 45.43 8.57
N PHE A 90 21.03 44.67 8.34
CA PHE A 90 21.44 43.60 9.22
C PHE A 90 22.74 43.96 9.91
N TYR A 91 22.80 43.74 11.21
CA TYR A 91 24.01 43.95 12.00
C TYR A 91 24.26 42.70 12.83
N TRP A 92 25.49 42.21 12.80
CA TRP A 92 25.85 41.02 13.56
C TRP A 92 27.10 41.31 14.38
N ASP A 93 27.16 40.73 15.58
CA ASP A 93 28.29 40.90 16.47
C ASP A 93 28.48 39.61 17.27
N SER A 94 29.56 38.88 17.00
CA SER A 94 30.00 37.75 17.79
C SER A 94 31.27 38.17 18.51
N PRO A 95 31.18 38.72 19.72
CA PRO A 95 32.36 39.29 20.37
C PRO A 95 33.20 38.26 21.09
N TRP A 96 34.50 38.52 21.14
CA TRP A 96 35.41 37.68 21.91
C TRP A 96 35.28 37.93 23.40
N GLY A 97 35.14 39.20 23.80
CA GLY A 97 35.16 39.58 25.19
C GLY A 97 33.82 39.72 25.87
N SER A 98 32.74 39.26 25.25
CA SER A 98 31.41 39.32 25.87
C SER A 98 30.68 38.01 25.58
N LYS A 99 29.78 37.66 26.49
CA LYS A 99 29.01 36.43 26.35
C LYS A 99 27.75 36.59 25.52
N THR A 100 27.36 37.81 25.19
CA THR A 100 26.12 38.06 24.45
C THR A 100 26.45 38.41 23.01
N ASN A 101 25.92 37.64 22.08
CA ASN A 101 26.01 37.95 20.66
C ASN A 101 24.80 38.76 20.24
N THR A 102 24.98 39.59 19.21
CA THR A 102 23.94 40.47 18.71
C THR A 102 23.62 40.12 17.28
N TRP A 103 22.33 40.04 16.96
CA TRP A 103 21.85 39.86 15.59
C TRP A 103 20.61 40.73 15.44
N THR A 104 20.78 41.90 14.82
CA THR A 104 19.74 42.90 14.73
C THR A 104 19.33 43.09 13.27
N VAL A 105 18.03 43.01 13.01
CA VAL A 105 17.45 43.33 11.71
C VAL A 105 16.56 44.55 11.90
N SER A 106 16.89 45.63 11.20
CA SER A 106 16.18 46.89 11.32
C SER A 106 15.78 47.38 9.95
N GLY A 107 15.14 48.54 9.90
CA GLY A 107 14.54 49.05 8.69
C GLY A 107 13.15 48.49 8.49
N SER A 108 12.48 49.00 7.46
CA SER A 108 11.12 48.55 7.20
C SER A 108 10.63 48.97 5.82
N ASN A 109 10.03 48.02 5.11
CA ASN A 109 9.19 48.35 3.95
C ASN A 109 8.20 47.21 3.79
N THR A 110 6.92 47.54 3.73
CA THR A 110 5.86 46.54 3.78
C THR A 110 5.87 45.61 2.58
N LYS A 111 6.60 45.95 1.52
CA LYS A 111 6.63 45.11 0.33
C LYS A 111 7.42 43.81 0.54
N TRP A 112 8.13 43.67 1.66
CA TRP A 112 9.00 42.52 1.89
C TRP A 112 8.70 41.87 3.23
N MET A 113 8.88 40.56 3.27
CA MET A 113 8.80 39.76 4.48
C MET A 113 10.12 39.04 4.68
N ILE A 114 10.67 39.15 5.89
CA ILE A 114 11.98 38.57 6.22
C ILE A 114 11.80 37.72 7.47
N GLU A 115 12.23 36.47 7.40
CA GLU A 115 12.20 35.56 8.55
C GLU A 115 13.56 34.91 8.69
N TYR A 116 14.19 35.11 9.85
CA TYR A 116 15.51 34.56 10.10
C TYR A 116 15.45 33.57 11.26
N SER A 117 16.34 32.58 11.21
CA SER A 117 16.37 31.55 12.23
C SER A 117 17.79 31.00 12.36
N GLY A 118 18.04 30.36 13.51
CA GLY A 118 19.29 29.69 13.76
C GLY A 118 20.30 30.48 14.57
N GLN A 119 20.05 31.76 14.82
CA GLN A 119 21.00 32.56 15.57
C GLN A 119 21.11 32.07 17.01
N ASN A 120 22.32 32.21 17.56
CA ASN A 120 22.59 31.86 18.95
C ASN A 120 23.12 33.11 19.64
N LEU A 121 22.47 33.49 20.74
CA LEU A 121 22.85 34.69 21.48
C LEU A 121 23.35 34.42 22.88
N ASP A 122 23.11 33.24 23.43
CA ASP A 122 23.44 32.99 24.83
C ASP A 122 24.95 33.05 25.07
N SER A 123 25.70 32.19 24.40
CA SER A 123 27.15 32.18 24.60
C SER A 123 27.80 31.46 23.42
N GLY A 124 29.10 31.72 23.25
CA GLY A 124 29.85 31.10 22.19
C GLY A 124 29.73 31.84 20.87
N ALA A 125 29.72 31.10 19.77
CA ALA A 125 29.61 31.71 18.46
C ALA A 125 28.17 32.11 18.17
N LEU A 126 28.02 33.03 17.21
CA LEU A 126 26.69 33.47 16.82
C LEU A 126 25.96 32.43 15.98
N GLY A 127 26.68 31.48 15.40
CA GLY A 127 26.05 30.36 14.73
C GLY A 127 25.67 30.65 13.29
N THR A 128 24.95 29.69 12.72
CA THR A 128 24.51 29.76 11.33
C THR A 128 23.11 30.34 11.30
N ILE A 129 22.95 31.49 10.63
CA ILE A 129 21.68 32.19 10.55
C ILE A 129 21.19 32.08 9.12
N THR A 130 19.98 31.54 8.95
CA THR A 130 19.33 31.46 7.64
C THR A 130 18.25 32.52 7.57
N VAL A 131 18.30 33.34 6.53
CA VAL A 131 17.38 34.45 6.34
C VAL A 131 16.59 34.19 5.08
N ASP A 132 15.29 33.97 5.22
CA ASP A 132 14.37 33.82 4.10
C ASP A 132 13.74 35.18 3.79
N THR A 133 13.82 35.58 2.53
CA THR A 133 13.29 36.85 2.06
C THR A 133 12.25 36.62 0.98
N LEU A 134 11.14 37.36 1.07
CA LEU A 134 10.06 37.25 0.11
C LEU A 134 9.53 38.64 -0.17
N LYS A 135 9.08 38.87 -1.40
CA LYS A 135 8.44 40.13 -1.77
C LYS A 135 6.95 39.87 -1.96
N LYS A 136 6.15 40.47 -1.09
CA LYS A 136 4.70 40.29 -1.13
C LYS A 136 3.99 41.56 -0.70
N ALA B 2 30.90 23.93 28.80
CA ALA B 2 30.68 25.37 28.80
C ALA B 2 29.69 25.72 27.73
N TYR B 3 28.73 26.56 28.04
CA TYR B 3 27.81 27.05 27.03
C TYR B 3 28.49 27.43 25.71
N ALA B 4 29.77 27.79 25.70
CA ALA B 4 30.38 28.16 24.44
C ALA B 4 30.38 27.01 23.44
N GLN B 5 30.18 25.78 23.89
CA GLN B 5 30.11 24.61 23.03
C GLN B 5 28.65 24.21 22.91
N TRP B 6 28.05 24.50 21.76
CA TRP B 6 26.62 24.30 21.56
C TRP B 6 26.37 23.78 20.16
N VAL B 7 25.17 23.23 19.97
CA VAL B 7 24.72 22.78 18.65
C VAL B 7 23.21 22.84 18.63
N ILE B 8 22.66 23.23 17.48
CA ILE B 8 21.22 23.21 17.23
C ILE B 8 21.00 22.35 16.00
N ILE B 9 20.13 21.34 16.14
CA ILE B 9 19.81 20.42 15.05
C ILE B 9 18.34 20.59 14.73
N ILE B 10 18.05 21.05 13.53
CA ILE B 10 16.68 21.27 13.08
C ILE B 10 16.35 20.19 12.08
N ILE B 11 15.55 19.22 12.49
CA ILE B 11 15.07 18.16 11.61
C ILE B 11 13.81 18.67 10.94
N HIS B 12 13.86 18.85 9.63
CA HIS B 12 12.76 19.38 8.85
C HIS B 12 12.30 18.31 7.88
N ASN B 13 11.13 17.73 8.15
CA ASN B 13 10.58 16.66 7.31
C ASN B 13 9.87 17.31 6.13
N VAL B 14 10.54 17.28 4.96
CA VAL B 14 9.97 17.88 3.76
C VAL B 14 9.23 16.87 2.91
N GLY B 15 9.21 15.60 3.31
CA GLY B 15 8.53 14.57 2.55
C GLY B 15 7.05 14.52 2.87
N SER B 16 6.46 13.36 2.57
CA SER B 16 5.03 13.15 2.79
C SER B 16 4.70 12.10 3.83
N GLN B 17 5.69 11.36 4.33
CA GLN B 17 5.46 10.35 5.35
C GLN B 17 6.29 10.67 6.58
N ASP B 18 5.84 10.13 7.72
CA ASP B 18 6.43 10.49 9.00
C ASP B 18 7.84 9.91 9.15
N VAL B 19 8.61 10.54 10.02
CA VAL B 19 9.93 10.07 10.43
C VAL B 19 10.02 10.17 11.94
N LYS B 20 10.57 9.13 12.57
CA LYS B 20 10.60 9.04 14.02
C LYS B 20 12.04 9.15 14.53
N ILE B 21 12.17 9.71 15.73
CA ILE B 21 13.47 9.84 16.40
C ILE B 21 13.58 8.75 17.45
N LYS B 22 14.79 8.20 17.60
CA LYS B 22 15.01 7.16 18.59
C LYS B 22 16.42 7.27 19.14
N ASN B 23 16.62 6.70 20.32
CA ASN B 23 17.95 6.56 20.92
C ASN B 23 18.66 7.91 21.07
N LEU B 24 17.89 8.97 21.26
CA LEU B 24 18.50 10.29 21.47
C LEU B 24 19.24 10.27 22.80
N LYS B 25 20.56 10.25 22.76
CA LYS B 25 21.38 10.17 23.96
C LYS B 25 22.49 11.21 23.88
N ALA B 26 22.54 12.10 24.86
CA ALA B 26 23.58 13.11 24.97
C ALA B 26 24.60 12.61 25.99
N SER B 27 25.72 12.06 25.50
CA SER B 27 26.74 11.55 26.38
C SER B 27 27.37 12.65 27.21
N TRP B 28 27.60 13.82 26.60
CA TRP B 28 28.19 14.96 27.27
C TRP B 28 27.28 16.17 27.11
N GLY B 29 27.37 17.09 28.06
CA GLY B 29 26.53 18.27 27.99
C GLY B 29 25.08 17.94 28.31
N LYS B 30 24.21 18.87 27.93
CA LYS B 30 22.80 18.79 28.26
C LYS B 30 21.96 19.25 27.07
N LEU B 31 20.74 18.73 26.99
CA LEU B 31 19.73 19.26 26.09
C LEU B 31 18.93 20.33 26.81
N HIS B 32 18.64 21.42 26.11
CA HIS B 32 17.95 22.55 26.71
C HIS B 32 16.88 23.06 25.76
N ALA B 33 16.20 24.11 26.17
CA ALA B 33 15.10 24.68 25.41
C ALA B 33 15.62 25.71 24.40
N ASP B 34 14.75 26.10 23.48
CA ASP B 34 15.14 27.01 22.41
C ASP B 34 15.52 28.37 22.98
N GLY B 35 16.77 28.77 22.78
CA GLY B 35 17.22 30.07 23.18
C GLY B 35 17.45 30.25 24.66
N ASP B 36 17.41 29.17 25.44
CA ASP B 36 17.60 29.26 26.90
C ASP B 36 18.40 28.03 27.33
N LYS B 37 19.71 28.21 27.46
CA LYS B 37 20.56 27.11 27.91
C LYS B 37 20.38 26.79 29.38
N ASP B 38 19.77 27.70 30.14
CA ASP B 38 19.49 27.42 31.55
C ASP B 38 18.31 26.48 31.72
N ALA B 39 17.34 26.53 30.80
CA ALA B 39 16.13 25.71 30.89
C ALA B 39 16.43 24.33 30.31
N GLU B 40 17.10 23.50 31.11
CA GLU B 40 17.43 22.16 30.67
C GLU B 40 16.17 21.33 30.47
N VAL B 41 16.23 20.41 29.52
CA VAL B 41 15.14 19.49 29.22
C VAL B 41 15.69 18.07 29.24
N SER B 42 14.78 17.11 29.08
CA SER B 42 15.11 15.70 29.15
C SER B 42 15.04 15.08 27.76
N ALA B 43 15.88 14.06 27.54
CA ALA B 43 15.87 13.36 26.26
C ALA B 43 14.50 12.76 25.97
N SER B 44 13.73 12.45 27.01
CA SER B 44 12.40 11.91 26.80
C SER B 44 11.48 12.87 26.06
N ASN B 45 11.78 14.17 26.10
CA ASN B 45 10.96 15.14 25.37
C ASN B 45 10.92 14.86 23.88
N TYR B 46 11.94 14.18 23.35
CA TYR B 46 12.03 13.88 21.93
C TYR B 46 12.04 12.40 21.60
N GLU B 47 12.33 11.53 22.57
CA GLU B 47 12.42 10.10 22.29
C GLU B 47 11.11 9.59 21.69
N GLY B 48 11.23 8.82 20.61
CA GLY B 48 10.08 8.22 19.98
C GLY B 48 9.11 9.22 19.38
N LYS B 49 9.55 10.47 19.25
CA LYS B 49 8.70 11.51 18.69
C LYS B 49 8.59 11.38 17.19
N ILE B 50 7.47 11.84 16.64
CA ILE B 50 7.21 11.81 15.22
C ILE B 50 7.35 13.22 14.67
N VAL B 51 8.09 13.36 13.58
CA VAL B 51 8.19 14.63 12.86
C VAL B 51 7.30 14.48 11.63
N LYS B 52 6.11 15.07 11.70
CA LYS B 52 5.15 14.95 10.62
C LYS B 52 5.61 15.73 9.40
N PRO B 53 5.10 15.38 8.21
CA PRO B 53 5.54 16.08 7.00
C PRO B 53 5.34 17.59 7.13
N ASP B 54 6.33 18.33 6.64
CA ASP B 54 6.36 19.79 6.70
C ASP B 54 6.45 20.33 8.12
N GLU B 55 6.94 19.51 9.05
CA GLU B 55 7.10 19.92 10.44
C GLU B 55 8.58 20.00 10.77
N LYS B 56 8.94 20.99 11.59
CA LYS B 56 10.31 21.19 12.05
C LYS B 56 10.41 20.84 13.52
N LEU B 57 11.47 20.12 13.89
CA LEU B 57 11.75 19.78 15.27
C LEU B 57 13.15 20.24 15.60
N GLN B 58 13.29 21.01 16.67
CA GLN B 58 14.56 21.61 17.07
C GLN B 58 15.10 20.89 18.29
N ILE B 59 16.36 20.48 18.23
CA ILE B 59 17.07 19.88 19.35
C ILE B 59 18.26 20.78 19.67
N ASN B 60 18.32 21.25 20.91
CA ASN B 60 19.39 22.13 21.36
C ASN B 60 20.25 21.36 22.34
N ALA B 61 21.55 21.33 22.11
CA ALA B 61 22.48 20.72 23.03
C ALA B 61 23.60 21.70 23.33
N SER B 62 24.12 21.65 24.56
CA SER B 62 25.15 22.58 24.96
C SER B 62 25.94 21.99 26.11
N GLY B 63 27.16 22.49 26.30
CA GLY B 63 27.94 22.12 27.45
C GLY B 63 27.43 22.78 28.71
N ARG B 64 27.74 22.17 29.85
CA ARG B 64 27.32 22.70 31.13
C ARG B 64 28.18 23.89 31.51
N SER B 65 27.59 24.81 32.28
CA SER B 65 28.24 26.08 32.58
C SER B 65 29.62 25.86 33.18
N ASP B 66 30.61 26.54 32.61
CA ASP B 66 31.98 26.53 33.13
C ASP B 66 32.49 25.11 33.34
N ALA B 67 31.92 24.15 32.60
CA ALA B 67 32.19 22.75 32.85
C ALA B 67 33.42 22.23 32.12
N ALA B 68 33.93 22.95 31.13
CA ALA B 68 35.11 22.52 30.39
C ALA B 68 34.91 21.10 29.85
N ALA B 69 33.73 20.84 29.31
CA ALA B 69 33.39 19.51 28.83
C ALA B 69 32.91 19.49 27.39
N GLY B 70 32.16 20.49 26.95
CA GLY B 70 31.57 20.46 25.64
C GLY B 70 30.33 19.58 25.60
N THR B 71 29.88 19.28 24.39
CA THR B 71 28.68 18.47 24.20
C THR B 71 28.96 17.39 23.17
N THR B 72 28.27 16.27 23.32
CA THR B 72 28.42 15.14 22.41
C THR B 72 27.20 14.25 22.53
N GLY B 73 26.73 13.72 21.42
CA GLY B 73 25.54 12.90 21.48
C GLY B 73 25.29 12.17 20.17
N THR B 74 24.25 11.34 20.20
CA THR B 74 23.86 10.56 19.04
C THR B 74 22.36 10.37 19.05
N PHE B 75 21.82 10.07 17.87
CA PHE B 75 20.41 9.71 17.76
C PHE B 75 20.15 9.11 16.38
N ASP B 76 19.11 8.29 16.30
CA ASP B 76 18.75 7.62 15.06
C ASP B 76 17.44 8.19 14.53
N LEU B 77 17.36 8.32 13.21
CA LEU B 77 16.11 8.57 12.52
C LEU B 77 15.65 7.25 11.91
N VAL B 78 14.44 6.82 12.28
CA VAL B 78 13.88 5.55 11.85
C VAL B 78 12.55 5.81 11.16
N ASP B 79 12.14 4.86 10.32
CA ASP B 79 10.91 4.98 9.56
C ASP B 79 9.76 4.43 10.38
N PRO B 80 8.79 5.24 10.81
CA PRO B 80 7.66 4.67 11.58
C PRO B 80 6.94 3.58 10.82
N ALA B 81 6.76 3.74 9.52
CA ALA B 81 6.39 2.62 8.68
C ALA B 81 7.62 1.77 8.39
N ASP B 82 7.38 0.53 7.99
CA ASP B 82 8.47 -0.42 7.74
C ASP B 82 9.11 -0.90 9.04
N GLY B 83 8.34 -0.90 10.14
CA GLY B 83 8.81 -1.45 11.39
C GLY B 83 10.01 -0.75 11.98
N ASP B 84 10.00 0.58 11.99
CA ASP B 84 11.07 1.38 12.58
C ASP B 84 12.43 1.04 11.98
N LYS B 85 12.46 0.69 10.70
CA LYS B 85 13.73 0.47 10.04
C LYS B 85 14.56 1.74 10.08
N GLN B 86 15.83 1.61 10.45
CA GLN B 86 16.68 2.79 10.60
C GLN B 86 16.82 3.53 9.28
N VAL B 87 16.65 4.85 9.33
CA VAL B 87 16.91 5.69 8.17
C VAL B 87 18.34 6.22 8.19
N ARG B 88 18.75 6.80 9.32
CA ARG B 88 20.10 7.30 9.48
C ARG B 88 20.49 7.28 10.94
N HIS B 89 21.80 7.37 11.19
CA HIS B 89 22.35 7.50 12.52
C HIS B 89 23.24 8.75 12.55
N PHE B 90 22.96 9.65 13.49
CA PHE B 90 23.65 10.93 13.58
C PHE B 90 24.47 10.95 14.86
N TYR B 91 25.72 11.39 14.74
CA TYR B 91 26.59 11.63 15.89
C TYR B 91 27.14 13.04 15.79
N TRP B 92 27.02 13.79 16.89
CA TRP B 92 27.53 15.16 16.96
C TRP B 92 28.48 15.28 18.13
N ASP B 93 29.44 16.19 17.99
CA ASP B 93 30.44 16.41 19.04
C ASP B 93 31.01 17.81 18.87
N SER B 94 30.72 18.68 19.83
CA SER B 94 31.38 19.99 19.95
C SER B 94 32.23 19.93 21.21
N PRO B 95 33.51 19.56 21.11
CA PRO B 95 34.33 19.38 22.31
C PRO B 95 34.90 20.69 22.83
N TRP B 96 35.08 20.73 24.15
CA TRP B 96 35.74 21.87 24.76
C TRP B 96 37.25 21.82 24.57
N GLY B 97 37.83 20.63 24.63
CA GLY B 97 39.26 20.47 24.60
C GLY B 97 39.90 20.35 23.23
N SER B 98 39.10 20.37 22.17
CA SER B 98 39.63 20.24 20.81
C SER B 98 39.02 21.31 19.91
N LYS B 99 39.80 21.72 18.93
CA LYS B 99 39.35 22.72 17.96
C LYS B 99 38.58 22.10 16.81
N THR B 100 38.46 20.78 16.74
CA THR B 100 37.74 20.10 15.67
C THR B 100 36.41 19.59 16.20
N ASN B 101 35.33 20.01 15.56
CA ASN B 101 34.00 19.48 15.83
C ASN B 101 33.68 18.36 14.85
N THR B 102 32.78 17.48 15.26
CA THR B 102 32.41 16.32 14.46
C THR B 102 30.90 16.27 14.28
N TRP B 103 30.48 15.99 13.05
CA TRP B 103 29.07 15.78 12.73
C TRP B 103 29.03 14.71 11.64
N THR B 104 28.70 13.48 12.02
CA THR B 104 28.75 12.36 11.08
C THR B 104 27.37 11.72 10.98
N VAL B 105 26.92 11.52 9.75
CA VAL B 105 25.66 10.85 9.44
C VAL B 105 26.01 9.56 8.71
N SER B 106 25.56 8.44 9.25
CA SER B 106 25.90 7.12 8.73
C SER B 106 24.64 6.29 8.56
N GLY B 107 24.80 5.14 7.92
CA GLY B 107 23.70 4.26 7.61
C GLY B 107 23.26 4.38 6.16
N SER B 108 22.60 3.33 5.69
CA SER B 108 22.13 3.27 4.31
C SER B 108 20.64 2.95 4.31
N ASN B 109 19.87 3.74 3.56
CA ASN B 109 18.46 3.45 3.34
C ASN B 109 18.08 4.11 2.02
N THR B 110 17.98 3.30 0.96
CA THR B 110 17.70 3.83 -0.36
C THR B 110 16.31 4.44 -0.48
N LYS B 111 15.43 4.20 0.48
CA LYS B 111 14.08 4.74 0.43
C LYS B 111 13.99 6.17 0.97
N TRP B 112 15.10 6.74 1.45
CA TRP B 112 15.10 8.06 2.04
C TRP B 112 16.23 8.89 1.45
N MET B 113 15.97 10.19 1.31
CA MET B 113 16.99 11.17 0.95
C MET B 113 17.18 12.09 2.15
N ILE B 114 18.41 12.21 2.61
CA ILE B 114 18.75 13.00 3.78
C ILE B 114 19.84 13.99 3.38
N GLU B 115 19.58 15.27 3.59
CA GLU B 115 20.56 16.31 3.33
C GLU B 115 20.73 17.14 4.59
N TYR B 116 21.93 17.68 4.80
CA TYR B 116 22.18 18.48 5.98
C TYR B 116 23.17 19.58 5.64
N SER B 117 23.09 20.67 6.38
CA SER B 117 23.97 21.81 6.13
C SER B 117 24.06 22.67 7.37
N GLY B 118 25.06 23.54 7.39
CA GLY B 118 25.21 24.55 8.43
C GLY B 118 26.26 24.25 9.47
N GLN B 119 26.79 23.03 9.52
CA GLN B 119 27.73 22.67 10.57
C GLN B 119 29.05 23.42 10.41
N ASN B 120 29.70 23.66 11.54
CA ASN B 120 31.02 24.29 11.56
C ASN B 120 31.97 23.29 12.19
N LEU B 121 33.13 23.06 11.60
CA LEU B 121 34.09 22.08 12.08
C LEU B 121 35.46 22.65 12.42
N ASP B 122 35.80 23.85 11.93
CA ASP B 122 37.17 24.33 12.08
C ASP B 122 37.47 24.72 13.52
N SER B 123 36.57 25.45 14.17
CA SER B 123 36.82 25.90 15.53
C SER B 123 35.60 26.56 16.10
N GLY B 124 35.47 26.57 17.41
CA GLY B 124 34.31 27.15 18.04
C GLY B 124 33.19 26.15 18.14
N ALA B 125 31.96 26.64 18.25
CA ALA B 125 30.81 25.76 18.40
C ALA B 125 30.53 25.01 17.10
N LEU B 126 29.74 23.94 17.22
CA LEU B 126 29.36 23.15 16.05
C LEU B 126 28.31 23.85 15.19
N GLY B 127 27.61 24.83 15.73
CA GLY B 127 26.70 25.64 14.94
C GLY B 127 25.31 25.06 14.84
N THR B 128 24.54 25.68 13.95
CA THR B 128 23.17 25.28 13.67
C THR B 128 23.15 24.39 12.44
N ILE B 129 22.68 23.16 12.61
CA ILE B 129 22.66 22.17 11.55
C ILE B 129 21.21 21.90 11.17
N THR B 130 20.88 22.12 9.91
CA THR B 130 19.55 21.84 9.39
C THR B 130 19.59 20.56 8.59
N VAL B 131 18.66 19.65 8.88
CA VAL B 131 18.57 18.34 8.25
C VAL B 131 17.21 18.24 7.57
N ASP B 132 17.22 18.03 6.26
CA ASP B 132 16.01 17.79 5.47
C ASP B 132 15.91 16.31 5.14
N THR B 133 14.75 15.73 5.43
CA THR B 133 14.50 14.31 5.19
C THR B 133 13.32 14.17 4.25
N LEU B 134 13.42 13.23 3.30
CA LEU B 134 12.38 13.03 2.31
C LEU B 134 12.32 11.56 1.93
N LYS B 135 11.23 10.88 2.26
CA LYS B 135 11.05 9.51 1.84
C LYS B 135 10.58 9.47 0.40
N LYS B 136 11.32 8.78 -0.45
CA LYS B 136 10.97 8.66 -1.85
C LYS B 136 9.78 7.70 -2.03
N GLN C 10 -52.11 -16.19 9.42
CA GLN C 10 -51.43 -14.96 9.81
C GLN C 10 -49.99 -15.26 10.22
N ALA C 11 -49.83 -16.01 11.30
CA ALA C 11 -48.50 -16.44 11.71
C ALA C 11 -47.97 -17.47 10.71
N GLY C 12 -46.68 -17.36 10.40
CA GLY C 12 -46.08 -18.18 9.38
C GLY C 12 -46.12 -17.59 7.98
N ASP C 13 -46.78 -16.44 7.80
CA ASP C 13 -46.77 -15.78 6.51
C ASP C 13 -45.37 -15.30 6.16
N THR C 14 -45.07 -15.33 4.86
CA THR C 14 -43.79 -14.87 4.36
C THR C 14 -44.00 -13.82 3.28
N LEU C 15 -42.93 -13.43 2.59
CA LEU C 15 -43.09 -12.48 1.48
C LEU C 15 -43.96 -13.06 0.38
N ASN C 16 -44.00 -14.39 0.24
CA ASN C 16 -44.84 -15.00 -0.78
C ASN C 16 -46.31 -14.71 -0.53
N ASP C 17 -46.74 -14.83 0.72
CA ASP C 17 -48.13 -14.55 1.05
C ASP C 17 -48.46 -13.08 0.83
N VAL C 18 -47.53 -12.19 1.15
CA VAL C 18 -47.76 -10.77 0.93
C VAL C 18 -47.88 -10.48 -0.56
N ILE C 19 -46.98 -11.04 -1.37
CA ILE C 19 -46.94 -10.70 -2.79
C ILE C 19 -48.15 -11.24 -3.53
N GLN C 20 -48.64 -12.43 -3.15
CA GLN C 20 -49.80 -12.98 -3.83
C GLN C 20 -51.07 -12.19 -3.58
N ASP C 21 -51.15 -11.46 -2.47
CA ASP C 21 -52.32 -10.67 -2.16
C ASP C 21 -52.16 -9.27 -2.74
N PRO C 22 -53.03 -8.83 -3.65
CA PRO C 22 -52.83 -7.49 -4.24
C PRO C 22 -52.84 -6.38 -3.22
N THR C 23 -53.71 -6.44 -2.21
CA THR C 23 -53.76 -5.39 -1.21
C THR C 23 -52.48 -5.34 -0.39
N ARG C 24 -52.05 -6.50 0.13
CA ARG C 24 -50.83 -6.53 0.91
C ARG C 24 -49.61 -6.23 0.05
N ARG C 25 -49.60 -6.70 -1.19
CA ARG C 25 -48.47 -6.40 -2.06
C ARG C 25 -48.36 -4.91 -2.34
N ASN C 26 -49.50 -4.25 -2.60
CA ASN C 26 -49.45 -2.81 -2.84
C ASN C 26 -49.11 -2.05 -1.58
N LYS C 27 -49.54 -2.53 -0.41
CA LYS C 27 -49.13 -1.88 0.83
C LYS C 27 -47.63 -2.01 1.04
N LEU C 28 -47.06 -3.17 0.72
CA LEU C 28 -45.61 -3.34 0.82
C LEU C 28 -44.89 -2.42 -0.16
N ILE C 29 -45.41 -2.29 -1.37
CA ILE C 29 -44.78 -1.40 -2.35
C ILE C 29 -44.85 0.05 -1.89
N ASN C 30 -46.00 0.48 -1.38
CA ASN C 30 -46.18 1.89 -1.04
C ASN C 30 -45.44 2.26 0.23
N ASP C 31 -45.47 1.41 1.25
CA ASP C 31 -44.82 1.73 2.51
C ASP C 31 -43.31 1.70 2.42
N ASN C 32 -42.75 1.19 1.32
CA ASN C 32 -41.31 1.10 1.16
C ASN C 32 -40.80 1.93 -0.01
N ASN C 33 -41.66 2.70 -0.66
CA ASN C 33 -41.23 3.58 -1.75
C ASN C 33 -40.49 2.80 -2.83
N LEU C 34 -40.97 1.60 -3.13
CA LEU C 34 -40.28 0.74 -4.08
C LEU C 34 -40.40 1.24 -5.51
N LEU C 35 -41.35 2.13 -5.80
CA LEU C 35 -41.53 2.68 -7.13
C LEU C 35 -40.80 4.02 -7.32
N LYS C 36 -40.02 4.44 -6.33
CA LYS C 36 -39.43 5.77 -6.33
C LYS C 36 -37.92 5.68 -6.34
N GLY C 37 -37.28 6.65 -6.98
CA GLY C 37 -35.85 6.76 -6.96
C GLY C 37 -35.33 7.41 -5.70
N ILE C 38 -34.02 7.34 -5.51
CA ILE C 38 -33.42 7.90 -4.32
C ILE C 38 -32.65 9.13 -4.71
N ILE C 39 -32.93 10.24 -4.05
CA ILE C 39 -32.25 11.47 -4.34
C ILE C 39 -31.00 11.56 -3.50
N MET C 40 -29.84 11.36 -4.11
CA MET C 40 -28.59 11.48 -3.41
C MET C 40 -28.25 12.93 -3.27
N GLY C 41 -28.85 13.58 -2.28
CA GLY C 41 -28.67 15.00 -2.13
C GLY C 41 -27.97 15.45 -0.87
N ARG C 42 -28.21 16.69 -0.48
CA ARG C 42 -27.46 17.23 0.66
C ARG C 42 -27.84 16.58 1.97
N ASP C 43 -29.06 16.03 2.07
CA ASP C 43 -29.54 15.42 3.30
C ASP C 43 -29.28 13.93 3.35
N GLY C 44 -28.54 13.38 2.40
CA GLY C 44 -28.30 11.96 2.33
C GLY C 44 -29.25 11.30 1.35
N PRO C 45 -29.19 9.97 1.26
CA PRO C 45 -30.10 9.26 0.37
C PRO C 45 -31.53 9.25 0.88
N VAL C 46 -32.42 10.00 0.23
CA VAL C 46 -33.82 10.04 0.63
C VAL C 46 -34.67 9.69 -0.58
N PRO C 47 -35.78 8.98 -0.41
CA PRO C 47 -36.61 8.64 -1.57
C PRO C 47 -37.28 9.86 -2.18
N SER C 48 -37.52 9.78 -3.48
CA SER C 48 -38.26 10.81 -4.18
C SER C 48 -39.75 10.67 -3.90
N SER C 49 -40.45 11.79 -3.94
CA SER C 49 -41.90 11.79 -3.75
C SER C 49 -42.68 11.45 -5.00
N ARG C 50 -42.00 11.29 -6.13
CA ARG C 50 -42.64 11.00 -7.41
C ARG C 50 -42.28 9.60 -7.87
N GLU C 51 -43.26 8.90 -8.43
CA GLU C 51 -43.03 7.54 -8.88
C GLU C 51 -42.21 7.54 -10.16
N LEU C 52 -41.14 6.74 -10.16
CA LEU C 52 -40.25 6.66 -11.30
C LEU C 52 -40.67 5.57 -12.29
N ILE C 53 -41.23 4.48 -11.81
CA ILE C 53 -41.60 3.35 -12.66
C ILE C 53 -43.09 3.09 -12.52
N VAL C 54 -43.63 2.37 -13.50
CA VAL C 54 -45.02 1.96 -13.45
C VAL C 54 -45.18 0.85 -12.41
N ARG C 55 -46.34 0.85 -11.75
CA ARG C 55 -46.60 -0.15 -10.72
C ARG C 55 -46.65 -1.55 -11.34
N PRO C 56 -45.85 -2.49 -10.87
CA PRO C 56 -45.88 -3.84 -11.43
C PRO C 56 -47.12 -4.61 -11.00
N ASP C 57 -47.43 -5.66 -11.76
CA ASP C 57 -48.49 -6.57 -11.38
C ASP C 57 -48.02 -7.62 -10.38
N THR C 58 -46.71 -7.79 -10.21
CA THR C 58 -46.17 -8.77 -9.28
C THR C 58 -44.73 -8.40 -9.00
N LEU C 59 -44.17 -9.04 -7.97
CA LEU C 59 -42.79 -8.82 -7.56
C LEU C 59 -42.04 -10.14 -7.54
N ARG C 60 -40.79 -10.10 -8.01
CA ARG C 60 -39.91 -11.25 -7.90
C ARG C 60 -39.24 -11.24 -6.54
N ALA C 61 -39.36 -12.33 -5.79
CA ALA C 61 -38.91 -12.35 -4.42
C ALA C 61 -38.35 -13.72 -4.05
N ILE C 62 -37.49 -13.71 -3.04
CA ILE C 62 -36.99 -14.91 -2.38
C ILE C 62 -37.23 -14.76 -0.88
N ILE C 63 -37.28 -15.89 -0.19
CA ILE C 63 -37.52 -15.94 1.24
C ILE C 63 -36.21 -16.22 1.98
N ASN C 64 -35.98 -15.50 3.06
CA ASN C 64 -34.79 -15.70 3.88
C ASN C 64 -35.10 -15.19 5.28
N ASN C 65 -34.97 -16.06 6.29
CA ASN C 65 -35.31 -15.73 7.66
C ASN C 65 -34.15 -15.91 8.63
N ARG C 66 -32.91 -15.89 8.13
CA ARG C 66 -31.74 -16.15 8.97
C ARG C 66 -31.29 -14.84 9.60
N ALA C 67 -31.59 -14.67 10.88
CA ALA C 67 -31.21 -13.45 11.59
C ALA C 67 -29.75 -13.54 12.03
N THR C 68 -29.03 -12.43 11.89
CA THR C 68 -27.60 -12.46 12.22
C THR C 68 -27.04 -11.05 12.20
N ILE C 69 -25.78 -10.92 12.63
CA ILE C 69 -25.07 -9.65 12.67
C ILE C 69 -24.08 -9.63 11.52
N GLU C 70 -24.18 -8.60 10.68
CA GLU C 70 -23.30 -8.41 9.54
C GLU C 70 -22.59 -7.08 9.68
N THR C 71 -21.27 -7.07 9.47
CA THR C 71 -20.48 -5.86 9.58
C THR C 71 -19.83 -5.53 8.24
N THR C 72 -19.85 -4.25 7.89
CA THR C 72 -19.25 -3.77 6.66
C THR C 72 -18.42 -2.53 6.95
N THR C 73 -17.43 -2.29 6.09
CA THR C 73 -16.54 -1.14 6.21
C THR C 73 -16.45 -0.44 4.86
N MET C 74 -16.31 0.88 4.91
CA MET C 74 -16.18 1.71 3.72
C MET C 74 -15.10 2.74 3.93
N GLU C 75 -14.30 3.00 2.90
CA GLU C 75 -13.20 3.94 2.97
C GLU C 75 -13.43 5.22 2.19
N ALA C 76 -14.49 5.30 1.39
CA ALA C 76 -14.79 6.52 0.67
C ALA C 76 -15.19 7.63 1.66
N GLU C 77 -15.00 8.88 1.24
CA GLU C 77 -15.11 9.99 2.17
C GLU C 77 -16.55 10.36 2.48
N PHE C 78 -17.35 10.63 1.45
CA PHE C 78 -18.68 11.20 1.64
C PHE C 78 -19.78 10.14 1.67
N THR C 79 -19.47 8.93 2.13
CA THR C 79 -20.40 7.82 2.08
C THR C 79 -20.97 7.46 3.45
N GLU C 80 -20.92 8.39 4.41
CA GLU C 80 -21.41 8.09 5.75
C GLU C 80 -22.91 7.77 5.73
N THR C 81 -23.70 8.65 5.10
CA THR C 81 -25.13 8.44 5.08
C THR C 81 -25.52 7.24 4.23
N LEU C 82 -24.73 6.92 3.21
CA LEU C 82 -24.97 5.71 2.43
C LEU C 82 -24.76 4.47 3.30
N MET C 83 -23.73 4.47 4.13
CA MET C 83 -23.53 3.37 5.06
C MET C 83 -24.65 3.30 6.08
N GLU C 84 -25.14 4.45 6.52
CA GLU C 84 -26.23 4.48 7.48
C GLU C 84 -27.53 3.94 6.89
N SER C 85 -27.66 3.92 5.57
CA SER C 85 -28.83 3.35 4.91
C SER C 85 -28.63 1.88 4.56
N ASN C 86 -27.51 1.29 4.94
CA ASN C 86 -27.25 -0.14 4.75
C ASN C 86 -27.08 -0.48 3.27
N TYR C 87 -26.39 0.38 2.54
CA TYR C 87 -25.99 0.06 1.18
C TYR C 87 -24.76 -0.83 1.20
N ASN C 88 -24.71 -1.80 0.30
CA ASN C 88 -23.53 -2.65 0.21
C ASN C 88 -22.46 -1.94 -0.62
N SER C 89 -21.32 -2.61 -0.81
CA SER C 89 -20.19 -1.97 -1.45
C SER C 89 -20.51 -1.53 -2.88
N ALA C 90 -21.17 -2.39 -3.65
CA ALA C 90 -21.49 -2.05 -5.03
C ALA C 90 -22.47 -0.88 -5.09
N SER C 91 -23.49 -0.88 -4.26
CA SER C 91 -24.45 0.22 -4.25
C SER C 91 -23.78 1.52 -3.83
N VAL C 92 -22.91 1.45 -2.82
CA VAL C 92 -22.19 2.65 -2.39
C VAL C 92 -21.31 3.17 -3.52
N LYS C 93 -20.65 2.27 -4.24
CA LYS C 93 -19.80 2.71 -5.34
C LYS C 93 -20.62 3.37 -6.43
N VAL C 94 -21.80 2.83 -6.75
CA VAL C 94 -22.64 3.42 -7.78
C VAL C 94 -23.16 4.78 -7.33
N SER C 95 -23.47 4.92 -6.04
CA SER C 95 -24.11 6.14 -5.54
C SER C 95 -23.12 7.22 -5.12
N ALA C 96 -21.84 6.89 -4.93
CA ALA C 96 -20.90 7.86 -4.38
C ALA C 96 -20.75 9.11 -5.22
N PRO C 97 -20.66 9.05 -6.56
CA PRO C 97 -20.49 10.29 -7.32
C PRO C 97 -21.57 11.33 -7.04
N PHE C 98 -22.83 10.91 -6.98
CA PHE C 98 -23.92 11.85 -6.77
C PHE C 98 -23.85 12.46 -5.38
N ILE C 99 -23.63 11.63 -4.37
CA ILE C 99 -23.53 12.14 -3.00
C ILE C 99 -22.38 13.13 -2.89
N THR C 100 -21.22 12.77 -3.45
CA THR C 100 -20.07 13.65 -3.38
C THR C 100 -20.35 14.98 -4.07
N ALA C 101 -20.97 14.94 -5.24
CA ALA C 101 -21.27 16.17 -5.96
C ALA C 101 -22.22 17.05 -5.16
N ASN C 102 -23.22 16.45 -4.53
CA ASN C 102 -24.27 17.21 -3.83
C ASN C 102 -24.00 17.41 -2.36
N SER C 103 -22.90 16.88 -1.82
CA SER C 103 -22.65 16.97 -0.39
C SER C 103 -22.29 18.39 0.03
N GLU C 104 -22.43 18.66 1.32
CA GLU C 104 -22.02 19.92 1.90
C GLU C 104 -20.60 19.78 2.42
N TYR C 105 -19.69 20.59 1.89
CA TYR C 105 -18.28 20.49 2.23
C TYR C 105 -17.94 21.40 3.40
N SER C 106 -17.03 20.94 4.25
CA SER C 106 -16.56 21.73 5.38
C SER C 106 -15.08 21.43 5.59
N GLU C 107 -14.32 22.48 5.89
CA GLU C 107 -12.90 22.31 6.18
C GLU C 107 -12.64 21.66 7.53
N SER C 108 -13.66 21.56 8.38
CA SER C 108 -13.52 20.96 9.71
C SER C 108 -14.11 19.56 9.77
N SER C 109 -14.09 18.83 8.66
CA SER C 109 -14.58 17.47 8.66
C SER C 109 -13.63 16.56 9.42
N SER C 110 -14.20 15.59 10.15
CA SER C 110 -13.39 14.64 10.91
C SER C 110 -12.74 13.58 10.04
N PHE C 111 -13.24 13.39 8.82
CA PHE C 111 -12.67 12.38 7.93
C PHE C 111 -11.31 12.83 7.43
N LYS C 112 -10.32 11.95 7.52
CA LYS C 112 -8.97 12.22 7.07
C LYS C 112 -8.54 11.17 6.07
N ASN C 113 -7.93 11.60 4.98
CA ASN C 113 -7.43 10.69 3.96
C ASN C 113 -6.04 11.11 3.49
N THR C 114 -5.19 11.50 4.44
CA THR C 114 -3.82 11.87 4.10
C THR C 114 -2.99 10.64 3.79
N GLU C 115 -1.81 10.87 3.22
CA GLU C 115 -0.90 9.78 2.87
C GLU C 115 -0.33 9.07 4.08
N THR C 116 -0.49 9.64 5.29
CA THR C 116 -0.03 9.01 6.51
C THR C 116 -1.16 8.60 7.43
N GLU C 117 -2.38 9.09 7.21
CA GLU C 117 -3.51 8.83 8.09
C GLU C 117 -4.70 8.40 7.23
N LYS C 118 -5.51 7.50 7.78
CA LYS C 118 -6.60 6.87 7.06
C LYS C 118 -7.85 6.91 7.92
N SER C 119 -9.00 6.91 7.27
CA SER C 119 -10.29 6.95 7.95
C SER C 119 -11.23 5.94 7.31
N MET C 120 -12.19 5.45 8.10
CA MET C 120 -13.09 4.43 7.61
C MET C 120 -14.38 4.42 8.42
N TYR C 121 -15.48 4.17 7.73
CA TYR C 121 -16.78 3.99 8.36
C TYR C 121 -17.04 2.49 8.55
N THR C 122 -17.56 2.14 9.72
CA THR C 122 -17.93 0.76 10.04
C THR C 122 -19.40 0.72 10.44
N SER C 123 -20.10 -0.30 9.95
CA SER C 123 -21.51 -0.45 10.25
C SER C 123 -21.84 -1.89 10.59
N SER C 124 -22.54 -2.10 11.68
CA SER C 124 -22.97 -3.42 12.13
C SER C 124 -24.49 -3.46 12.13
N ARG C 125 -25.06 -4.40 11.38
CA ARG C 125 -26.49 -4.56 11.25
C ARG C 125 -26.91 -5.87 11.89
N TYR C 126 -27.79 -5.79 12.87
CA TYR C 126 -28.43 -6.95 13.47
C TYR C 126 -29.73 -7.13 12.70
N LEU C 127 -29.73 -8.08 11.78
CA LEU C 127 -30.77 -8.24 10.78
C LEU C 127 -31.71 -9.36 11.14
N PHE C 128 -33.00 -9.12 10.92
CA PHE C 128 -34.08 -10.10 11.01
C PHE C 128 -34.76 -10.07 9.65
N PRO C 129 -34.23 -10.80 8.68
CA PRO C 129 -34.73 -10.70 7.30
C PRO C 129 -36.02 -11.47 7.09
N GLN C 130 -36.69 -11.13 6.01
CA GLN C 130 -37.83 -11.88 5.49
C GLN C 130 -37.62 -12.35 4.07
N GLY C 131 -36.69 -11.75 3.34
CA GLY C 131 -36.46 -12.12 1.97
C GLY C 131 -35.89 -10.95 1.20
N ARG C 132 -35.85 -11.11 -0.11
CA ARG C 132 -35.30 -10.13 -1.02
C ARG C 132 -36.23 -9.94 -2.21
N ILE C 133 -36.32 -8.71 -2.70
CA ILE C 133 -37.15 -8.34 -3.83
C ILE C 133 -36.26 -7.80 -4.93
N ASP C 134 -36.52 -8.21 -6.17
CA ASP C 134 -35.69 -7.87 -7.32
C ASP C 134 -36.51 -7.16 -8.39
N PHE C 135 -35.86 -6.23 -9.08
CA PHE C 135 -36.44 -5.55 -10.23
C PHE C 135 -35.55 -5.78 -11.45
N THR C 136 -36.18 -5.86 -12.63
CA THR C 136 -35.49 -6.17 -13.86
C THR C 136 -35.17 -4.87 -14.59
N THR C 137 -33.89 -4.63 -14.85
CA THR C 137 -33.46 -3.43 -15.55
C THR C 137 -33.43 -3.66 -17.05
N PRO C 138 -33.52 -2.60 -17.86
CA PRO C 138 -33.46 -2.77 -19.31
C PRO C 138 -32.18 -3.43 -19.80
N ASP C 139 -31.06 -3.23 -19.08
CA ASP C 139 -29.80 -3.81 -19.53
C ASP C 139 -29.89 -5.32 -19.65
N SER C 140 -30.53 -5.97 -18.68
CA SER C 140 -30.81 -7.39 -18.80
C SER C 140 -31.96 -7.61 -19.78
N GLY C 141 -31.83 -8.63 -20.61
CA GLY C 141 -32.75 -8.84 -21.70
C GLY C 141 -34.07 -9.48 -21.33
N PHE C 142 -34.35 -9.68 -20.04
CA PHE C 142 -35.55 -10.39 -19.65
C PHE C 142 -36.80 -9.55 -19.90
N ASP C 143 -37.92 -10.23 -20.07
CA ASP C 143 -39.15 -9.62 -20.56
C ASP C 143 -39.95 -8.89 -19.48
N ASP C 144 -39.66 -9.11 -18.20
CA ASP C 144 -40.36 -8.45 -17.11
C ASP C 144 -39.68 -7.14 -16.71
N VAL C 145 -39.03 -6.47 -17.65
CA VAL C 145 -38.33 -5.23 -17.35
C VAL C 145 -39.29 -4.21 -16.74
N ILE C 146 -38.74 -3.34 -15.90
CA ILE C 146 -39.51 -2.23 -15.37
C ILE C 146 -39.80 -1.24 -16.50
N LYS C 147 -40.91 -0.52 -16.36
CA LYS C 147 -41.32 0.50 -17.33
C LYS C 147 -41.27 1.86 -16.64
N LEU C 148 -40.53 2.79 -17.22
CA LEU C 148 -40.48 4.14 -16.68
C LEU C 148 -41.85 4.79 -16.77
N SER C 149 -42.21 5.53 -15.74
CA SER C 149 -43.51 6.19 -15.75
C SER C 149 -43.54 7.22 -16.89
N PRO C 150 -44.67 7.36 -17.57
CA PRO C 150 -44.72 8.32 -18.69
C PRO C 150 -44.40 9.74 -18.29
N GLN C 151 -44.68 10.12 -17.03
CA GLN C 151 -44.35 11.46 -16.58
C GLN C 151 -42.85 11.71 -16.62
N PHE C 152 -42.06 10.75 -16.15
CA PHE C 152 -40.61 10.90 -16.17
C PHE C 152 -40.08 10.96 -17.60
N THR C 153 -40.61 10.12 -18.48
CA THR C 153 -40.18 10.15 -19.88
C THR C 153 -40.52 11.49 -20.53
N SER C 154 -41.71 12.02 -20.23
CA SER C 154 -42.08 13.33 -20.76
C SER C 154 -41.16 14.41 -20.22
N GLY C 155 -40.79 14.31 -18.94
CA GLY C 155 -39.86 15.27 -18.38
C GLY C 155 -38.51 15.22 -19.07
N VAL C 156 -38.01 14.01 -19.35
CA VAL C 156 -36.73 13.89 -20.03
C VAL C 156 -36.82 14.47 -21.44
N GLN C 157 -37.91 14.18 -22.15
CA GLN C 157 -38.07 14.73 -23.50
C GLN C 157 -38.13 16.25 -23.47
N ALA C 158 -38.87 16.81 -22.51
CA ALA C 158 -38.97 18.26 -22.40
C ALA C 158 -37.61 18.87 -22.09
N ALA C 159 -36.85 18.23 -21.21
CA ALA C 159 -35.51 18.74 -20.89
C ALA C 159 -34.62 18.72 -22.13
N LEU C 160 -34.68 17.63 -22.91
CA LEU C 160 -33.84 17.53 -24.09
C LEU C 160 -34.34 18.36 -25.26
N ALA C 161 -35.56 18.90 -25.17
CA ALA C 161 -36.11 19.71 -26.25
C ALA C 161 -35.81 21.19 -26.11
N LYS C 162 -35.07 21.59 -25.08
CA LYS C 162 -34.78 23.00 -24.87
C LYS C 162 -33.77 23.49 -25.91
N ALA C 163 -33.82 24.80 -26.18
CA ALA C 163 -33.05 25.36 -27.28
C ALA C 163 -31.56 25.27 -27.02
N THR C 164 -31.10 25.73 -25.86
CA THR C 164 -29.68 25.85 -25.57
C THR C 164 -29.20 24.72 -24.66
N GLY C 165 -27.91 24.41 -24.77
CA GLY C 165 -27.36 23.35 -23.92
C GLY C 165 -27.48 23.67 -22.45
N THR C 166 -27.29 24.94 -22.08
CA THR C 166 -27.43 25.32 -20.68
C THR C 166 -28.85 25.09 -20.18
N GLU C 167 -29.85 25.43 -21.00
CA GLU C 167 -31.24 25.17 -20.62
C GLU C 167 -31.49 23.68 -20.44
N LYS C 168 -30.96 22.86 -21.37
CA LYS C 168 -31.13 21.42 -21.24
C LYS C 168 -30.51 20.91 -19.96
N ARG C 169 -29.31 21.39 -19.62
CA ARG C 169 -28.63 20.90 -18.43
C ARG C 169 -29.35 21.34 -17.17
N GLU C 170 -29.87 22.56 -17.14
CA GLU C 170 -30.65 22.99 -15.99
C GLU C 170 -31.92 22.16 -15.84
N ALA C 171 -32.59 21.88 -16.96
CA ALA C 171 -33.80 21.06 -16.91
C ALA C 171 -33.49 19.67 -16.39
N LEU C 172 -32.39 19.07 -16.87
CA LEU C 172 -32.01 17.75 -16.40
C LEU C 172 -31.65 17.76 -14.93
N GLN C 173 -30.97 18.81 -14.47
CA GLN C 173 -30.62 18.90 -13.06
C GLN C 173 -31.87 18.99 -12.20
N ASN C 174 -32.85 19.80 -12.60
CA ASN C 174 -34.12 19.84 -11.88
C ASN C 174 -34.81 18.49 -11.91
N LEU C 175 -34.80 17.83 -13.08
CA LEU C 175 -35.50 16.56 -13.21
C LEU C 175 -34.92 15.50 -12.28
N PHE C 176 -33.60 15.44 -12.20
CA PHE C 176 -32.97 14.44 -11.34
C PHE C 176 -32.98 14.84 -9.87
N GLN C 177 -33.16 16.12 -9.56
CA GLN C 177 -33.42 16.50 -8.18
C GLN C 177 -34.85 16.14 -7.77
N GLU C 178 -35.77 16.03 -8.71
CA GLU C 178 -37.12 15.60 -8.35
C GLU C 178 -37.31 14.10 -8.34
N TYR C 179 -36.81 13.42 -9.35
CA TYR C 179 -37.04 11.97 -9.47
C TYR C 179 -35.96 11.10 -8.87
N GLY C 180 -34.79 11.65 -8.60
CA GLY C 180 -33.74 10.89 -7.98
C GLY C 180 -32.60 10.57 -8.90
N HIS C 181 -31.51 10.05 -8.35
CA HIS C 181 -30.35 9.78 -9.15
C HIS C 181 -30.15 8.30 -9.34
N VAL C 182 -30.66 7.50 -8.42
CA VAL C 182 -30.53 6.07 -8.51
C VAL C 182 -31.83 5.36 -8.18
N PHE C 183 -31.98 4.13 -8.64
CA PHE C 183 -33.16 3.34 -8.35
C PHE C 183 -32.70 2.01 -7.76
N ARG C 184 -33.29 1.63 -6.63
CA ARG C 184 -32.90 0.41 -5.95
C ARG C 184 -33.48 -0.80 -6.68
N THR C 185 -32.60 -1.67 -7.16
CA THR C 185 -33.00 -2.82 -7.95
C THR C 185 -33.09 -4.11 -7.15
N LYS C 186 -32.30 -4.25 -6.08
CA LYS C 186 -32.39 -5.37 -5.17
C LYS C 186 -32.48 -4.82 -3.76
N VAL C 187 -33.54 -5.17 -3.03
CA VAL C 187 -33.74 -4.70 -1.67
C VAL C 187 -34.06 -5.88 -0.78
N HIS C 188 -33.72 -5.76 0.49
CA HIS C 188 -34.01 -6.78 1.49
C HIS C 188 -35.07 -6.25 2.45
N ILE C 189 -35.98 -7.13 2.85
CA ILE C 189 -37.14 -6.76 3.64
C ILE C 189 -37.00 -7.39 5.04
N GLY C 190 -37.65 -6.77 6.01
CA GLY C 190 -37.63 -7.29 7.37
C GLY C 190 -37.43 -6.23 8.43
N GLY C 191 -36.58 -6.51 9.41
CA GLY C 191 -36.25 -5.53 10.43
C GLY C 191 -34.76 -5.52 10.67
N VAL C 192 -34.28 -4.41 11.24
CA VAL C 192 -32.84 -4.27 11.43
C VAL C 192 -32.56 -3.26 12.55
N LEU C 193 -31.61 -3.62 13.41
CA LEU C 193 -31.02 -2.69 14.37
C LEU C 193 -29.59 -2.40 13.91
N SER C 194 -29.29 -1.13 13.66
CA SER C 194 -28.02 -0.77 13.04
C SER C 194 -27.21 0.11 13.96
N ALA C 195 -25.89 -0.12 13.99
CA ALA C 195 -24.95 0.72 14.72
C ALA C 195 -23.84 1.15 13.77
N HIS C 196 -23.46 2.42 13.83
CA HIS C 196 -22.52 2.99 12.88
C HIS C 196 -21.47 3.82 13.59
N THR C 197 -20.26 3.81 13.05
CA THR C 197 -19.16 4.55 13.66
C THR C 197 -18.12 4.89 12.59
N MET C 198 -17.24 5.82 12.94
CA MET C 198 -16.13 6.21 12.09
C MET C 198 -14.84 6.16 12.91
N GLU C 199 -13.78 5.65 12.29
CA GLU C 199 -12.50 5.50 12.96
C GLU C 199 -11.38 6.04 12.08
N THR C 200 -10.46 6.78 12.69
CA THR C 200 -9.28 7.30 12.03
C THR C 200 -8.04 6.73 12.69
N PHE C 201 -7.10 6.26 11.88
CA PHE C 201 -5.89 5.64 12.39
C PHE C 201 -4.75 5.85 11.41
N SER C 202 -3.52 5.78 11.92
CA SER C 202 -2.36 5.95 11.08
C SER C 202 -2.17 4.72 10.18
N ARG C 203 -1.69 4.98 8.96
CA ARG C 203 -1.48 3.91 8.00
C ARG C 203 -0.37 2.96 8.42
N SER C 204 0.45 3.32 9.40
CA SER C 204 1.51 2.43 9.86
C SER C 204 0.97 1.26 10.66
N GLU C 205 -0.24 1.38 11.24
CA GLU C 205 -0.82 0.30 12.00
C GLU C 205 -1.27 -0.82 11.07
N ASN C 206 -1.39 -2.02 11.64
CA ASN C 206 -1.89 -3.17 10.88
C ASN C 206 -3.38 -3.01 10.67
N GLU C 207 -3.78 -2.82 9.40
CA GLU C 207 -5.17 -2.51 9.12
C GLU C 207 -6.10 -3.63 9.57
N THR C 208 -5.69 -4.88 9.37
CA THR C 208 -6.55 -6.00 9.71
C THR C 208 -6.89 -6.00 11.19
N GLU C 209 -5.90 -5.77 12.05
CA GLU C 209 -6.16 -5.78 13.49
C GLU C 209 -7.08 -4.64 13.89
N VAL C 210 -6.89 -3.44 13.33
CA VAL C 210 -7.75 -2.32 13.65
C VAL C 210 -9.18 -2.62 13.24
N LYS C 211 -9.35 -3.15 12.03
CA LYS C 211 -10.69 -3.48 11.55
C LYS C 211 -11.34 -4.52 12.44
N GLN C 212 -10.58 -5.55 12.84
CA GLN C 212 -11.15 -6.58 13.69
C GLN C 212 -11.55 -6.02 15.05
N ASP C 213 -10.72 -5.15 15.61
CA ASP C 213 -11.04 -4.57 16.92
C ASP C 213 -12.30 -3.72 16.85
N VAL C 214 -12.40 -2.87 15.82
CA VAL C 214 -13.58 -2.03 15.68
C VAL C 214 -14.81 -2.90 15.44
N LYS C 215 -14.67 -3.94 14.63
CA LYS C 215 -15.80 -4.83 14.36
C LYS C 215 -16.27 -5.50 15.65
N ALA C 216 -15.33 -5.99 16.45
CA ALA C 216 -15.71 -6.63 17.71
C ALA C 216 -16.45 -5.66 18.61
N GLY C 217 -15.92 -4.44 18.74
CA GLY C 217 -16.59 -3.46 19.58
C GLY C 217 -18.00 -3.14 19.11
N LEU C 218 -18.15 -2.90 17.81
CA LEU C 218 -19.45 -2.50 17.29
C LEU C 218 -20.45 -3.64 17.34
N GLU C 219 -20.01 -4.86 17.03
CA GLU C 219 -20.90 -6.02 17.11
C GLU C 219 -21.31 -6.28 18.55
N GLY C 220 -20.41 -6.09 19.50
CA GLY C 220 -20.81 -6.19 20.91
C GLY C 220 -21.83 -5.13 21.27
N ALA C 221 -21.64 -3.91 20.77
CA ALA C 221 -22.58 -2.84 21.08
C ALA C 221 -23.98 -3.16 20.55
N VAL C 222 -24.06 -3.60 19.29
CA VAL C 222 -25.36 -3.87 18.69
C VAL C 222 -25.99 -5.11 19.32
N LYS C 223 -25.18 -6.13 19.62
CA LYS C 223 -25.71 -7.38 20.16
C LYS C 223 -26.38 -7.16 21.51
N GLY C 224 -25.74 -6.42 22.39
CA GLY C 224 -26.29 -6.15 23.70
C GLY C 224 -27.38 -5.11 23.72
N TRP C 225 -27.66 -4.51 22.57
CA TRP C 225 -28.69 -3.48 22.46
C TRP C 225 -30.08 -4.10 22.52
N GLN C 237 -26.03 3.35 24.71
CA GLN C 237 -24.61 3.56 24.97
C GLN C 237 -23.94 4.26 23.80
N GLY C 238 -23.97 5.59 23.82
CA GLY C 238 -23.49 6.37 22.69
C GLY C 238 -21.99 6.36 22.51
N THR C 239 -21.24 5.74 23.43
CA THR C 239 -19.79 5.70 23.35
C THR C 239 -19.31 4.33 23.76
N ILE C 240 -18.37 3.78 22.98
CA ILE C 240 -17.88 2.42 23.17
C ILE C 240 -16.36 2.45 23.28
N THR C 241 -15.83 1.46 23.99
CA THR C 241 -14.38 1.27 24.10
C THR C 241 -14.05 -0.15 23.65
N THR C 242 -13.09 -0.27 22.75
CA THR C 242 -12.73 -1.56 22.19
C THR C 242 -11.61 -2.20 23.02
N SER C 243 -11.13 -3.36 22.57
CA SER C 243 -10.04 -4.02 23.26
C SER C 243 -8.78 -3.19 23.24
N GLN C 244 -8.50 -2.52 22.13
CA GLN C 244 -7.35 -1.63 22.00
C GLN C 244 -7.60 -0.25 22.58
N ASN C 245 -8.62 -0.11 23.44
CA ASN C 245 -8.94 1.16 24.08
C ASN C 245 -9.19 2.25 23.04
N ARG C 246 -9.90 1.89 21.98
CA ARG C 246 -10.33 2.86 20.98
C ARG C 246 -11.66 3.45 21.39
N LYS C 247 -11.73 4.78 21.42
CA LYS C 247 -12.93 5.49 21.86
C LYS C 247 -13.80 5.77 20.64
N LEU C 248 -14.93 5.07 20.53
CA LEU C 248 -15.78 5.13 19.35
C LEU C 248 -17.12 5.78 19.69
N ASN C 249 -17.56 6.68 18.82
CA ASN C 249 -18.89 7.25 18.90
C ASN C 249 -19.82 6.47 17.99
N VAL C 250 -20.93 5.99 18.54
CA VAL C 250 -21.82 5.07 17.85
C VAL C 250 -23.17 5.72 17.64
N LYS C 251 -23.67 5.65 16.41
CA LYS C 251 -25.01 6.10 16.07
C LYS C 251 -25.89 4.87 15.90
N TYR C 252 -27.06 4.88 16.53
CA TYR C 252 -27.97 3.75 16.53
C TYR C 252 -29.21 4.09 15.72
N ILE C 253 -29.68 3.12 14.93
CA ILE C 253 -30.86 3.28 14.11
C ILE C 253 -31.75 2.06 14.32
N VAL C 254 -33.03 2.30 14.58
CA VAL C 254 -34.00 1.24 14.88
C VAL C 254 -34.95 1.15 13.70
N ASN C 255 -35.05 -0.03 13.11
CA ASN C 255 -36.00 -0.32 12.03
C ASN C 255 -36.62 -1.69 12.30
N VAL C 256 -37.11 -1.90 13.51
CA VAL C 256 -37.79 -3.13 13.89
C VAL C 256 -39.14 -2.77 14.49
N VAL C 257 -40.18 -3.48 14.07
CA VAL C 257 -41.55 -3.28 14.56
C VAL C 257 -41.86 -1.80 14.75
N GLN C 274 -45.14 -9.58 12.13
CA GLN C 274 -46.28 -9.03 11.41
C GLN C 274 -45.83 -8.34 10.14
N SER C 275 -46.45 -8.70 9.02
CA SER C 275 -46.02 -8.18 7.73
C SER C 275 -46.34 -6.71 7.53
N GLU C 276 -47.19 -6.13 8.37
CA GLU C 276 -47.54 -4.73 8.21
C GLU C 276 -46.35 -3.81 8.48
N HIS C 277 -45.34 -4.30 9.20
CA HIS C 277 -44.24 -3.45 9.65
C HIS C 277 -42.92 -3.79 8.97
N TRP C 278 -42.92 -4.71 8.02
CA TRP C 278 -41.69 -5.02 7.30
C TRP C 278 -41.22 -3.81 6.51
N ARG C 279 -39.92 -3.56 6.55
CA ARG C 279 -39.34 -2.40 5.89
C ARG C 279 -38.08 -2.83 5.14
N VAL C 280 -37.57 -1.93 4.31
CA VAL C 280 -36.32 -2.19 3.60
C VAL C 280 -35.17 -2.09 4.59
N ILE C 281 -34.39 -3.16 4.69
CA ILE C 281 -33.31 -3.23 5.67
C ILE C 281 -31.94 -3.27 5.04
N GLU C 282 -31.85 -3.31 3.71
CA GLU C 282 -30.57 -3.38 3.05
C GLU C 282 -30.79 -3.22 1.55
N VAL C 283 -29.84 -2.57 0.89
CA VAL C 283 -29.86 -2.39 -0.55
C VAL C 283 -28.60 -3.04 -1.11
N THR C 284 -28.78 -4.08 -1.92
CA THR C 284 -27.65 -4.81 -2.49
C THR C 284 -27.43 -4.49 -3.96
N GLU C 285 -28.24 -3.62 -4.55
CA GLU C 285 -27.99 -3.19 -5.92
C GLU C 285 -28.80 -1.94 -6.25
N VAL C 286 -28.15 -0.97 -6.90
CA VAL C 286 -28.83 0.22 -7.39
C VAL C 286 -28.33 0.49 -8.80
N THR C 287 -29.22 1.02 -9.63
CA THR C 287 -28.88 1.39 -11.00
C THR C 287 -29.15 2.87 -11.18
N ALA C 288 -28.20 3.58 -11.78
CA ALA C 288 -28.39 5.00 -12.04
C ALA C 288 -29.64 5.21 -12.87
N VAL C 289 -30.42 6.23 -12.48
CA VAL C 289 -31.68 6.47 -13.17
C VAL C 289 -31.46 6.74 -14.65
N ALA C 290 -30.34 7.37 -14.99
CA ALA C 290 -30.04 7.61 -16.41
C ALA C 290 -29.86 6.30 -17.16
N ASP C 291 -29.34 5.27 -16.50
CA ASP C 291 -29.12 3.97 -17.14
C ASP C 291 -30.43 3.26 -17.49
N LEU C 292 -31.56 3.71 -16.96
CA LEU C 292 -32.83 3.10 -17.29
C LEU C 292 -33.43 3.64 -18.60
N LEU C 293 -32.87 4.70 -19.15
CA LEU C 293 -33.40 5.30 -20.36
C LEU C 293 -33.00 4.49 -21.59
N PRO C 294 -33.75 4.62 -22.69
CA PRO C 294 -33.32 3.99 -23.95
C PRO C 294 -31.98 4.56 -24.42
N GLN C 295 -31.22 3.73 -25.12
CA GLN C 295 -29.83 4.07 -25.41
C GLN C 295 -29.67 5.39 -26.15
N PRO C 296 -30.40 5.69 -27.22
CA PRO C 296 -30.17 6.97 -27.89
C PRO C 296 -30.37 8.16 -26.97
N ILE C 297 -31.34 8.08 -26.07
CA ILE C 297 -31.55 9.14 -25.09
C ILE C 297 -30.56 9.01 -23.94
N ARG C 298 -30.19 7.78 -23.56
CA ARG C 298 -29.28 7.59 -22.45
C ARG C 298 -27.94 8.24 -22.74
N GLY C 299 -27.40 8.05 -23.95
CA GLY C 299 -26.13 8.65 -24.28
C GLY C 299 -26.18 10.16 -24.24
N GLN C 300 -27.23 10.75 -24.80
CA GLN C 300 -27.36 12.20 -24.80
C GLN C 300 -27.44 12.73 -23.37
N VAL C 301 -28.24 12.09 -22.53
CA VAL C 301 -28.39 12.56 -21.16
C VAL C 301 -27.06 12.45 -20.41
N LYS C 302 -26.36 11.33 -20.56
CA LYS C 302 -25.09 11.15 -19.88
C LYS C 302 -24.08 12.19 -20.33
N ASP C 303 -24.05 12.49 -21.64
CA ASP C 303 -23.14 13.51 -22.12
C ASP C 303 -23.49 14.88 -21.56
N LEU C 304 -24.79 15.21 -21.48
CA LEU C 304 -25.20 16.51 -20.98
C LEU C 304 -24.97 16.66 -19.49
N LEU C 305 -24.77 15.57 -18.76
CA LEU C 305 -24.56 15.63 -17.32
C LEU C 305 -23.10 15.82 -16.95
N LYS C 306 -22.20 15.88 -17.91
CA LYS C 306 -20.79 16.04 -17.60
C LYS C 306 -20.53 17.45 -17.08
N PRO C 307 -19.88 17.61 -15.91
CA PRO C 307 -19.73 18.95 -15.35
C PRO C 307 -18.90 19.91 -16.19
N LEU C 308 -18.00 19.42 -17.04
CA LEU C 308 -17.04 20.28 -17.71
C LEU C 308 -16.98 19.97 -19.21
N LEU C 309 -16.73 21.01 -19.99
CA LEU C 309 -16.36 20.89 -21.39
C LEU C 309 -14.85 21.01 -21.51
N GLY C 310 -14.24 20.09 -22.25
CA GLY C 310 -12.79 20.08 -22.39
C GLY C 310 -12.29 20.56 -23.73
N LYS C 311 -11.05 21.03 -23.77
CA LYS C 311 -10.45 21.51 -25.02
C LYS C 311 -8.93 21.41 -24.90
N TRP C 312 -8.29 20.86 -25.92
CA TRP C 312 -6.84 20.80 -25.95
C TRP C 312 -6.28 22.03 -26.65
N VAL C 313 -5.21 22.59 -26.10
CA VAL C 313 -4.57 23.79 -26.65
C VAL C 313 -3.06 23.61 -26.61
N ASP C 314 -2.37 24.51 -27.29
CA ASP C 314 -0.91 24.49 -27.35
C ASP C 314 -0.30 25.04 -26.06
N VAL C 315 0.93 24.63 -25.79
CA VAL C 315 1.63 24.98 -24.56
C VAL C 315 2.81 25.87 -24.89
N GLU C 316 3.42 26.40 -23.84
CA GLU C 316 4.58 27.27 -23.94
C GLU C 316 5.44 27.08 -22.71
N LYS C 317 6.75 27.00 -22.91
CA LYS C 317 7.68 26.81 -21.80
C LYS C 317 7.71 28.04 -20.92
N VAL C 318 7.75 27.82 -19.61
CA VAL C 318 7.78 28.92 -18.64
C VAL C 318 9.19 29.50 -18.60
N PRO C 319 9.38 30.80 -18.76
CA PRO C 319 10.73 31.36 -18.75
C PRO C 319 11.39 31.19 -17.39
N GLY C 320 12.71 31.11 -17.41
CA GLY C 320 13.44 30.87 -16.18
C GLY C 320 13.32 29.41 -15.76
N LEU C 321 13.48 29.18 -14.45
CA LEU C 321 13.34 27.85 -13.88
C LEU C 321 14.31 26.86 -14.53
N GLU C 322 15.51 27.33 -14.91
CA GLU C 322 16.50 26.43 -15.48
C GLU C 322 17.08 25.48 -14.46
N SER C 323 16.93 25.78 -13.17
CA SER C 323 17.46 24.90 -12.13
C SER C 323 16.67 23.62 -12.00
N LEU C 324 15.40 23.62 -12.41
CA LEU C 324 14.57 22.43 -12.26
C LEU C 324 14.99 21.36 -13.26
N PRO C 325 14.83 20.07 -12.91
CA PRO C 325 15.26 19.01 -13.82
C PRO C 325 14.34 18.82 -15.02
N VAL C 326 13.17 19.47 -15.05
CA VAL C 326 12.23 19.32 -16.14
C VAL C 326 11.76 20.69 -16.58
N SER C 327 11.20 20.74 -17.79
CA SER C 327 10.62 21.96 -18.33
C SER C 327 9.18 22.12 -17.86
N VAL C 328 8.78 23.36 -17.59
CA VAL C 328 7.45 23.69 -17.11
C VAL C 328 6.69 24.37 -18.23
N TYR C 329 5.45 23.95 -18.45
CA TYR C 329 4.65 24.44 -19.56
C TYR C 329 3.32 24.98 -19.07
N ARG C 330 2.87 26.06 -19.69
CA ARG C 330 1.59 26.68 -19.42
C ARG C 330 0.84 26.83 -20.74
N PRO C 331 -0.48 26.92 -20.71
CA PRO C 331 -1.21 27.16 -21.96
C PRO C 331 -0.69 28.40 -22.67
N LYS C 332 -0.49 28.27 -23.98
CA LYS C 332 0.08 29.36 -24.76
C LYS C 332 -1.00 30.36 -25.15
N GLY C 333 -0.64 31.64 -25.13
CA GLY C 333 -1.55 32.69 -25.54
C GLY C 333 -2.61 32.96 -24.50
N ALA C 334 -3.52 33.86 -24.84
CA ALA C 334 -4.60 34.21 -23.95
C ALA C 334 -5.61 33.07 -23.85
N ILE C 335 -6.10 32.82 -22.65
CA ILE C 335 -7.14 31.80 -22.47
C ILE C 335 -8.46 32.35 -23.01
N PRO C 336 -9.18 31.59 -23.83
CA PRO C 336 -10.48 32.10 -24.32
C PRO C 336 -11.40 32.42 -23.16
N ALA C 337 -12.17 33.49 -23.32
CA ALA C 337 -13.07 33.93 -22.25
C ALA C 337 -14.00 32.80 -21.85
N GLY C 338 -14.17 32.62 -20.55
CA GLY C 338 -15.03 31.58 -20.02
C GLY C 338 -14.36 30.24 -19.83
N TRP C 339 -13.10 30.10 -20.23
CA TRP C 339 -12.37 28.86 -20.10
C TRP C 339 -11.27 29.00 -19.04
N PHE C 340 -10.89 27.88 -18.46
CA PHE C 340 -9.93 27.87 -17.37
C PHE C 340 -8.96 26.72 -17.56
N TRP C 341 -7.75 26.88 -17.03
CA TRP C 341 -6.74 25.84 -17.03
C TRP C 341 -6.51 25.34 -15.61
N LEU C 342 -5.81 24.22 -15.50
CA LEU C 342 -5.75 23.48 -14.24
C LEU C 342 -4.36 23.43 -13.61
N GLY C 343 -3.31 23.92 -14.27
CA GLY C 343 -2.02 24.01 -13.63
C GLY C 343 -0.83 23.71 -14.52
N ASP C 344 0.37 23.95 -13.98
CA ASP C 344 1.59 23.70 -14.73
C ASP C 344 1.82 22.21 -14.93
N THR C 345 2.32 21.86 -16.11
CA THR C 345 2.51 20.46 -16.48
C THR C 345 3.89 20.28 -17.13
N ALA C 346 4.36 19.04 -17.11
CA ALA C 346 5.58 18.66 -17.80
C ALA C 346 5.33 18.23 -19.24
N ASP C 347 4.08 18.22 -19.68
CA ASP C 347 3.75 17.83 -21.05
C ASP C 347 4.06 18.98 -21.99
N ALA C 348 4.94 18.73 -22.95
CA ALA C 348 5.36 19.77 -23.90
C ALA C 348 4.45 19.86 -25.12
N SER C 349 3.45 18.99 -25.23
CA SER C 349 2.63 18.94 -26.43
C SER C 349 1.36 19.80 -26.30
N LYS C 350 0.53 19.51 -25.29
CA LYS C 350 -0.79 20.12 -25.22
C LYS C 350 -1.17 20.33 -23.76
N ALA C 351 -2.14 21.21 -23.54
CA ALA C 351 -2.71 21.47 -22.23
C ALA C 351 -4.21 21.41 -22.31
N LEU C 352 -4.84 21.07 -21.19
CA LEU C 352 -6.29 20.91 -21.10
C LEU C 352 -6.92 22.16 -20.52
N LEU C 353 -7.93 22.68 -21.21
CA LEU C 353 -8.75 23.78 -20.74
C LEU C 353 -10.15 23.25 -20.47
N VAL C 354 -10.77 23.71 -19.39
CA VAL C 354 -12.09 23.24 -18.99
C VAL C 354 -13.02 24.43 -18.83
N LYS C 355 -14.30 24.18 -19.06
CA LYS C 355 -15.34 25.20 -18.93
C LYS C 355 -16.53 24.60 -18.20
N PRO C 356 -17.03 25.23 -17.14
CA PRO C 356 -18.22 24.69 -16.46
C PRO C 356 -19.42 24.64 -17.39
N THR C 357 -20.22 23.59 -17.25
CA THR C 357 -21.42 23.45 -18.07
C THR C 357 -22.65 24.02 -17.40
N LEU C 358 -22.68 24.06 -16.07
CA LEU C 358 -23.80 24.62 -15.33
C LEU C 358 -23.44 25.97 -14.74
N PRO C 359 -24.34 26.96 -14.78
CA PRO C 359 -24.05 28.24 -14.13
C PRO C 359 -23.99 28.10 -12.62
N ALA C 360 -23.43 29.12 -11.98
CA ALA C 360 -23.37 29.15 -10.53
C ALA C 360 -24.74 29.47 -9.96
N ARG C 361 -25.16 28.71 -8.96
CA ARG C 361 -26.44 28.91 -8.30
C ARG C 361 -26.30 28.57 -6.83
N SER C 362 -26.99 29.33 -5.99
CA SER C 362 -26.92 29.10 -4.55
C SER C 362 -27.45 27.70 -4.22
N GLY C 363 -26.79 27.04 -3.28
CA GLY C 363 -27.16 25.70 -2.90
C GLY C 363 -26.60 24.61 -3.79
N ARG C 364 -25.83 24.97 -4.83
CA ARG C 364 -25.25 24.01 -5.76
C ARG C 364 -23.73 24.15 -5.71
N ASN C 365 -23.04 23.02 -5.63
CA ASN C 365 -21.58 23.04 -5.57
C ASN C 365 -21.01 23.31 -6.95
N PRO C 366 -20.24 24.38 -7.14
CA PRO C 366 -19.64 24.62 -8.45
C PRO C 366 -18.63 23.54 -8.82
N ALA C 367 -18.48 23.32 -10.11
CA ALA C 367 -17.48 22.34 -10.57
C ALA C 367 -16.08 22.84 -10.31
N LEU C 368 -15.84 24.14 -10.44
CA LEU C 368 -14.53 24.74 -10.28
C LEU C 368 -14.55 25.77 -9.16
N THR C 369 -13.37 26.00 -8.58
CA THR C 369 -13.20 26.97 -7.52
C THR C 369 -12.07 27.94 -7.87
N SER C 370 -12.23 29.18 -7.45
CA SER C 370 -11.16 30.15 -7.57
C SER C 370 -10.08 29.89 -6.51
N LEU C 371 -8.94 30.53 -6.70
CA LEU C 371 -7.81 30.39 -5.79
C LEU C 371 -7.36 31.77 -5.33
N HIS C 372 -6.86 31.83 -4.10
CA HIS C 372 -6.42 33.07 -3.50
C HIS C 372 -4.99 32.92 -2.99
N GLN C 373 -4.25 34.04 -3.00
CA GLN C 373 -2.87 34.03 -2.55
C GLN C 373 -2.80 33.71 -1.05
N GLY C 374 -1.75 33.00 -0.66
CA GLY C 374 -1.57 32.59 0.71
C GLY C 374 -1.32 33.76 1.64
N SER C 375 -1.24 33.45 2.92
CA SER C 375 -1.16 34.47 3.96
C SER C 375 0.26 34.98 4.18
N GLY C 376 1.23 34.09 4.38
CA GLY C 376 2.58 34.53 4.67
C GLY C 376 3.68 33.57 4.28
N MET C 377 4.79 34.12 3.78
CA MET C 377 5.97 33.33 3.41
C MET C 377 5.60 32.22 2.45
N THR C 378 4.72 32.53 1.50
CA THR C 378 4.35 31.59 0.46
C THR C 378 3.76 32.37 -0.70
N GLU C 379 3.94 31.84 -1.91
CA GLU C 379 3.36 32.40 -3.12
C GLU C 379 2.43 31.42 -3.80
N GLN C 380 1.92 30.45 -3.09
CA GLN C 380 1.13 29.40 -3.67
C GLN C 380 -0.36 29.69 -3.50
N PRO C 381 -1.19 29.24 -4.44
CA PRO C 381 -2.63 29.44 -4.29
C PRO C 381 -3.24 28.55 -3.22
N PHE C 382 -4.38 28.99 -2.71
CA PHE C 382 -5.21 28.24 -1.79
C PHE C 382 -6.63 28.19 -2.35
N VAL C 383 -7.27 27.03 -2.25
CA VAL C 383 -8.63 26.89 -2.76
C VAL C 383 -9.58 27.73 -1.93
N ASP C 384 -10.47 28.46 -2.62
CA ASP C 384 -11.44 29.29 -1.90
C ASP C 384 -12.50 28.42 -1.22
N LEU C 385 -12.98 27.39 -1.91
CA LEU C 385 -14.05 26.55 -1.37
C LEU C 385 -13.45 25.34 -0.67
N PRO C 386 -13.87 25.02 0.55
CA PRO C 386 -13.24 23.92 1.28
C PRO C 386 -13.39 22.59 0.56
N GLN C 387 -12.37 21.75 0.69
CA GLN C 387 -12.32 20.39 0.18
C GLN C 387 -12.09 20.31 -1.32
N TYR C 388 -12.04 21.45 -2.02
CA TYR C 388 -11.65 21.42 -3.42
C TYR C 388 -10.14 21.20 -3.53
N GLN C 389 -9.69 20.88 -4.74
CA GLN C 389 -8.28 20.58 -4.97
C GLN C 389 -7.85 21.06 -6.33
N TYR C 390 -6.62 21.58 -6.41
CA TYR C 390 -5.95 21.83 -7.67
C TYR C 390 -4.86 20.79 -7.86
N LEU C 391 -4.33 20.73 -9.08
CA LEU C 391 -3.49 19.60 -9.48
C LEU C 391 -2.00 19.89 -9.45
N SER C 392 -1.59 21.15 -9.55
CA SER C 392 -0.18 21.50 -9.69
C SER C 392 0.19 22.59 -8.70
N THR C 393 1.44 22.55 -8.25
CA THR C 393 2.00 23.70 -7.55
C THR C 393 2.32 24.79 -8.57
N TYR C 394 2.17 26.04 -8.13
CA TYR C 394 2.37 27.18 -9.01
C TYR C 394 3.85 27.52 -9.07
N PHE C 395 4.42 27.55 -10.28
CA PHE C 395 5.83 27.84 -10.48
C PHE C 395 5.96 29.32 -10.83
N GLY C 396 5.99 30.14 -9.79
CA GLY C 396 6.05 31.58 -9.94
C GLY C 396 5.35 32.24 -8.78
N SER C 397 4.88 33.46 -9.03
CA SER C 397 4.14 34.24 -8.04
C SER C 397 2.68 34.25 -8.47
N PHE C 398 1.83 33.54 -7.73
CA PHE C 398 0.43 33.45 -8.07
C PHE C 398 -0.31 34.71 -7.67
N ALA C 399 -1.02 35.31 -8.62
CA ALA C 399 -1.88 36.45 -8.37
C ALA C 399 -3.25 36.15 -8.98
N HIS C 400 -4.30 36.27 -8.17
CA HIS C 400 -5.65 35.95 -8.64
C HIS C 400 -6.30 37.10 -9.39
N ASP C 401 -5.65 38.25 -9.48
CA ASP C 401 -6.22 39.41 -10.15
C ASP C 401 -5.68 39.62 -11.57
N THR C 402 -4.64 38.89 -11.96
CA THR C 402 -4.03 39.06 -13.26
C THR C 402 -3.77 37.71 -13.90
N PRO C 403 -3.71 37.65 -15.23
CA PRO C 403 -3.43 36.39 -15.91
C PRO C 403 -1.98 35.97 -15.72
N PRO C 404 -1.68 34.68 -15.81
CA PRO C 404 -2.57 33.55 -16.07
C PRO C 404 -3.21 33.00 -14.79
N GLY C 405 -2.98 33.64 -13.65
CA GLY C 405 -3.55 33.16 -12.40
C GLY C 405 -5.02 33.45 -12.24
N SER C 406 -5.55 34.44 -12.97
CA SER C 406 -6.97 34.77 -12.87
C SER C 406 -7.86 33.70 -13.48
N THR C 407 -7.31 32.78 -14.27
CA THR C 407 -8.08 31.71 -14.89
C THR C 407 -7.61 30.33 -14.45
N LEU C 408 -6.84 30.24 -13.37
CA LEU C 408 -6.46 28.96 -12.79
C LEU C 408 -7.50 28.57 -11.75
N ARG C 409 -7.92 27.30 -11.80
CA ARG C 409 -9.05 26.85 -11.00
C ARG C 409 -8.74 25.52 -10.33
N GLY C 410 -9.35 25.32 -9.16
CA GLY C 410 -9.38 24.02 -8.52
C GLY C 410 -10.62 23.24 -8.92
N LEU C 411 -10.72 22.02 -8.40
CA LEU C 411 -11.73 21.07 -8.84
C LEU C 411 -12.56 20.57 -7.67
N ARG C 412 -13.83 20.32 -7.94
CA ARG C 412 -14.72 19.75 -6.94
C ARG C 412 -14.22 18.36 -6.56
N PRO C 413 -14.35 17.95 -5.30
CA PRO C 413 -13.72 16.69 -4.88
C PRO C 413 -14.18 15.46 -5.65
N ASP C 414 -15.34 15.49 -6.30
CA ASP C 414 -15.79 14.34 -7.07
C ASP C 414 -15.12 14.25 -8.44
N HIS C 415 -14.35 15.25 -8.83
CA HIS C 415 -13.74 15.28 -10.16
C HIS C 415 -12.40 14.55 -10.23
N VAL C 416 -11.78 14.23 -9.09
CA VAL C 416 -10.39 13.82 -9.08
C VAL C 416 -10.23 12.51 -8.31
N LEU C 417 -9.15 11.80 -8.64
CA LEU C 417 -8.73 10.60 -7.94
C LEU C 417 -7.25 10.69 -7.63
N PRO C 418 -6.78 10.04 -6.57
CA PRO C 418 -5.34 10.09 -6.26
C PRO C 418 -4.52 9.55 -7.41
N GLY C 419 -3.39 10.22 -7.67
CA GLY C 419 -2.46 9.80 -8.69
C GLY C 419 -1.24 9.13 -8.09
N ARG C 420 -0.19 9.03 -8.90
CA ARG C 420 1.08 8.47 -8.45
C ARG C 420 2.22 9.39 -8.87
N TYR C 421 3.16 9.61 -7.96
CA TYR C 421 4.29 10.49 -8.23
C TYR C 421 5.40 9.73 -8.94
N GLU C 422 6.16 10.46 -9.75
CA GLU C 422 7.46 10.01 -10.23
C GLU C 422 8.42 11.18 -10.12
N MET C 423 9.53 10.97 -9.42
CA MET C 423 10.43 12.06 -9.04
C MET C 423 11.49 12.29 -10.11
N HIS C 424 11.82 13.56 -10.33
CA HIS C 424 12.93 13.96 -11.18
C HIS C 424 13.79 14.94 -10.42
N GLY C 425 15.11 14.73 -10.47
CA GLY C 425 16.03 15.61 -9.78
C GLY C 425 16.95 14.89 -8.83
N ASP C 426 18.17 15.40 -8.67
CA ASP C 426 19.18 14.76 -7.84
C ASP C 426 19.17 15.23 -6.40
N THR C 427 18.54 16.36 -6.11
CA THR C 427 18.57 16.96 -4.78
C THR C 427 17.18 17.34 -4.34
N ILE C 428 17.01 17.47 -3.03
CA ILE C 428 15.71 17.84 -2.47
C ILE C 428 15.29 19.21 -2.96
N SER C 429 16.22 20.17 -2.97
CA SER C 429 15.87 21.53 -3.32
C SER C 429 15.41 21.69 -4.77
N THR C 430 15.79 20.76 -5.65
CA THR C 430 15.44 20.85 -7.06
C THR C 430 14.52 19.73 -7.54
N ALA C 431 14.22 18.75 -6.69
CA ALA C 431 13.38 17.63 -7.12
C ALA C 431 11.95 18.11 -7.39
N VAL C 432 11.33 17.49 -8.39
CA VAL C 432 9.93 17.75 -8.72
C VAL C 432 9.25 16.44 -9.04
N TYR C 433 8.03 16.28 -8.53
CA TYR C 433 7.19 15.15 -8.89
C TYR C 433 6.41 15.45 -10.15
N VAL C 434 6.31 14.47 -11.02
CA VAL C 434 5.33 14.45 -12.11
C VAL C 434 4.28 13.43 -11.72
N THR C 435 3.02 13.85 -11.69
CA THR C 435 1.94 12.97 -11.28
C THR C 435 1.34 12.29 -12.51
N ARG C 436 1.19 10.98 -12.43
CA ARG C 436 0.63 10.17 -13.49
C ARG C 436 -0.61 9.45 -12.98
N PRO C 437 -1.57 9.15 -13.86
CA PRO C 437 -2.74 8.40 -13.42
C PRO C 437 -2.38 7.01 -12.93
N VAL C 438 -3.16 6.51 -11.98
CA VAL C 438 -3.03 5.13 -11.54
C VAL C 438 -3.76 4.25 -12.53
N ASP C 439 -3.01 3.35 -13.19
CA ASP C 439 -3.61 2.50 -14.21
C ASP C 439 -4.70 1.63 -13.61
N VAL C 440 -5.83 1.55 -14.31
CA VAL C 440 -6.95 0.72 -13.89
C VAL C 440 -7.45 -0.08 -15.09
N PRO C 441 -8.02 -1.26 -14.88
CA PRO C 441 -8.51 -2.05 -16.02
C PRO C 441 -9.81 -1.52 -16.59
N PHE C 442 -10.64 -0.93 -15.74
CA PHE C 442 -11.95 -0.44 -16.15
C PHE C 442 -11.84 1.00 -16.63
N PRO C 443 -12.33 1.32 -17.84
CA PRO C 443 -12.22 2.70 -18.33
C PRO C 443 -13.00 3.71 -17.50
N GLU C 444 -13.95 3.26 -16.67
CA GLU C 444 -14.76 4.21 -15.91
C GLU C 444 -13.92 5.00 -14.93
N ASP C 445 -12.79 4.45 -14.47
CA ASP C 445 -11.94 5.11 -13.50
C ASP C 445 -10.70 5.73 -14.11
N GLU C 446 -10.63 5.82 -15.44
CA GLU C 446 -9.47 6.41 -16.09
C GLU C 446 -9.39 7.90 -15.81
N CYS C 447 -8.16 8.39 -15.67
CA CYS C 447 -7.90 9.79 -15.41
C CYS C 447 -6.96 10.34 -16.47
N PHE C 448 -7.07 11.65 -16.71
CA PHE C 448 -6.22 12.30 -17.70
C PHE C 448 -4.76 12.21 -17.28
N ASP C 449 -3.88 12.01 -18.27
CA ASP C 449 -2.44 12.03 -18.03
C ASP C 449 -1.89 13.41 -18.37
N LEU C 450 -2.20 14.36 -17.49
CA LEU C 450 -1.79 15.75 -17.69
C LEU C 450 -0.35 16.00 -17.30
N LYS C 451 0.29 15.09 -16.57
CA LYS C 451 1.67 15.26 -16.12
C LYS C 451 1.82 16.54 -15.31
N SER C 452 0.93 16.71 -14.33
CA SER C 452 0.98 17.90 -13.49
C SER C 452 2.24 17.88 -12.62
N LEU C 453 2.85 19.05 -12.47
CA LEU C 453 4.12 19.20 -11.77
C LEU C 453 3.87 19.63 -10.33
N VAL C 454 4.51 18.96 -9.39
CA VAL C 454 4.42 19.29 -7.97
C VAL C 454 5.83 19.42 -7.43
N ARG C 455 6.21 20.60 -6.99
CA ARG C 455 7.56 20.77 -6.46
C ARG C 455 7.70 20.01 -5.15
N VAL C 456 8.82 19.29 -5.02
CA VAL C 456 9.00 18.43 -3.86
C VAL C 456 9.14 19.25 -2.58
N LYS C 457 9.96 20.30 -2.62
CA LYS C 457 10.22 21.12 -1.44
C LYS C 457 9.99 22.58 -1.83
N LEU C 458 8.86 23.12 -1.41
CA LEU C 458 8.56 24.53 -1.69
C LEU C 458 9.31 25.43 -0.72
N PRO C 459 10.00 26.46 -1.19
CA PRO C 459 10.64 27.39 -0.27
C PRO C 459 9.62 28.14 0.57
N GLY C 460 10.04 28.56 1.76
CA GLY C 460 9.18 29.31 2.65
C GLY C 460 8.45 28.42 3.63
N SER C 461 7.41 29.00 4.23
CA SER C 461 6.59 28.30 5.21
C SER C 461 5.13 28.66 4.99
N GLY C 462 4.25 27.84 5.56
CA GLY C 462 2.83 28.06 5.38
C GLY C 462 2.31 27.70 4.01
N ASN C 463 2.99 26.82 3.30
CA ASN C 463 2.54 26.43 1.97
C ASN C 463 1.32 25.52 2.07
N PRO C 464 0.53 25.42 1.00
CA PRO C 464 -0.66 24.56 1.04
C PRO C 464 -0.26 23.10 1.03
N PRO C 465 -1.21 22.20 1.25
CA PRO C 465 -0.93 20.77 1.05
C PRO C 465 -0.55 20.49 -0.40
N LYS C 466 0.33 19.52 -0.58
CA LYS C 466 0.83 19.20 -1.91
C LYS C 466 -0.21 18.43 -2.70
N PRO C 467 -0.53 18.86 -3.93
CA PRO C 467 -1.47 18.09 -4.75
C PRO C 467 -0.94 16.70 -5.05
N ARG C 468 -1.84 15.72 -5.03
CA ARG C 468 -1.50 14.35 -5.46
C ARG C 468 -2.68 13.73 -6.20
N SER C 469 -3.33 14.49 -7.08
CA SER C 469 -4.57 14.03 -7.70
C SER C 469 -4.50 14.20 -9.21
N ALA C 470 -5.40 13.48 -9.89
CA ALA C 470 -5.55 13.53 -11.33
C ALA C 470 -7.03 13.62 -11.66
N LEU C 471 -7.33 14.22 -12.81
CA LEU C 471 -8.71 14.51 -13.21
C LEU C 471 -9.34 13.31 -13.89
N LYS C 472 -10.59 13.03 -13.54
CA LYS C 472 -11.32 11.92 -14.14
C LYS C 472 -11.70 12.25 -15.58
N LYS C 473 -11.58 11.25 -16.45
CA LYS C 473 -11.94 11.45 -17.85
C LYS C 473 -13.45 11.55 -18.04
N SER C 474 -14.23 10.92 -17.15
CA SER C 474 -15.68 10.91 -17.29
C SER C 474 -16.32 12.25 -16.97
N MET C 475 -15.56 13.21 -16.42
CA MET C 475 -16.10 14.49 -16.04
C MET C 475 -16.02 15.53 -17.15
N VAL C 476 -15.35 15.24 -18.26
CA VAL C 476 -15.04 16.23 -19.28
C VAL C 476 -15.65 15.77 -20.60
N LEU C 477 -16.37 16.68 -21.26
CA LEU C 477 -17.00 16.41 -22.54
C LEU C 477 -16.21 17.09 -23.65
N PHE C 478 -15.78 16.30 -24.63
CA PHE C 478 -14.98 16.80 -25.74
C PHE C 478 -15.83 16.88 -27.01
N ASP C 479 -15.48 17.84 -27.87
CA ASP C 479 -16.07 17.95 -29.20
C ASP C 479 -17.58 18.13 -29.12
N SER C 480 -18.04 18.92 -28.15
CA SER C 480 -19.45 19.20 -27.99
C SER C 480 -19.93 20.34 -28.88
N GLY C 481 -19.03 21.07 -29.52
CA GLY C 481 -19.44 22.17 -30.35
C GLY C 481 -19.93 23.37 -29.60
N GLU C 482 -19.61 23.49 -28.32
CA GLU C 482 -20.06 24.62 -27.51
C GLU C 482 -18.88 25.51 -27.13
N ALA D 2 49.17 -2.60 10.73
CA ALA D 2 49.01 -3.93 11.32
C ALA D 2 47.89 -4.69 10.64
N TYR D 3 47.96 -6.03 10.70
CA TYR D 3 46.91 -6.85 10.15
C TYR D 3 45.60 -6.72 10.92
N ALA D 4 45.66 -6.25 12.16
CA ALA D 4 44.44 -6.08 12.94
C ALA D 4 43.51 -5.04 12.34
N GLN D 5 44.03 -4.15 11.49
CA GLN D 5 43.21 -3.17 10.78
C GLN D 5 42.96 -3.71 9.38
N TRP D 6 41.71 -4.07 9.09
CA TRP D 6 41.39 -4.71 7.83
C TRP D 6 39.98 -4.35 7.42
N VAL D 7 39.70 -4.49 6.13
CA VAL D 7 38.37 -4.29 5.57
C VAL D 7 38.20 -5.22 4.39
N ILE D 8 37.01 -5.77 4.25
CA ILE D 8 36.61 -6.54 3.08
C ILE D 8 35.40 -5.86 2.49
N ILE D 9 35.48 -5.50 1.21
CA ILE D 9 34.41 -4.83 0.50
C ILE D 9 33.91 -5.79 -0.58
N ILE D 10 32.64 -6.15 -0.50
CA ILE D 10 32.02 -7.04 -1.47
C ILE D 10 31.02 -6.22 -2.26
N ILE D 11 31.30 -6.05 -3.55
CA ILE D 11 30.41 -5.35 -4.46
C ILE D 11 29.58 -6.41 -5.17
N HIS D 12 28.26 -6.36 -4.99
CA HIS D 12 27.34 -7.37 -5.47
C HIS D 12 26.31 -6.69 -6.36
N ASN D 13 26.36 -6.98 -7.66
CA ASN D 13 25.44 -6.38 -8.62
C ASN D 13 24.13 -7.16 -8.59
N VAL D 14 23.11 -6.58 -7.96
CA VAL D 14 21.82 -7.23 -7.83
C VAL D 14 20.89 -6.74 -8.94
N GLY D 15 21.44 -6.04 -9.92
CA GLY D 15 20.69 -5.51 -11.03
C GLY D 15 20.82 -6.34 -12.27
N SER D 16 20.71 -5.69 -13.43
CA SER D 16 20.78 -6.36 -14.71
C SER D 16 21.75 -5.72 -15.69
N GLN D 17 22.45 -4.67 -15.30
CA GLN D 17 23.43 -4.02 -16.16
C GLN D 17 24.77 -3.93 -15.43
N ASP D 18 25.84 -3.91 -16.22
CA ASP D 18 27.18 -3.99 -15.66
C ASP D 18 27.53 -2.72 -14.88
N VAL D 19 28.49 -2.87 -13.98
CA VAL D 19 29.08 -1.76 -13.25
C VAL D 19 30.60 -1.95 -13.23
N LYS D 20 31.32 -0.85 -13.15
CA LYS D 20 32.77 -0.84 -13.26
C LYS D 20 33.39 -0.19 -12.03
N ILE D 21 34.62 -0.61 -11.74
CA ILE D 21 35.36 -0.03 -10.63
C ILE D 21 36.49 0.79 -11.21
N LYS D 22 36.69 1.99 -10.70
CA LYS D 22 37.69 2.91 -11.21
C LYS D 22 38.38 3.62 -10.05
N ASN D 23 39.60 4.08 -10.30
CA ASN D 23 40.34 4.89 -9.35
C ASN D 23 40.48 4.19 -7.99
N LEU D 24 40.66 2.88 -8.02
CA LEU D 24 40.89 2.13 -6.79
C LEU D 24 42.29 2.44 -6.27
N LYS D 25 42.37 3.22 -5.19
CA LYS D 25 43.65 3.65 -4.65
C LYS D 25 43.66 3.41 -3.14
N ALA D 26 44.67 2.67 -2.68
CA ALA D 26 44.89 2.45 -1.25
C ALA D 26 46.03 3.36 -0.81
N SER D 27 45.68 4.44 -0.11
CA SER D 27 46.70 5.38 0.33
C SER D 27 47.51 4.84 1.51
N TRP D 28 46.88 4.01 2.35
CA TRP D 28 47.56 3.37 3.46
C TRP D 28 47.27 1.87 3.42
N GLY D 29 48.21 1.10 3.92
CA GLY D 29 48.04 -0.35 3.90
C GLY D 29 48.23 -0.92 2.50
N LYS D 30 47.71 -2.13 2.32
CA LYS D 30 47.89 -2.87 1.09
C LYS D 30 46.62 -3.63 0.74
N LEU D 31 46.48 -3.92 -0.56
CA LEU D 31 45.47 -4.86 -1.02
C LEU D 31 46.07 -6.25 -1.08
N HIS D 32 45.29 -7.25 -0.67
CA HIS D 32 45.79 -8.62 -0.60
C HIS D 32 44.73 -9.57 -1.13
N ALA D 33 45.12 -10.85 -1.24
CA ALA D 33 44.22 -11.88 -1.74
C ALA D 33 43.22 -12.29 -0.66
N ASP D 34 42.20 -13.02 -1.09
CA ASP D 34 41.13 -13.42 -0.18
C ASP D 34 41.67 -14.35 0.90
N GLY D 35 41.40 -13.99 2.16
CA GLY D 35 41.79 -14.84 3.27
C GLY D 35 43.28 -15.04 3.42
N ASP D 36 44.09 -14.21 2.76
CA ASP D 36 45.54 -14.33 2.84
C ASP D 36 46.13 -12.92 2.83
N LYS D 37 46.41 -12.39 4.01
CA LYS D 37 46.95 -11.04 4.13
C LYS D 37 48.41 -10.95 3.72
N ASP D 38 49.11 -12.08 3.66
CA ASP D 38 50.51 -12.08 3.27
C ASP D 38 50.70 -12.02 1.77
N ALA D 39 49.67 -12.28 0.97
CA ALA D 39 49.75 -12.27 -0.48
C ALA D 39 49.20 -10.94 -0.98
N GLU D 40 50.10 -9.99 -1.22
CA GLU D 40 49.70 -8.67 -1.69
C GLU D 40 49.32 -8.73 -3.16
N VAL D 41 48.41 -7.82 -3.55
CA VAL D 41 48.00 -7.67 -4.94
C VAL D 41 48.00 -6.18 -5.26
N SER D 42 47.99 -5.89 -6.56
CA SER D 42 48.02 -4.51 -7.05
C SER D 42 46.62 -4.05 -7.41
N ALA D 43 46.42 -2.74 -7.37
CA ALA D 43 45.13 -2.17 -7.75
C ALA D 43 44.79 -2.46 -9.20
N SER D 44 45.78 -2.78 -10.02
CA SER D 44 45.51 -3.13 -11.41
C SER D 44 44.62 -4.35 -11.51
N ASN D 45 44.67 -5.24 -10.52
CA ASN D 45 43.83 -6.43 -10.54
C ASN D 45 42.36 -6.10 -10.53
N TYR D 46 41.99 -4.89 -10.11
CA TYR D 46 40.60 -4.48 -10.02
C TYR D 46 40.27 -3.25 -10.87
N GLU D 47 41.26 -2.44 -11.24
CA GLU D 47 40.97 -1.22 -11.98
C GLU D 47 40.35 -1.57 -13.33
N GLY D 48 39.20 -0.98 -13.61
CA GLY D 48 38.49 -1.22 -14.85
C GLY D 48 37.74 -2.53 -14.91
N LYS D 49 37.72 -3.30 -13.83
CA LYS D 49 37.03 -4.58 -13.86
C LYS D 49 35.52 -4.37 -13.85
N ILE D 50 34.81 -5.30 -14.47
CA ILE D 50 33.37 -5.22 -14.65
C ILE D 50 32.72 -6.25 -13.73
N VAL D 51 31.72 -5.81 -12.96
CA VAL D 51 30.95 -6.69 -12.10
C VAL D 51 29.61 -6.93 -12.79
N LYS D 52 29.48 -8.10 -13.40
CA LYS D 52 28.28 -8.42 -14.13
C LYS D 52 27.12 -8.70 -13.18
N PRO D 53 25.89 -8.68 -13.68
CA PRO D 53 24.74 -8.94 -12.80
C PRO D 53 24.86 -10.28 -12.10
N ASP D 54 24.48 -10.32 -10.83
CA ASP D 54 24.52 -11.48 -9.97
C ASP D 54 25.93 -11.90 -9.61
N GLU D 55 26.95 -11.11 -9.96
CA GLU D 55 28.32 -11.43 -9.64
C GLU D 55 28.78 -10.63 -8.42
N LYS D 56 29.72 -11.20 -7.68
CA LYS D 56 30.30 -10.57 -6.50
C LYS D 56 31.79 -10.36 -6.74
N LEU D 57 32.28 -9.19 -6.32
CA LEU D 57 33.70 -8.86 -6.42
C LEU D 57 34.19 -8.45 -5.04
N GLN D 58 35.30 -9.04 -4.61
CA GLN D 58 35.82 -8.84 -3.27
C GLN D 58 37.13 -8.06 -3.33
N ILE D 59 37.21 -6.98 -2.55
CA ILE D 59 38.42 -6.19 -2.37
C ILE D 59 38.83 -6.32 -0.91
N ASN D 60 40.04 -6.81 -0.67
CA ASN D 60 40.55 -7.00 0.68
C ASN D 60 41.69 -6.02 0.91
N ALA D 61 41.59 -5.24 1.97
CA ALA D 61 42.63 -4.28 2.31
C ALA D 61 42.97 -4.43 3.79
N SER D 62 44.25 -4.20 4.12
CA SER D 62 44.68 -4.27 5.50
C SER D 62 45.97 -3.47 5.64
N GLY D 63 46.31 -3.15 6.88
CA GLY D 63 47.56 -2.50 7.15
C GLY D 63 48.74 -3.44 6.98
N ARG D 64 49.92 -2.85 6.87
CA ARG D 64 51.15 -3.64 6.79
C ARG D 64 51.40 -4.33 8.13
N SER D 65 52.00 -5.53 8.06
CA SER D 65 52.20 -6.32 9.26
C SER D 65 53.12 -5.59 10.25
N ASP D 66 52.67 -5.50 11.50
CA ASP D 66 53.46 -4.79 12.50
C ASP D 66 53.84 -3.44 11.96
N ALA D 67 52.87 -2.55 11.78
CA ALA D 67 53.20 -1.27 11.16
C ALA D 67 52.69 -0.04 11.88
N ALA D 68 51.81 -0.22 12.86
CA ALA D 68 51.24 0.93 13.53
C ALA D 68 50.64 1.86 12.51
N ALA D 69 50.04 1.29 11.48
CA ALA D 69 49.42 2.08 10.44
C ALA D 69 48.30 1.25 9.90
N GLY D 70 47.09 1.78 9.92
CA GLY D 70 45.93 1.05 9.45
C GLY D 70 45.86 0.98 7.94
N THR D 71 44.64 0.92 7.43
CA THR D 71 44.39 0.90 5.99
C THR D 71 43.43 2.02 5.64
N THR D 72 43.62 2.61 4.47
CA THR D 72 42.79 3.72 4.03
C THR D 72 42.78 3.75 2.51
N GLY D 73 41.62 4.03 1.94
CA GLY D 73 41.57 4.03 0.48
C GLY D 73 40.25 4.56 -0.04
N THR D 74 40.18 4.61 -1.36
CA THR D 74 39.01 5.11 -2.07
C THR D 74 38.87 4.36 -3.38
N PHE D 75 37.65 4.40 -3.92
CA PHE D 75 37.40 3.91 -5.27
C PHE D 75 36.09 4.52 -5.75
N ASP D 76 35.75 4.25 -7.01
CA ASP D 76 34.55 4.79 -7.63
C ASP D 76 33.82 3.67 -8.36
N LEU D 77 32.51 3.60 -8.15
CA LEU D 77 31.63 2.78 -8.98
C LEU D 77 31.16 3.65 -10.14
N VAL D 78 31.30 3.11 -11.36
CA VAL D 78 31.10 3.84 -12.60
C VAL D 78 30.20 3.01 -13.50
N ASP D 79 29.49 3.71 -14.39
CA ASP D 79 28.54 3.05 -15.29
C ASP D 79 29.17 2.82 -16.64
N PRO D 80 29.57 1.60 -16.99
CA PRO D 80 30.24 1.39 -18.28
C PRO D 80 29.33 1.57 -19.48
N ALA D 81 28.02 1.47 -19.31
CA ALA D 81 27.07 1.64 -20.41
C ALA D 81 26.60 3.08 -20.58
N ASP D 82 27.11 4.01 -19.77
CA ASP D 82 26.74 5.40 -19.82
C ASP D 82 27.98 6.28 -19.95
N GLY D 83 28.89 5.89 -20.82
CA GLY D 83 30.12 6.65 -21.01
C GLY D 83 30.98 6.71 -19.76
N ASP D 84 31.02 5.62 -19.00
CA ASP D 84 31.78 5.57 -17.75
C ASP D 84 31.43 6.74 -16.84
N LYS D 85 30.13 7.05 -16.75
CA LYS D 85 29.68 8.08 -15.83
C LYS D 85 29.86 7.63 -14.39
N GLN D 86 30.31 8.54 -13.54
CA GLN D 86 30.54 8.22 -12.15
C GLN D 86 29.22 7.94 -11.44
N VAL D 87 29.15 6.80 -10.75
CA VAL D 87 27.95 6.38 -10.03
C VAL D 87 28.05 6.69 -8.55
N ARG D 88 29.13 6.26 -7.91
CA ARG D 88 29.31 6.53 -6.49
C ARG D 88 30.80 6.59 -6.17
N HIS D 89 31.14 7.27 -5.07
CA HIS D 89 32.51 7.38 -4.59
C HIS D 89 32.55 6.79 -3.19
N PHE D 90 33.43 5.82 -2.98
CA PHE D 90 33.55 5.13 -1.70
C PHE D 90 34.91 5.45 -1.08
N TYR D 91 34.90 5.76 0.21
CA TYR D 91 36.11 6.02 0.98
C TYR D 91 36.06 5.20 2.26
N TRP D 92 37.15 4.51 2.58
CA TRP D 92 37.23 3.72 3.78
C TRP D 92 38.49 4.05 4.54
N ASP D 93 38.41 3.92 5.87
CA ASP D 93 39.56 4.12 6.74
C ASP D 93 39.38 3.28 7.99
N SER D 94 40.28 2.31 8.17
CA SER D 94 40.41 1.55 9.41
C SER D 94 41.76 1.92 10.00
N PRO D 95 41.81 2.93 10.86
CA PRO D 95 43.11 3.43 11.34
C PRO D 95 43.65 2.62 12.50
N TRP D 96 44.96 2.76 12.71
CA TRP D 96 45.61 2.07 13.82
C TRP D 96 45.51 2.88 15.10
N GLY D 97 45.83 4.17 15.05
CA GLY D 97 45.89 5.00 16.22
C GLY D 97 44.59 5.66 16.63
N SER D 98 43.49 5.37 15.95
CA SER D 98 42.20 5.95 16.28
C SER D 98 41.18 4.84 16.44
N LYS D 99 40.21 5.06 17.32
CA LYS D 99 39.21 4.05 17.63
C LYS D 99 37.96 4.17 16.79
N THR D 100 37.91 5.11 15.84
CA THR D 100 36.75 5.32 14.98
C THR D 100 37.13 5.01 13.55
N ASN D 101 36.36 4.14 12.91
CA ASN D 101 36.54 3.80 11.51
C ASN D 101 35.56 4.59 10.66
N THR D 102 35.97 4.89 9.43
CA THR D 102 35.18 5.70 8.51
C THR D 102 34.81 4.87 7.29
N TRP D 103 33.53 4.88 6.94
CA TRP D 103 33.05 4.30 5.70
C TRP D 103 32.05 5.27 5.09
N THR D 104 32.46 5.96 4.03
CA THR D 104 31.68 7.03 3.44
C THR D 104 31.34 6.69 1.99
N VAL D 105 30.06 6.82 1.65
CA VAL D 105 29.58 6.69 0.29
C VAL D 105 28.99 8.03 -0.11
N SER D 106 29.53 8.62 -1.18
CA SER D 106 29.12 9.93 -1.64
C SER D 106 28.88 9.88 -3.14
N GLY D 107 28.44 11.01 -3.69
CA GLY D 107 28.05 11.10 -5.08
C GLY D 107 26.54 11.03 -5.24
N SER D 108 26.10 11.26 -6.47
CA SER D 108 24.67 11.28 -6.78
C SER D 108 24.46 10.79 -8.20
N ASN D 109 23.69 9.72 -8.33
CA ASN D 109 23.30 9.21 -9.64
C ASN D 109 21.96 8.51 -9.46
N THR D 110 20.88 9.24 -9.76
CA THR D 110 19.53 8.72 -9.49
C THR D 110 19.20 7.48 -10.31
N LYS D 111 19.98 7.18 -11.34
CA LYS D 111 19.76 5.96 -12.11
C LYS D 111 20.23 4.72 -11.37
N TRP D 112 20.88 4.86 -10.22
CA TRP D 112 21.41 3.74 -9.46
C TRP D 112 20.93 3.80 -8.02
N MET D 113 20.66 2.64 -7.44
CA MET D 113 20.36 2.48 -6.03
C MET D 113 21.49 1.67 -5.38
N ILE D 114 21.93 2.10 -4.21
CA ILE D 114 23.05 1.47 -3.52
C ILE D 114 22.67 1.23 -2.07
N GLU D 115 22.81 -0.01 -1.62
CA GLU D 115 22.70 -0.36 -0.22
C GLU D 115 24.02 -0.94 0.24
N TYR D 116 24.30 -0.83 1.54
CA TYR D 116 25.50 -1.45 2.08
C TYR D 116 25.27 -1.80 3.53
N SER D 117 25.96 -2.84 3.99
CA SER D 117 25.80 -3.30 5.36
C SER D 117 27.05 -4.03 5.81
N GLY D 118 27.18 -4.19 7.12
CA GLY D 118 28.25 -4.95 7.72
C GLY D 118 29.39 -4.11 8.25
N GLN D 119 29.41 -2.81 7.99
CA GLN D 119 30.50 -1.97 8.46
C GLN D 119 30.48 -1.87 9.98
N ASN D 120 31.67 -1.72 10.57
CA ASN D 120 31.84 -1.53 12.00
C ASN D 120 32.65 -0.27 12.22
N LEU D 121 32.09 0.70 12.94
CA LEU D 121 32.78 1.97 13.08
C LEU D 121 33.21 2.26 14.50
N ASP D 122 32.71 1.48 15.44
CA ASP D 122 32.97 1.77 16.86
C ASP D 122 34.39 1.48 17.32
N SER D 123 34.90 0.30 17.01
CA SER D 123 36.25 -0.05 17.42
C SER D 123 36.72 -1.30 16.73
N GLY D 124 38.03 -1.46 16.62
CA GLY D 124 38.58 -2.59 15.92
C GLY D 124 38.63 -2.37 14.42
N ALA D 125 38.61 -3.48 13.68
CA ALA D 125 38.66 -3.42 12.23
C ALA D 125 37.35 -2.88 11.67
N LEU D 126 37.43 -2.35 10.45
CA LEU D 126 36.23 -1.82 9.79
C LEU D 126 35.26 -2.94 9.45
N GLY D 127 35.74 -4.15 9.21
CA GLY D 127 34.88 -5.30 9.02
C GLY D 127 34.61 -5.60 7.56
N THR D 128 33.68 -6.52 7.35
CA THR D 128 33.29 -6.96 6.01
C THR D 128 32.05 -6.19 5.60
N ILE D 129 32.16 -5.41 4.52
CA ILE D 129 31.08 -4.56 4.05
C ILE D 129 30.59 -5.13 2.73
N THR D 130 29.30 -5.43 2.66
CA THR D 130 28.66 -5.87 1.42
C THR D 130 27.86 -4.71 0.85
N VAL D 131 28.11 -4.41 -0.43
CA VAL D 131 27.47 -3.31 -1.13
C VAL D 131 26.67 -3.89 -2.28
N ASP D 132 25.36 -3.64 -2.27
CA ASP D 132 24.45 -4.07 -3.32
C ASP D 132 24.15 -2.89 -4.23
N THR D 133 24.37 -3.08 -5.52
CA THR D 133 24.20 -2.03 -6.53
C THR D 133 23.12 -2.45 -7.52
N LEU D 134 22.19 -1.55 -7.81
CA LEU D 134 21.13 -1.82 -8.77
C LEU D 134 20.83 -0.60 -9.60
N LYS D 135 20.91 -0.73 -10.92
CA LYS D 135 20.56 0.37 -11.78
C LYS D 135 19.08 0.33 -12.09
N LYS D 136 18.31 1.22 -11.49
CA LYS D 136 16.89 1.25 -11.74
C LYS D 136 16.50 2.44 -12.61
N ALA E 2 38.29 -6.54 24.95
CA ALA E 2 38.21 -5.17 24.44
C ALA E 2 37.17 -5.07 23.34
N TYR E 3 36.78 -3.84 23.00
CA TYR E 3 35.87 -3.62 21.89
C TYR E 3 36.51 -3.96 20.55
N ALA E 4 37.84 -4.02 20.49
CA ALA E 4 38.52 -4.33 19.24
C ALA E 4 38.21 -5.73 18.75
N GLN E 5 37.76 -6.62 19.63
CA GLN E 5 37.36 -7.97 19.26
C GLN E 5 35.84 -7.98 19.15
N TRP E 6 35.34 -8.17 17.94
CA TRP E 6 33.90 -8.11 17.70
C TRP E 6 33.54 -9.07 16.58
N VAL E 7 32.25 -9.38 16.49
CA VAL E 7 31.71 -10.23 15.44
C VAL E 7 30.26 -9.84 15.21
N ILE E 8 29.85 -9.87 13.96
CA ILE E 8 28.47 -9.66 13.56
C ILE E 8 28.03 -10.90 12.78
N ILE E 9 26.96 -11.53 13.22
CA ILE E 9 26.43 -12.73 12.59
C ILE E 9 25.04 -12.40 12.07
N ILE E 10 24.88 -12.43 10.75
CA ILE E 10 23.59 -12.16 10.11
C ILE E 10 23.05 -13.49 9.61
N ILE E 11 21.97 -13.95 10.21
CA ILE E 11 21.27 -15.14 9.77
C ILE E 11 20.18 -14.71 8.82
N HIS E 12 20.25 -15.17 7.58
CA HIS E 12 19.34 -14.78 6.51
C HIS E 12 18.62 -16.04 6.03
N ASN E 13 17.33 -16.14 6.34
CA ASN E 13 16.54 -17.29 5.95
C ASN E 13 16.04 -17.05 4.53
N VAL E 14 16.71 -17.68 3.55
CA VAL E 14 16.34 -17.52 2.15
C VAL E 14 15.41 -18.60 1.67
N GLY E 15 15.01 -19.53 2.54
CA GLY E 15 14.09 -20.59 2.19
C GLY E 15 12.66 -20.20 2.43
N SER E 16 11.79 -21.21 2.44
CA SER E 16 10.36 -21.00 2.66
C SER E 16 9.89 -21.56 3.99
N GLN E 17 10.80 -21.98 4.87
CA GLN E 17 10.44 -22.56 6.15
C GLN E 17 11.17 -21.83 7.27
N ASP E 18 10.57 -21.84 8.45
CA ASP E 18 11.15 -21.13 9.57
C ASP E 18 12.39 -21.86 10.09
N VAL E 19 13.26 -21.11 10.75
CA VAL E 19 14.42 -21.65 11.44
C VAL E 19 14.51 -20.96 12.79
N LYS E 20 14.81 -21.73 13.84
CA LYS E 20 14.79 -21.23 15.20
C LYS E 20 16.20 -21.21 15.78
N ILE E 21 16.50 -20.15 16.55
CA ILE E 21 17.75 -20.02 17.26
C ILE E 21 17.59 -20.62 18.65
N LYS E 22 18.63 -21.30 19.14
CA LYS E 22 18.57 -21.91 20.46
C LYS E 22 19.97 -21.94 21.06
N ASN E 23 20.00 -22.09 22.38
CA ASN E 23 21.25 -22.30 23.11
C ASN E 23 22.27 -21.20 22.85
N LEU E 24 21.79 -19.99 22.56
CA LEU E 24 22.70 -18.87 22.35
C LEU E 24 23.37 -18.51 23.67
N LYS E 25 24.70 -18.39 23.63
CA LYS E 25 25.48 -18.10 24.82
C LYS E 25 26.79 -17.42 24.49
N ALA E 26 27.07 -16.29 25.11
CA ALA E 26 28.34 -15.61 24.91
C ALA E 26 29.25 -16.00 26.07
N SER E 27 30.01 -17.07 25.91
CA SER E 27 30.93 -17.49 26.96
C SER E 27 31.88 -16.38 27.34
N TRP E 28 32.20 -15.51 26.39
CA TRP E 28 33.05 -14.36 26.67
C TRP E 28 32.41 -13.14 26.02
N GLY E 29 32.84 -11.97 26.49
CA GLY E 29 32.33 -10.74 25.90
C GLY E 29 30.85 -10.54 26.19
N LYS E 30 30.19 -9.82 25.30
CA LYS E 30 28.80 -9.44 25.49
C LYS E 30 28.12 -9.30 24.15
N LEU E 31 26.79 -9.34 24.18
CA LEU E 31 25.97 -9.06 23.02
C LEU E 31 25.40 -7.65 23.15
N HIS E 32 25.42 -6.89 22.06
CA HIS E 32 25.00 -5.50 22.09
C HIS E 32 24.08 -5.23 20.91
N ALA E 33 23.58 -3.99 20.86
CA ALA E 33 22.66 -3.57 19.81
C ALA E 33 23.41 -3.19 18.55
N ASP E 34 22.66 -2.99 17.47
CA ASP E 34 23.26 -2.73 16.17
C ASP E 34 23.98 -1.39 16.16
N GLY E 35 25.29 -1.43 15.93
CA GLY E 35 26.08 -0.21 15.81
C GLY E 35 26.36 0.49 17.11
N ASP E 36 26.06 -0.13 18.25
CA ASP E 36 26.25 0.51 19.56
C ASP E 36 26.75 -0.56 20.52
N LYS E 37 28.06 -0.57 20.75
CA LYS E 37 28.66 -1.58 21.62
C LYS E 37 28.41 -1.31 23.09
N ASP E 38 27.98 -0.09 23.45
CA ASP E 38 27.70 0.25 24.83
C ASP E 38 26.31 -0.20 25.28
N ALA E 39 25.42 -0.53 24.35
CA ALA E 39 24.05 -0.92 24.68
C ALA E 39 23.99 -2.45 24.75
N GLU E 40 24.44 -2.99 25.86
CA GLU E 40 24.45 -4.44 26.03
C GLU E 40 23.03 -4.99 25.98
N VAL E 41 22.91 -6.19 25.44
CA VAL E 41 21.63 -6.86 25.26
C VAL E 41 21.71 -8.25 25.86
N SER E 42 20.56 -8.78 26.25
CA SER E 42 20.50 -10.10 26.87
C SER E 42 20.35 -11.19 25.82
N ALA E 43 20.94 -12.34 26.09
CA ALA E 43 20.83 -13.47 25.18
C ALA E 43 19.38 -13.92 25.01
N SER E 44 18.54 -13.68 26.02
CA SER E 44 17.14 -14.05 25.93
C SER E 44 16.42 -13.31 24.82
N ASN E 45 16.93 -12.16 24.38
CA ASN E 45 16.30 -11.42 23.30
C ASN E 45 16.33 -12.19 21.99
N TYR E 46 17.21 -13.17 21.86
CA TYR E 46 17.29 -14.00 20.66
C TYR E 46 16.92 -15.45 20.90
N GLU E 47 17.06 -15.95 22.13
CA GLU E 47 16.79 -17.35 22.41
C GLU E 47 15.37 -17.72 21.99
N GLY E 48 15.25 -18.80 21.23
CA GLY E 48 13.96 -19.30 20.82
C GLY E 48 13.28 -18.46 19.75
N LYS E 49 13.97 -17.48 19.17
CA LYS E 49 13.35 -16.63 18.18
C LYS E 49 13.32 -17.33 16.82
N ILE E 50 12.27 -17.03 16.05
CA ILE E 50 12.07 -17.60 14.73
C ILE E 50 12.52 -16.60 13.69
N VAL E 51 13.34 -17.04 12.74
CA VAL E 51 13.75 -16.24 11.60
C VAL E 51 12.84 -16.65 10.45
N LYS E 52 11.83 -15.83 10.16
CA LYS E 52 10.88 -16.16 9.13
C LYS E 52 11.55 -16.09 7.76
N PRO E 53 10.99 -16.79 6.76
CA PRO E 53 11.60 -16.77 5.43
C PRO E 53 11.75 -15.36 4.90
N ASP E 54 12.89 -15.10 4.24
CA ASP E 54 13.22 -13.78 3.72
C ASP E 54 13.34 -12.74 4.82
N GLU E 55 13.80 -13.17 5.99
CA GLU E 55 14.03 -12.27 7.12
C GLU E 55 15.49 -12.38 7.54
N LYS E 56 16.02 -11.29 8.09
CA LYS E 56 17.39 -11.23 8.57
C LYS E 56 17.38 -11.01 10.08
N LEU E 57 18.24 -11.74 10.77
CA LEU E 57 18.43 -11.60 12.21
C LEU E 57 19.90 -11.33 12.48
N GLN E 58 20.19 -10.22 13.16
CA GLN E 58 21.57 -9.79 13.41
C GLN E 58 21.92 -10.01 14.86
N ILE E 59 23.04 -10.70 15.10
CA ILE E 59 23.58 -10.92 16.44
C ILE E 59 24.94 -10.26 16.50
N ASN E 60 25.11 -9.33 17.42
CA ASN E 60 26.34 -8.57 17.55
C ASN E 60 27.00 -8.96 18.87
N ALA E 61 28.25 -9.43 18.80
CA ALA E 61 29.00 -9.79 19.99
C ALA E 61 30.31 -9.02 20.00
N SER E 62 30.80 -8.73 21.21
CA SER E 62 32.03 -7.95 21.34
C SER E 62 32.65 -8.22 22.69
N GLY E 63 33.96 -7.99 22.78
CA GLY E 63 34.62 -8.03 24.06
C GLY E 63 34.27 -6.81 24.90
N ARG E 64 34.33 -6.99 26.22
CA ARG E 64 34.00 -5.90 27.13
C ARG E 64 35.08 -4.82 27.08
N SER E 65 34.65 -3.58 27.27
CA SER E 65 35.53 -2.43 27.06
C SER E 65 36.79 -2.54 27.90
N ASP E 66 37.94 -2.40 27.26
CA ASP E 66 39.23 -2.43 27.94
C ASP E 66 39.42 -3.71 28.75
N ALA E 67 38.73 -4.78 28.36
CA ALA E 67 38.67 -5.98 29.18
C ALA E 67 39.87 -6.89 29.01
N ALA E 68 40.71 -6.68 28.00
CA ALA E 68 41.83 -7.57 27.71
C ALA E 68 41.36 -9.01 27.48
N ALA E 69 40.09 -9.18 27.11
CA ALA E 69 39.55 -10.48 26.76
C ALA E 69 38.64 -10.31 25.56
N GLY E 70 38.72 -11.27 24.63
CA GLY E 70 37.96 -11.21 23.40
C GLY E 70 36.50 -11.56 23.59
N THR E 71 35.91 -12.15 22.55
CA THR E 71 34.53 -12.61 22.60
C THR E 71 34.46 -14.03 22.09
N THR E 72 33.52 -14.80 22.63
CA THR E 72 33.39 -16.19 22.26
C THR E 72 31.97 -16.64 22.59
N GLY E 73 31.46 -17.58 21.80
CA GLY E 73 30.12 -18.04 22.03
C GLY E 73 29.74 -19.15 21.08
N THR E 74 28.54 -19.69 21.31
CA THR E 74 27.97 -20.73 20.47
C THR E 74 26.48 -20.51 20.36
N PHE E 75 25.86 -21.18 19.40
CA PHE E 75 24.41 -21.29 19.35
C PHE E 75 24.06 -22.41 18.37
N ASP E 76 22.77 -22.69 18.27
CA ASP E 76 22.25 -23.74 17.40
C ASP E 76 21.13 -23.18 16.56
N LEU E 77 21.08 -23.61 15.30
CA LEU E 77 19.92 -23.43 14.46
C LEU E 77 19.19 -24.76 14.40
N VAL E 78 17.91 -24.75 14.74
CA VAL E 78 17.08 -25.94 14.80
C VAL E 78 15.84 -25.71 13.97
N ASP E 79 15.24 -26.81 13.53
CA ASP E 79 14.06 -26.76 12.66
C ASP E 79 12.81 -26.66 13.53
N PRO E 80 12.07 -25.55 13.50
CA PRO E 80 10.84 -25.49 14.30
C PRO E 80 9.87 -26.61 13.99
N ALA E 81 9.76 -26.99 12.72
CA ALA E 81 9.14 -28.26 12.38
C ALA E 81 10.14 -29.39 12.61
N ASP E 82 9.63 -30.60 12.71
CA ASP E 82 10.46 -31.77 13.00
C ASP E 82 10.95 -31.79 14.45
N GLY E 83 10.19 -31.17 15.35
CA GLY E 83 10.50 -31.25 16.76
C GLY E 83 11.82 -30.61 17.15
N ASP E 84 12.10 -29.41 16.62
CA ASP E 84 13.31 -28.69 16.96
C ASP E 84 14.55 -29.55 16.73
N LYS E 85 14.54 -30.30 15.63
CA LYS E 85 15.71 -31.05 15.24
C LYS E 85 16.84 -30.09 14.90
N GLN E 86 18.06 -30.47 15.29
CA GLN E 86 19.20 -29.58 15.10
C GLN E 86 19.54 -29.45 13.62
N VAL E 87 19.67 -28.21 13.15
CA VAL E 87 20.14 -27.96 11.80
C VAL E 87 21.66 -27.77 11.78
N ARG E 88 22.16 -26.85 12.61
CA ARG E 88 23.60 -26.64 12.69
C ARG E 88 23.97 -26.13 14.07
N HIS E 89 25.25 -26.30 14.42
CA HIS E 89 25.83 -25.75 15.63
C HIS E 89 26.95 -24.81 15.23
N PHE E 90 26.86 -23.57 15.67
CA PHE E 90 27.83 -22.53 15.34
C PHE E 90 28.64 -22.18 16.58
N TYR E 91 29.96 -22.06 16.41
CA TYR E 91 30.85 -21.62 17.48
C TYR E 91 31.78 -20.55 16.92
N TRP E 92 31.82 -19.41 17.60
CA TRP E 92 32.64 -18.27 17.19
C TRP E 92 33.57 -17.88 18.32
N ASP E 93 34.74 -17.36 17.93
CA ASP E 93 35.76 -16.97 18.89
C ASP E 93 36.67 -15.93 18.26
N SER E 94 36.54 -14.67 18.69
CA SER E 94 37.47 -13.60 18.35
C SER E 94 38.28 -13.30 19.61
N PRO E 95 39.39 -13.98 19.84
CA PRO E 95 40.12 -13.82 21.09
C PRO E 95 40.93 -12.54 21.15
N TRP E 96 41.25 -12.12 22.37
CA TRP E 96 42.14 -10.99 22.60
C TRP E 96 43.59 -11.42 22.63
N GLY E 97 43.89 -12.59 23.18
CA GLY E 97 45.25 -13.04 23.36
C GLY E 97 45.82 -13.86 22.22
N SER E 98 45.08 -14.05 21.14
CA SER E 98 45.55 -14.82 20.01
C SER E 98 45.23 -14.08 18.71
N LYS E 99 46.11 -14.25 17.72
CA LYS E 99 45.91 -13.64 16.42
C LYS E 99 44.99 -14.46 15.52
N THR E 100 44.60 -15.65 15.94
CA THR E 100 43.77 -16.54 15.14
C THR E 100 42.33 -16.49 15.65
N ASN E 101 41.40 -16.15 14.76
CA ASN E 101 39.99 -16.24 15.05
C ASN E 101 39.44 -17.58 14.60
N THR E 102 38.32 -17.98 15.20
CA THR E 102 37.71 -19.28 14.92
C THR E 102 36.24 -19.09 14.63
N TRP E 103 35.77 -19.73 13.55
CA TRP E 103 34.35 -19.79 13.23
C TRP E 103 34.08 -21.16 12.66
N THR E 104 33.40 -22.02 13.41
CA THR E 104 33.16 -23.39 13.00
C THR E 104 31.66 -23.67 13.02
N VAL E 105 31.18 -24.23 11.91
CA VAL E 105 29.81 -24.70 11.78
C VAL E 105 29.86 -26.22 11.66
N SER E 106 29.14 -26.91 12.53
CA SER E 106 29.17 -28.36 12.58
C SER E 106 27.74 -28.89 12.66
N GLY E 107 27.62 -30.20 12.57
CA GLY E 107 26.33 -30.84 12.60
C GLY E 107 25.90 -31.32 11.23
N SER E 108 25.10 -32.38 11.22
CA SER E 108 24.61 -32.99 9.99
C SER E 108 23.09 -32.89 9.94
N ASN E 109 22.58 -32.32 8.85
CA ASN E 109 21.14 -32.30 8.59
C ASN E 109 20.97 -32.24 7.08
N THR E 110 20.71 -33.41 6.48
CA THR E 110 20.77 -33.52 5.02
C THR E 110 19.73 -32.67 4.32
N LYS E 111 18.66 -32.27 4.99
CA LYS E 111 17.59 -31.51 4.36
C LYS E 111 17.70 -30.02 4.62
N TRP E 112 18.91 -29.51 4.82
CA TRP E 112 19.15 -28.08 4.99
C TRP E 112 20.44 -27.70 4.30
N MET E 113 20.42 -26.62 3.54
CA MET E 113 21.60 -26.04 2.93
C MET E 113 21.99 -24.81 3.74
N ILE E 114 23.22 -24.78 4.23
CA ILE E 114 23.73 -23.68 5.04
C ILE E 114 25.02 -23.18 4.41
N GLU E 115 25.08 -21.89 4.11
CA GLU E 115 26.28 -21.27 3.57
C GLU E 115 26.64 -20.07 4.42
N TYR E 116 27.92 -19.77 4.52
CA TYR E 116 28.36 -18.63 5.31
C TYR E 116 29.57 -18.00 4.66
N SER E 117 29.73 -16.69 4.86
CA SER E 117 30.85 -15.98 4.28
C SER E 117 31.14 -14.73 5.09
N GLY E 118 32.34 -14.18 4.87
CA GLY E 118 32.73 -12.92 5.45
C GLY E 118 33.66 -13.00 6.64
N GLN E 119 33.91 -14.19 7.17
CA GLN E 119 34.74 -14.31 8.36
C GLN E 119 36.18 -13.92 8.06
N ASN E 120 36.84 -13.34 9.06
CA ASN E 120 38.26 -13.02 9.01
C ASN E 120 38.97 -13.82 10.08
N LEU E 121 39.97 -14.59 9.69
CA LEU E 121 40.66 -15.48 10.61
C LEU E 121 42.12 -15.11 10.85
N ASP E 122 42.74 -14.34 9.94
CA ASP E 122 44.18 -14.11 10.04
C ASP E 122 44.54 -13.30 11.27
N SER E 123 43.87 -12.18 11.49
CA SER E 123 44.18 -11.31 12.62
C SER E 123 43.09 -10.28 12.78
N GLY E 124 43.06 -9.63 13.94
CA GLY E 124 42.05 -8.65 14.22
C GLY E 124 40.70 -9.30 14.52
N ALA E 125 39.65 -8.48 14.40
CA ALA E 125 38.31 -8.94 14.72
C ALA E 125 37.87 -10.04 13.77
N LEU E 126 36.88 -10.81 14.21
CA LEU E 126 36.37 -11.91 13.40
C LEU E 126 35.54 -11.42 12.22
N GLY E 127 35.01 -10.20 12.28
CA GLY E 127 34.36 -9.60 11.14
C GLY E 127 32.87 -9.88 11.08
N THR E 128 32.30 -9.51 9.94
CA THR E 128 30.87 -9.67 9.68
C THR E 128 30.65 -10.96 8.92
N ILE E 129 29.88 -11.88 9.49
CA ILE E 129 29.63 -13.19 8.91
C ILE E 129 28.16 -13.26 8.53
N THR E 130 27.89 -13.47 7.25
CA THR E 130 26.54 -13.67 6.75
C THR E 130 26.29 -15.16 6.57
N VAL E 131 25.17 -15.63 7.12
CA VAL E 131 24.79 -17.04 7.05
C VAL E 131 23.44 -17.12 6.34
N ASP E 132 23.40 -17.88 5.25
CA ASP E 132 22.17 -18.14 4.50
C ASP E 132 21.74 -19.57 4.75
N THR E 133 20.47 -19.74 5.11
CA THR E 133 19.89 -21.05 5.42
C THR E 133 18.71 -21.30 4.51
N LEU E 134 18.60 -22.53 4.02
CA LEU E 134 17.52 -22.90 3.11
C LEU E 134 17.12 -24.33 3.36
N LYS E 135 15.87 -24.56 3.74
CA LYS E 135 15.36 -25.92 3.87
C LYS E 135 14.96 -26.43 2.50
N LYS E 136 15.53 -27.57 2.09
CA LYS E 136 15.22 -28.15 0.81
C LYS E 136 13.81 -28.73 0.80
N GLN F 10 -52.32 -32.20 14.00
CA GLN F 10 -51.32 -31.18 13.80
C GLN F 10 -50.01 -31.57 14.48
N ALA F 11 -50.09 -31.86 15.78
CA ALA F 11 -48.92 -32.37 16.48
C ALA F 11 -48.55 -33.74 15.96
N GLY F 12 -47.25 -34.00 15.84
CA GLY F 12 -46.78 -35.23 15.25
C GLY F 12 -46.68 -35.21 13.74
N ASP F 13 -47.00 -34.09 13.10
CA ASP F 13 -46.85 -33.99 11.66
C ASP F 13 -45.38 -34.01 11.27
N THR F 14 -45.07 -34.74 10.21
CA THR F 14 -43.73 -34.85 9.69
C THR F 14 -43.68 -34.28 8.27
N LEU F 15 -42.55 -34.45 7.60
CA LEU F 15 -42.45 -34.01 6.22
C LEU F 15 -43.44 -34.76 5.33
N ASN F 16 -43.81 -35.98 5.71
CA ASN F 16 -44.78 -36.74 4.92
C ASN F 16 -46.12 -36.04 4.90
N ASP F 17 -46.59 -35.56 6.05
CA ASP F 17 -47.86 -34.85 6.09
C ASP F 17 -47.80 -33.58 5.26
N VAL F 18 -46.69 -32.85 5.31
CA VAL F 18 -46.56 -31.64 4.52
C VAL F 18 -46.57 -31.95 3.04
N ILE F 19 -45.83 -32.99 2.63
CA ILE F 19 -45.73 -33.30 1.21
C ILE F 19 -47.03 -33.85 0.66
N GLN F 20 -47.81 -34.56 1.49
CA GLN F 20 -49.08 -35.10 1.01
C GLN F 20 -50.07 -34.00 0.69
N ASP F 21 -50.09 -32.92 1.46
CA ASP F 21 -51.04 -31.84 1.24
C ASP F 21 -50.49 -30.88 0.19
N PRO F 22 -51.17 -30.70 -0.95
CA PRO F 22 -50.61 -29.81 -1.98
C PRO F 22 -50.38 -28.39 -1.51
N THR F 23 -51.27 -27.85 -0.68
CA THR F 23 -51.08 -26.49 -0.19
C THR F 23 -49.84 -26.38 0.67
N ARG F 24 -49.68 -27.30 1.63
CA ARG F 24 -48.52 -27.28 2.49
C ARG F 24 -47.25 -27.61 1.72
N ARG F 25 -47.34 -28.53 0.76
CA ARG F 25 -46.17 -28.87 -0.04
C ARG F 25 -45.69 -27.66 -0.84
N ASN F 26 -46.62 -26.94 -1.46
CA ASN F 26 -46.24 -25.77 -2.23
C ASN F 26 -45.75 -24.65 -1.33
N LYS F 27 -46.30 -24.51 -0.13
CA LYS F 27 -45.77 -23.53 0.81
C LYS F 27 -44.33 -23.87 1.19
N LEU F 28 -44.05 -25.16 1.41
CA LEU F 28 -42.69 -25.58 1.72
C LEU F 28 -41.75 -25.29 0.55
N ILE F 29 -42.21 -25.57 -0.67
CA ILE F 29 -41.37 -25.32 -1.85
C ILE F 29 -41.09 -23.84 -2.01
N ASN F 30 -42.11 -23.00 -1.85
CA ASN F 30 -41.96 -21.58 -2.10
C ASN F 30 -41.14 -20.90 -1.01
N ASP F 31 -41.42 -21.23 0.26
CA ASP F 31 -40.74 -20.58 1.37
C ASP F 31 -39.28 -20.95 1.46
N ASN F 32 -38.84 -22.01 0.76
CA ASN F 32 -37.47 -22.46 0.81
C ASN F 32 -36.74 -22.30 -0.51
N ASN F 33 -37.36 -21.69 -1.51
CA ASN F 33 -36.72 -21.43 -2.80
C ASN F 33 -36.17 -22.72 -3.41
N LEU F 34 -36.96 -23.79 -3.33
CA LEU F 34 -36.49 -25.09 -3.78
C LEU F 34 -36.48 -25.22 -5.30
N LEU F 35 -37.16 -24.33 -6.02
CA LEU F 35 -37.17 -24.36 -7.47
C LEU F 35 -36.14 -23.41 -8.09
N LYS F 36 -35.30 -22.78 -7.28
CA LYS F 36 -34.40 -21.73 -7.74
C LYS F 36 -32.95 -22.13 -7.50
N GLY F 37 -32.08 -21.73 -8.41
CA GLY F 37 -30.66 -21.93 -8.24
C GLY F 37 -30.04 -20.94 -7.28
N ILE F 38 -28.80 -21.20 -6.92
CA ILE F 38 -28.10 -20.33 -6.00
C ILE F 38 -27.04 -19.60 -6.75
N ILE F 39 -27.04 -18.28 -6.64
CA ILE F 39 -26.06 -17.47 -7.30
C ILE F 39 -24.86 -17.32 -6.42
N MET F 40 -23.75 -17.93 -6.79
CA MET F 40 -22.52 -17.81 -6.05
C MET F 40 -21.87 -16.52 -6.46
N GLY F 41 -22.29 -15.43 -5.86
CA GLY F 41 -21.80 -14.13 -6.27
C GLY F 41 -21.02 -13.37 -5.23
N ARG F 42 -20.99 -12.05 -5.35
CA ARG F 42 -20.12 -11.28 -4.46
C ARG F 42 -20.66 -11.25 -3.04
N ASP F 43 -21.97 -11.44 -2.86
CA ASP F 43 -22.58 -11.40 -1.55
C ASP F 43 -22.69 -12.78 -0.90
N GLY F 44 -22.12 -13.82 -1.52
CA GLY F 44 -22.24 -15.15 -1.00
C GLY F 44 -23.29 -15.94 -1.74
N PRO F 45 -23.57 -17.16 -1.29
CA PRO F 45 -24.61 -17.96 -1.94
C PRO F 45 -26.01 -17.47 -1.61
N VAL F 46 -26.68 -16.88 -2.60
CA VAL F 46 -28.04 -16.39 -2.42
C VAL F 46 -28.91 -16.98 -3.52
N PRO F 47 -30.16 -17.34 -3.25
CA PRO F 47 -30.98 -17.95 -4.29
C PRO F 47 -31.38 -16.94 -5.35
N SER F 48 -31.58 -17.45 -6.56
CA SER F 48 -32.07 -16.62 -7.65
C SER F 48 -33.56 -16.33 -7.46
N SER F 49 -34.01 -15.20 -8.02
CA SER F 49 -35.41 -14.85 -7.97
C SER F 49 -36.23 -15.51 -9.07
N ARG F 50 -35.59 -16.21 -9.99
CA ARG F 50 -36.25 -16.85 -11.12
C ARG F 50 -36.23 -18.36 -10.96
N GLU F 51 -37.36 -19.00 -11.21
CA GLU F 51 -37.44 -20.44 -11.07
C GLU F 51 -36.64 -21.13 -12.16
N LEU F 52 -35.80 -22.07 -11.76
CA LEU F 52 -34.95 -22.82 -12.68
C LEU F 52 -35.62 -24.08 -13.20
N ILE F 53 -36.38 -24.77 -12.35
CA ILE F 53 -37.01 -26.03 -12.72
C ILE F 53 -38.51 -25.86 -12.65
N VAL F 54 -39.22 -26.79 -13.29
CA VAL F 54 -40.67 -26.82 -13.26
C VAL F 54 -41.13 -27.35 -11.91
N ARG F 55 -42.24 -26.82 -11.42
CA ARG F 55 -42.76 -27.23 -10.12
C ARG F 55 -43.13 -28.71 -10.16
N PRO F 56 -42.61 -29.54 -9.27
CA PRO F 56 -42.98 -30.95 -9.27
C PRO F 56 -44.35 -31.17 -8.63
N ASP F 57 -44.92 -32.34 -8.93
CA ASP F 57 -46.17 -32.75 -8.32
C ASP F 57 -45.97 -33.46 -6.98
N THR F 58 -44.74 -33.80 -6.63
CA THR F 58 -44.45 -34.44 -5.37
C THR F 58 -42.97 -34.28 -5.08
N LEU F 59 -42.57 -34.62 -3.85
CA LEU F 59 -41.19 -34.52 -3.42
C LEU F 59 -40.75 -35.83 -2.79
N ARG F 60 -39.55 -36.28 -3.14
CA ARG F 60 -38.95 -37.42 -2.49
C ARG F 60 -38.31 -36.99 -1.18
N ALA F 61 -38.73 -37.60 -0.08
CA ALA F 61 -38.29 -37.16 1.23
C ALA F 61 -38.08 -38.35 2.15
N ILE F 62 -37.26 -38.13 3.17
CA ILE F 62 -37.10 -39.05 4.29
C ILE F 62 -37.26 -38.27 5.58
N ILE F 63 -37.59 -38.97 6.65
CA ILE F 63 -37.86 -38.38 7.96
C ILE F 63 -36.66 -38.61 8.86
N ASN F 64 -36.31 -37.58 9.64
CA ASN F 64 -35.21 -37.67 10.61
C ASN F 64 -35.42 -36.59 11.65
N ASN F 65 -35.52 -36.98 12.91
CA ASN F 65 -35.82 -36.06 14.01
C ASN F 65 -34.76 -36.09 15.09
N ARG F 66 -33.53 -36.45 14.76
CA ARG F 66 -32.46 -36.61 15.74
C ARG F 66 -31.71 -35.29 15.89
N ALA F 67 -31.97 -34.58 16.98
CA ALA F 67 -31.31 -33.30 17.23
C ALA F 67 -29.92 -33.53 17.80
N THR F 68 -28.95 -32.73 17.34
CA THR F 68 -27.59 -32.96 17.77
C THR F 68 -26.69 -31.84 17.26
N ILE F 69 -25.45 -31.82 17.75
CA ILE F 69 -24.46 -30.83 17.33
C ILE F 69 -23.49 -31.50 16.37
N GLU F 70 -23.30 -30.89 15.20
CA GLU F 70 -22.40 -31.39 14.18
C GLU F 70 -21.37 -30.31 13.86
N THR F 71 -20.10 -30.68 13.82
CA THR F 71 -19.02 -29.73 13.55
C THR F 71 -18.30 -30.12 12.27
N THR F 72 -17.98 -29.12 11.45
CA THR F 72 -17.25 -29.33 10.21
C THR F 72 -16.16 -28.29 10.09
N THR F 73 -15.14 -28.62 9.30
CA THR F 73 -14.03 -27.72 9.03
C THR F 73 -13.76 -27.66 7.54
N MET F 74 -13.20 -26.54 7.10
CA MET F 74 -12.88 -26.32 5.69
C MET F 74 -11.58 -25.54 5.60
N GLU F 75 -10.74 -25.91 4.63
CA GLU F 75 -9.45 -25.28 4.45
C GLU F 75 -9.36 -24.40 3.20
N ALA F 76 -10.39 -24.41 2.36
CA ALA F 76 -10.39 -23.55 1.18
C ALA F 76 -10.51 -22.09 1.60
N GLU F 77 -10.05 -21.19 0.72
CA GLU F 77 -9.88 -19.80 1.10
C GLU F 77 -11.20 -19.04 1.11
N PHE F 78 -11.91 -19.04 -0.02
CA PHE F 78 -13.07 -18.17 -0.18
C PHE F 78 -14.39 -18.88 0.13
N THR F 79 -14.38 -19.84 1.05
CA THR F 79 -15.55 -20.65 1.35
C THR F 79 -16.22 -20.26 2.66
N GLU F 80 -15.94 -19.07 3.18
CA GLU F 80 -16.52 -18.66 4.46
C GLU F 80 -18.04 -18.63 4.38
N THR F 81 -18.58 -17.94 3.37
CA THR F 81 -20.03 -17.82 3.25
C THR F 81 -20.69 -19.15 2.91
N LEU F 82 -19.98 -20.02 2.20
CA LEU F 82 -20.52 -21.36 1.95
C LEU F 82 -20.63 -22.14 3.25
N MET F 83 -19.63 -22.04 4.12
CA MET F 83 -19.71 -22.68 5.43
C MET F 83 -20.82 -22.09 6.26
N GLU F 84 -21.01 -20.78 6.18
CA GLU F 84 -22.09 -20.13 6.93
C GLU F 84 -23.47 -20.56 6.46
N SER F 85 -23.58 -21.09 5.25
CA SER F 85 -24.84 -21.63 4.73
C SER F 85 -25.01 -23.10 5.00
N ASN F 86 -24.08 -23.73 5.72
CA ASN F 86 -24.18 -25.13 6.12
C ASN F 86 -24.08 -26.06 4.92
N TYR F 87 -23.19 -25.74 3.98
CA TYR F 87 -22.84 -26.66 2.92
C TYR F 87 -21.85 -27.70 3.43
N ASN F 88 -22.02 -28.95 3.01
CA ASN F 88 -21.08 -29.98 3.39
C ASN F 88 -19.86 -29.92 2.47
N SER F 89 -18.93 -30.85 2.66
CA SER F 89 -17.66 -30.80 1.95
C SER F 89 -17.86 -30.89 0.44
N ALA F 90 -18.69 -31.83 0.00
CA ALA F 90 -18.89 -32.01 -1.44
C ALA F 90 -19.55 -30.79 -2.07
N SER F 91 -20.57 -30.24 -1.40
CA SER F 91 -21.23 -29.05 -1.94
C SER F 91 -20.28 -27.86 -1.99
N VAL F 92 -19.47 -27.69 -0.94
CA VAL F 92 -18.49 -26.61 -0.94
C VAL F 92 -17.50 -26.80 -2.08
N LYS F 93 -17.07 -28.04 -2.31
CA LYS F 93 -16.13 -28.30 -3.39
C LYS F 93 -16.73 -27.97 -4.74
N VAL F 94 -18.01 -28.31 -4.94
CA VAL F 94 -18.66 -28.03 -6.22
C VAL F 94 -18.83 -26.53 -6.41
N SER F 95 -19.16 -25.81 -5.33
CA SER F 95 -19.47 -24.39 -5.44
C SER F 95 -18.24 -23.48 -5.35
N ALA F 96 -17.09 -24.01 -4.92
CA ALA F 96 -15.94 -23.13 -4.70
C ALA F 96 -15.48 -22.40 -5.94
N PRO F 97 -15.42 -23.00 -7.13
CA PRO F 97 -14.93 -22.23 -8.29
C PRO F 97 -15.72 -20.97 -8.56
N PHE F 98 -17.05 -21.04 -8.46
CA PHE F 98 -17.88 -19.87 -8.77
C PHE F 98 -17.69 -18.78 -7.72
N ILE F 99 -17.71 -19.16 -6.44
CA ILE F 99 -17.51 -18.18 -5.38
C ILE F 99 -16.15 -17.52 -5.51
N THR F 100 -15.12 -18.32 -5.79
CA THR F 100 -13.77 -17.77 -5.94
C THR F 100 -13.72 -16.80 -7.11
N ALA F 101 -14.32 -17.17 -8.24
CA ALA F 101 -14.29 -16.29 -9.41
C ALA F 101 -15.00 -14.97 -9.12
N ASN F 102 -16.13 -15.02 -8.41
CA ASN F 102 -16.95 -13.85 -8.20
C ASN F 102 -16.68 -13.14 -6.87
N SER F 103 -15.69 -13.58 -6.10
CA SER F 103 -15.44 -13.00 -4.80
C SER F 103 -14.78 -11.63 -4.93
N GLU F 104 -14.89 -10.84 -3.86
CA GLU F 104 -14.25 -9.54 -3.78
C GLU F 104 -12.90 -9.73 -3.09
N TYR F 105 -11.83 -9.51 -3.84
CA TYR F 105 -10.48 -9.77 -3.35
C TYR F 105 -9.94 -8.55 -2.59
N SER F 106 -9.06 -8.82 -1.64
CA SER F 106 -8.38 -7.77 -0.90
C SER F 106 -7.09 -8.35 -0.33
N GLU F 107 -6.14 -7.46 -0.06
CA GLU F 107 -4.86 -7.85 0.51
C GLU F 107 -4.87 -7.85 2.03
N SER F 108 -5.96 -7.40 2.66
CA SER F 108 -6.07 -7.35 4.10
C SER F 108 -6.88 -8.53 4.66
N SER F 109 -7.13 -9.55 3.86
CA SER F 109 -7.88 -10.70 4.33
C SER F 109 -7.12 -11.40 5.45
N SER F 110 -7.86 -11.80 6.48
CA SER F 110 -7.24 -12.51 7.61
C SER F 110 -6.84 -13.93 7.25
N PHE F 111 -7.44 -14.52 6.23
CA PHE F 111 -7.08 -15.87 5.82
C PHE F 111 -5.64 -15.91 5.35
N LYS F 112 -4.90 -16.92 5.81
CA LYS F 112 -3.50 -17.10 5.46
C LYS F 112 -3.28 -18.52 4.98
N ASN F 113 -2.55 -18.67 3.89
CA ASN F 113 -2.23 -19.99 3.34
C ASN F 113 -0.77 -20.06 2.90
N THR F 114 0.12 -19.46 3.70
CA THR F 114 1.54 -19.56 3.42
C THR F 114 2.03 -20.97 3.70
N GLU F 115 3.33 -21.19 3.48
CA GLU F 115 3.89 -22.51 3.71
C GLU F 115 4.20 -22.79 5.17
N THR F 116 4.16 -21.77 6.02
CA THR F 116 4.36 -21.95 7.45
C THR F 116 3.11 -21.72 8.27
N GLU F 117 2.07 -21.11 7.67
CA GLU F 117 0.83 -20.82 8.37
C GLU F 117 -0.33 -21.40 7.59
N LYS F 118 -1.37 -21.79 8.31
CA LYS F 118 -2.53 -22.45 7.73
C LYS F 118 -3.77 -21.93 8.43
N SER F 119 -4.79 -21.60 7.64
CA SER F 119 -6.04 -21.07 8.16
C SER F 119 -7.18 -22.02 7.79
N MET F 120 -8.18 -22.08 8.67
CA MET F 120 -9.32 -22.96 8.44
C MET F 120 -10.57 -22.38 9.08
N TYR F 121 -11.70 -22.63 8.43
CA TYR F 121 -13.01 -22.27 8.95
C TYR F 121 -13.62 -23.46 9.68
N THR F 122 -14.25 -23.19 10.82
CA THR F 122 -14.95 -24.20 11.59
C THR F 122 -16.38 -23.75 11.82
N SER F 123 -17.32 -24.69 11.68
CA SER F 123 -18.74 -24.40 11.87
C SER F 123 -19.38 -25.48 12.71
N SER F 124 -20.12 -25.08 13.73
CA SER F 124 -20.87 -25.98 14.59
C SER F 124 -22.34 -25.68 14.45
N ARG F 125 -23.13 -26.70 14.11
CA ARG F 125 -24.56 -26.56 13.89
C ARG F 125 -25.28 -27.39 14.94
N TYR F 126 -26.12 -26.73 15.73
CA TYR F 126 -27.06 -27.39 16.63
C TYR F 126 -28.34 -27.57 15.84
N LEU F 127 -28.59 -28.80 15.43
CA LEU F 127 -29.60 -29.14 14.44
C LEU F 127 -30.81 -29.78 15.10
N PHE F 128 -31.99 -29.35 14.66
CA PHE F 128 -33.28 -29.94 15.00
C PHE F 128 -33.90 -30.32 13.67
N PRO F 129 -33.58 -31.49 13.14
CA PRO F 129 -34.02 -31.86 11.79
C PRO F 129 -35.46 -32.35 11.76
N GLN F 130 -36.01 -32.33 10.55
CA GLN F 130 -37.28 -32.96 10.25
C GLN F 130 -37.18 -33.98 9.13
N GLY F 131 -36.13 -33.95 8.34
CA GLY F 131 -35.97 -34.88 7.25
C GLY F 131 -35.13 -34.26 6.14
N ARG F 132 -35.09 -34.96 5.03
CA ARG F 132 -34.31 -34.58 3.87
C ARG F 132 -35.17 -34.69 2.62
N ILE F 133 -34.92 -33.81 1.67
CA ILE F 133 -35.62 -33.79 0.38
C ILE F 133 -34.60 -33.94 -0.74
N ASP F 134 -34.94 -34.76 -1.72
CA ASP F 134 -34.03 -35.09 -2.81
C ASP F 134 -34.65 -34.69 -4.15
N PHE F 135 -33.78 -34.30 -5.08
CA PHE F 135 -34.16 -34.01 -6.45
C PHE F 135 -33.35 -34.91 -7.38
N THR F 136 -34.01 -35.42 -8.42
CA THR F 136 -33.37 -36.32 -9.37
C THR F 136 -32.75 -35.51 -10.50
N THR F 137 -31.44 -35.66 -10.67
CA THR F 137 -30.74 -34.98 -11.75
C THR F 137 -30.75 -35.82 -13.02
N PRO F 138 -30.57 -35.19 -14.18
CA PRO F 138 -30.55 -35.97 -15.43
C PRO F 138 -29.48 -37.04 -15.46
N ASP F 139 -28.32 -36.79 -14.85
CA ASP F 139 -27.24 -37.77 -14.88
C ASP F 139 -27.56 -39.01 -14.06
N SER F 140 -28.53 -38.93 -13.14
CA SER F 140 -28.89 -40.10 -12.34
C SER F 140 -29.50 -41.19 -13.20
N GLY F 141 -30.23 -40.82 -14.25
CA GLY F 141 -30.84 -41.79 -15.15
C GLY F 141 -32.24 -42.21 -14.77
N PHE F 142 -32.76 -41.79 -13.63
CA PHE F 142 -34.10 -42.16 -13.21
C PHE F 142 -35.13 -41.38 -14.01
N ASP F 143 -36.40 -41.80 -13.90
CA ASP F 143 -37.46 -41.30 -14.76
C ASP F 143 -38.18 -40.08 -14.19
N ASP F 144 -37.92 -39.70 -12.96
CA ASP F 144 -38.56 -38.54 -12.33
C ASP F 144 -37.61 -37.36 -12.27
N VAL F 145 -36.77 -37.21 -13.30
CA VAL F 145 -35.79 -36.13 -13.32
C VAL F 145 -36.50 -34.77 -13.21
N ILE F 146 -35.76 -33.79 -12.70
CA ILE F 146 -36.24 -32.41 -12.73
C ILE F 146 -36.26 -31.93 -14.17
N LYS F 147 -37.22 -31.04 -14.47
CA LYS F 147 -37.36 -30.47 -15.80
C LYS F 147 -36.99 -28.99 -15.72
N LEU F 148 -36.06 -28.57 -16.56
CA LEU F 148 -35.68 -27.17 -16.60
C LEU F 148 -36.86 -26.32 -17.09
N SER F 149 -37.04 -25.17 -16.47
CA SER F 149 -38.12 -24.29 -16.87
C SER F 149 -37.90 -23.84 -18.31
N PRO F 150 -38.95 -23.75 -19.13
CA PRO F 150 -38.75 -23.34 -20.53
C PRO F 150 -38.10 -21.98 -20.67
N GLN F 151 -38.28 -21.08 -19.70
CA GLN F 151 -37.62 -19.78 -19.78
C GLN F 151 -36.10 -19.92 -19.75
N PHE F 152 -35.58 -20.78 -18.87
CA PHE F 152 -34.14 -20.98 -18.80
C PHE F 152 -33.62 -21.61 -20.08
N THR F 153 -34.32 -22.61 -20.61
CA THR F 153 -33.88 -23.24 -21.85
C THR F 153 -33.87 -22.25 -23.01
N SER F 154 -34.91 -21.41 -23.08
CA SER F 154 -34.95 -20.38 -24.12
C SER F 154 -33.80 -19.39 -23.95
N GLY F 155 -33.49 -19.03 -22.70
CA GLY F 155 -32.37 -18.14 -22.47
C GLY F 155 -31.06 -18.74 -22.93
N VAL F 156 -30.85 -20.03 -22.65
CA VAL F 156 -29.63 -20.70 -23.09
C VAL F 156 -29.56 -20.72 -24.61
N GLN F 157 -30.68 -21.06 -25.27
CA GLN F 157 -30.70 -21.08 -26.72
C GLN F 157 -30.40 -19.71 -27.31
N ALA F 158 -30.98 -18.66 -26.72
CA ALA F 158 -30.73 -17.31 -27.21
C ALA F 158 -29.27 -16.92 -27.02
N ALA F 159 -28.69 -17.28 -25.87
CA ALA F 159 -27.28 -16.98 -25.65
C ALA F 159 -26.41 -17.69 -26.66
N LEU F 160 -26.71 -18.95 -26.96
CA LEU F 160 -25.90 -19.71 -27.90
C LEU F 160 -26.19 -19.37 -29.35
N ALA F 161 -27.25 -18.62 -29.63
CA ALA F 161 -27.60 -18.26 -31.00
C ALA F 161 -26.94 -16.96 -31.46
N LYS F 162 -26.19 -16.29 -30.60
CA LYS F 162 -25.59 -15.03 -30.97
C LYS F 162 -24.46 -15.25 -31.98
N ALA F 163 -24.02 -14.15 -32.60
CA ALA F 163 -23.10 -14.25 -33.73
C ALA F 163 -21.67 -14.51 -33.27
N THR F 164 -21.09 -13.60 -32.50
CA THR F 164 -19.70 -13.69 -32.10
C THR F 164 -19.56 -14.43 -30.78
N GLY F 165 -18.38 -15.03 -30.58
CA GLY F 165 -18.14 -15.76 -29.34
C GLY F 165 -18.23 -14.87 -28.11
N THR F 166 -17.75 -13.64 -28.23
CA THR F 166 -17.84 -12.72 -27.10
C THR F 166 -19.29 -12.43 -26.72
N GLU F 167 -20.16 -12.26 -27.72
CA GLU F 167 -21.57 -12.05 -27.43
C GLU F 167 -22.18 -13.26 -26.73
N LYS F 168 -21.86 -14.47 -27.20
CA LYS F 168 -22.36 -15.66 -26.55
C LYS F 168 -21.89 -15.73 -25.10
N ARG F 169 -20.62 -15.43 -24.86
CA ARG F 169 -20.09 -15.52 -23.50
C ARG F 169 -20.72 -14.48 -22.60
N GLU F 170 -20.95 -13.27 -23.10
CA GLU F 170 -21.62 -12.25 -22.29
C GLU F 170 -23.05 -12.66 -21.99
N ALA F 171 -23.76 -13.22 -22.97
CA ALA F 171 -25.12 -13.68 -22.72
C ALA F 171 -25.15 -14.77 -21.67
N LEU F 172 -24.22 -15.73 -21.76
CA LEU F 172 -24.17 -16.79 -20.76
C LEU F 172 -23.83 -16.25 -19.38
N GLN F 173 -22.91 -15.29 -19.31
CA GLN F 173 -22.58 -14.66 -18.03
C GLN F 173 -23.81 -14.04 -17.42
N ASN F 174 -24.57 -13.27 -18.19
CA ASN F 174 -25.79 -12.68 -17.67
C ASN F 174 -26.79 -13.75 -17.24
N LEU F 175 -26.96 -14.79 -18.05
CA LEU F 175 -27.93 -15.81 -17.75
C LEU F 175 -27.61 -16.50 -16.43
N PHE F 176 -26.34 -16.83 -16.21
CA PHE F 176 -26.00 -17.53 -14.97
C PHE F 176 -25.94 -16.58 -13.78
N GLN F 177 -25.67 -15.30 -13.99
CA GLN F 177 -25.79 -14.35 -12.90
C GLN F 177 -27.24 -14.18 -12.48
N GLU F 178 -28.17 -14.36 -13.41
CA GLU F 178 -29.59 -14.22 -13.08
C GLU F 178 -30.19 -15.50 -12.50
N TYR F 179 -29.92 -16.65 -13.11
CA TYR F 179 -30.54 -17.91 -12.70
C TYR F 179 -29.74 -18.64 -11.64
N GLY F 180 -28.43 -18.43 -11.59
CA GLY F 180 -27.58 -19.05 -10.58
C GLY F 180 -26.65 -20.08 -11.20
N HIS F 181 -25.68 -20.48 -10.38
CA HIS F 181 -24.61 -21.37 -10.84
C HIS F 181 -24.78 -22.80 -10.39
N VAL F 182 -25.42 -23.05 -9.25
CA VAL F 182 -25.65 -24.39 -8.76
C VAL F 182 -27.10 -24.54 -8.34
N PHE F 183 -27.55 -25.79 -8.28
CA PHE F 183 -28.89 -26.14 -7.84
C PHE F 183 -28.77 -27.17 -6.74
N ARG F 184 -29.44 -26.93 -5.62
CA ARG F 184 -29.38 -27.82 -4.47
C ARG F 184 -30.27 -29.02 -4.71
N THR F 185 -29.67 -30.21 -4.80
CA THR F 185 -30.41 -31.43 -5.07
C THR F 185 -30.65 -32.28 -3.84
N LYS F 186 -30.03 -31.93 -2.70
CA LYS F 186 -30.28 -32.61 -1.43
C LYS F 186 -30.25 -31.56 -0.34
N VAL F 187 -31.38 -31.33 0.32
CA VAL F 187 -31.50 -30.32 1.36
C VAL F 187 -32.15 -30.93 2.58
N HIS F 188 -31.69 -30.50 3.76
CA HIS F 188 -32.25 -30.93 5.03
C HIS F 188 -33.16 -29.83 5.56
N ILE F 189 -34.29 -30.26 6.13
CA ILE F 189 -35.33 -29.34 6.57
C ILE F 189 -35.39 -29.36 8.09
N GLY F 190 -35.82 -28.25 8.67
CA GLY F 190 -35.95 -28.16 10.11
C GLY F 190 -35.49 -26.83 10.68
N GLY F 191 -34.83 -26.87 11.84
CA GLY F 191 -34.27 -25.67 12.43
C GLY F 191 -32.82 -25.88 12.80
N VAL F 192 -32.09 -24.77 12.91
CA VAL F 192 -30.66 -24.86 13.20
C VAL F 192 -30.18 -23.60 13.91
N LEU F 193 -29.19 -23.78 14.77
CA LEU F 193 -28.43 -22.69 15.37
C LEU F 193 -26.96 -22.91 15.04
N SER F 194 -26.36 -22.00 14.29
CA SER F 194 -25.00 -22.20 13.80
C SER F 194 -24.04 -21.20 14.42
N ALA F 195 -22.83 -21.65 14.73
CA ALA F 195 -21.73 -20.79 15.15
C ALA F 195 -20.55 -21.05 14.24
N HIS F 196 -19.94 -19.98 13.75
CA HIS F 196 -18.87 -20.08 12.76
C HIS F 196 -17.67 -19.25 13.19
N THR F 197 -16.48 -19.78 12.92
CA THR F 197 -15.25 -19.12 13.31
C THR F 197 -14.15 -19.49 12.33
N MET F 198 -13.05 -18.73 12.38
CA MET F 198 -11.87 -19.00 11.58
C MET F 198 -10.64 -18.98 12.48
N GLU F 199 -9.73 -19.90 12.24
CA GLU F 199 -8.52 -20.03 13.06
C GLU F 199 -7.30 -20.15 12.15
N THR F 200 -6.26 -19.40 12.49
CA THR F 200 -4.97 -19.49 11.82
C THR F 200 -3.93 -20.01 12.79
N PHE F 201 -3.10 -20.95 12.32
CA PHE F 201 -2.09 -21.55 13.19
C PHE F 201 -0.92 -22.01 12.35
N SER F 202 0.23 -22.17 13.00
CA SER F 202 1.43 -22.60 12.31
C SER F 202 1.30 -24.08 11.90
N ARG F 203 1.87 -24.41 10.75
CA ARG F 203 1.85 -25.79 10.28
C ARG F 203 2.71 -26.70 11.13
N SER F 204 3.60 -26.14 11.98
CA SER F 204 4.42 -26.98 12.84
C SER F 204 3.61 -27.61 13.95
N GLU F 205 2.49 -26.99 14.34
CA GLU F 205 1.65 -27.54 15.38
C GLU F 205 0.92 -28.78 14.88
N ASN F 206 0.44 -29.58 15.83
CA ASN F 206 -0.31 -30.78 15.50
C ASN F 206 -1.70 -30.38 15.12
N GLU F 207 -2.09 -30.68 13.89
CA GLU F 207 -3.39 -30.21 13.42
C GLU F 207 -4.54 -30.83 14.21
N THR F 208 -4.40 -32.10 14.61
CA THR F 208 -5.49 -32.77 15.32
C THR F 208 -5.82 -32.05 16.62
N GLU F 209 -4.80 -31.67 17.39
CA GLU F 209 -5.04 -31.00 18.66
C GLU F 209 -5.71 -29.65 18.45
N VAL F 210 -5.25 -28.87 17.47
CA VAL F 210 -5.84 -27.57 17.21
C VAL F 210 -7.30 -27.72 16.80
N LYS F 211 -7.57 -28.67 15.91
CA LYS F 211 -8.95 -28.89 15.46
C LYS F 211 -9.83 -29.30 16.62
N GLN F 212 -9.35 -30.21 17.46
CA GLN F 212 -10.16 -30.65 18.60
C GLN F 212 -10.42 -29.51 19.56
N ASP F 213 -9.41 -28.67 19.81
CA ASP F 213 -9.59 -27.54 20.71
C ASP F 213 -10.64 -26.57 20.18
N VAL F 214 -10.52 -26.20 18.90
CA VAL F 214 -11.48 -25.27 18.32
C VAL F 214 -12.87 -25.88 18.30
N LYS F 215 -12.97 -27.17 17.98
CA LYS F 215 -14.27 -27.83 17.96
C LYS F 215 -14.91 -27.83 19.33
N ALA F 216 -14.14 -28.14 20.37
CA ALA F 216 -14.69 -28.14 21.73
C ALA F 216 -15.17 -26.74 22.09
N GLY F 217 -14.37 -25.72 21.80
CA GLY F 217 -14.80 -24.36 22.11
C GLY F 217 -16.09 -23.99 21.41
N LEU F 218 -16.16 -24.26 20.10
CA LEU F 218 -17.33 -23.86 19.33
C LEU F 218 -18.58 -24.65 19.74
N GLU F 219 -18.42 -25.95 20.00
CA GLU F 219 -19.56 -26.74 20.44
C GLU F 219 -20.05 -26.30 21.80
N GLY F 220 -19.14 -25.92 22.70
CA GLY F 220 -19.56 -25.31 23.94
C GLY F 220 -20.29 -24.00 23.70
N ALA F 221 -19.86 -23.25 22.70
CA ALA F 221 -20.53 -21.98 22.39
C ALA F 221 -21.97 -22.21 21.94
N VAL F 222 -22.18 -23.08 20.96
CA VAL F 222 -23.54 -23.33 20.48
C VAL F 222 -24.38 -23.98 21.57
N LYS F 223 -23.83 -24.96 22.26
CA LYS F 223 -24.50 -25.54 23.41
C LYS F 223 -24.67 -24.47 24.47
N GLY F 224 -25.81 -24.51 25.15
CA GLY F 224 -26.10 -23.45 26.10
C GLY F 224 -26.31 -22.11 25.42
N TRP F 225 -27.05 -22.09 24.32
CA TRP F 225 -27.45 -20.85 23.67
C TRP F 225 -28.80 -21.05 23.00
N GLN F 237 -22.24 -14.23 22.96
CA GLN F 237 -20.83 -14.20 23.33
C GLN F 237 -19.95 -14.21 22.09
N GLY F 238 -19.55 -13.03 21.64
CA GLY F 238 -18.86 -12.89 20.37
C GLY F 238 -17.42 -13.34 20.36
N THR F 239 -16.84 -13.61 21.53
CA THR F 239 -15.47 -14.10 21.62
C THR F 239 -15.42 -15.29 22.57
N ILE F 240 -14.73 -16.34 22.15
CA ILE F 240 -14.63 -17.57 22.93
C ILE F 240 -13.16 -17.85 23.20
N THR F 241 -12.90 -18.44 24.36
CA THR F 241 -11.56 -18.85 24.76
C THR F 241 -11.56 -20.37 24.92
N THR F 242 -10.67 -21.03 24.19
CA THR F 242 -10.58 -22.47 24.22
C THR F 242 -9.64 -22.91 25.34
N SER F 243 -9.46 -24.23 25.48
CA SER F 243 -8.57 -24.75 26.50
C SER F 243 -7.13 -24.30 26.25
N GLN F 244 -6.72 -24.27 24.99
CA GLN F 244 -5.38 -23.82 24.62
C GLN F 244 -5.28 -22.30 24.57
N ASN F 245 -6.23 -21.59 25.17
CA ASN F 245 -6.18 -20.12 25.23
C ASN F 245 -6.17 -19.50 23.84
N ARG F 246 -7.01 -20.02 22.96
CA ARG F 246 -7.21 -19.44 21.64
C ARG F 246 -8.42 -18.52 21.67
N LYS F 247 -8.24 -17.29 21.19
CA LYS F 247 -9.32 -16.32 21.13
C LYS F 247 -10.00 -16.44 19.77
N LEU F 248 -11.24 -16.91 19.76
CA LEU F 248 -11.99 -17.15 18.54
C LEU F 248 -13.14 -16.16 18.44
N ASN F 249 -13.25 -15.48 17.31
CA ASN F 249 -14.41 -14.65 17.03
C ASN F 249 -15.49 -15.53 16.41
N VAL F 250 -16.69 -15.47 17.00
CA VAL F 250 -17.77 -16.39 16.66
C VAL F 250 -18.93 -15.60 16.07
N LYS F 251 -19.41 -16.04 14.92
CA LYS F 251 -20.60 -15.50 14.28
C LYS F 251 -21.74 -16.47 14.48
N TYR F 252 -22.88 -15.97 14.97
CA TYR F 252 -24.04 -16.79 15.30
C TYR F 252 -25.14 -16.54 14.29
N ILE F 253 -25.74 -17.61 13.80
CA ILE F 253 -26.85 -17.55 12.87
C ILE F 253 -28.01 -18.36 13.44
N VAL F 254 -29.17 -17.73 13.53
CA VAL F 254 -30.37 -18.35 14.10
C VAL F 254 -31.34 -18.63 12.96
N ASN F 255 -31.66 -19.90 12.76
CA ASN F 255 -32.63 -20.35 11.77
C ASN F 255 -33.56 -21.36 12.41
N VAL F 256 -34.13 -20.99 13.55
CA VAL F 256 -35.06 -21.85 14.27
C VAL F 256 -36.09 -20.96 14.97
N VAL F 257 -37.35 -21.36 14.89
CA VAL F 257 -38.42 -20.62 15.53
C VAL F 257 -39.02 -21.45 16.65
N GLN F 274 -43.98 -26.44 14.52
CA GLN F 274 -44.95 -26.13 13.49
C GLN F 274 -44.30 -26.15 12.12
N SER F 275 -44.97 -26.79 11.16
CA SER F 275 -44.37 -27.02 9.86
C SER F 275 -44.24 -25.74 9.03
N GLU F 276 -45.00 -24.70 9.35
CA GLU F 276 -44.93 -23.46 8.59
C GLU F 276 -43.62 -22.72 8.77
N HIS F 277 -42.81 -23.10 9.75
CA HIS F 277 -41.55 -22.43 10.04
C HIS F 277 -40.33 -23.27 9.67
N TRP F 278 -40.53 -24.48 9.15
CA TRP F 278 -39.40 -25.32 8.78
C TRP F 278 -38.65 -24.69 7.62
N ARG F 279 -37.31 -24.70 7.70
CA ARG F 279 -36.45 -24.09 6.71
C ARG F 279 -35.34 -25.07 6.33
N VAL F 280 -34.60 -24.72 5.29
CA VAL F 280 -33.45 -25.52 4.87
C VAL F 280 -32.32 -25.27 5.86
N ILE F 281 -31.80 -26.33 6.46
CA ILE F 281 -30.80 -26.23 7.51
C ILE F 281 -29.46 -26.79 7.10
N GLU F 282 -29.35 -27.40 5.92
CA GLU F 282 -28.09 -27.97 5.47
C GLU F 282 -28.25 -28.42 4.04
N VAL F 283 -27.16 -28.31 3.27
CA VAL F 283 -27.13 -28.72 1.87
C VAL F 283 -26.13 -29.86 1.76
N THR F 284 -26.59 -31.01 1.30
CA THR F 284 -25.75 -32.19 1.19
C THR F 284 -25.30 -32.47 -0.24
N GLU F 285 -25.95 -31.89 -1.23
CA GLU F 285 -25.54 -32.08 -2.62
C GLU F 285 -26.02 -30.91 -3.46
N VAL F 286 -25.12 -30.37 -4.27
CA VAL F 286 -25.46 -29.37 -5.27
C VAL F 286 -24.89 -29.82 -6.60
N THR F 287 -25.61 -29.54 -7.68
CA THR F 287 -25.14 -29.83 -9.03
C THR F 287 -25.05 -28.53 -9.80
N ALA F 288 -23.96 -28.34 -10.53
CA ALA F 288 -23.80 -27.14 -11.34
C ALA F 288 -24.96 -27.02 -12.33
N VAL F 289 -25.47 -25.80 -12.49
CA VAL F 289 -26.62 -25.60 -13.36
C VAL F 289 -26.31 -26.05 -14.78
N ALA F 290 -25.10 -25.77 -15.25
CA ALA F 290 -24.72 -26.20 -16.59
C ALA F 290 -24.81 -27.72 -16.74
N ASP F 291 -24.58 -28.46 -15.65
CA ASP F 291 -24.68 -29.91 -15.70
C ASP F 291 -26.10 -30.42 -15.87
N LEU F 292 -27.10 -29.55 -15.71
CA LEU F 292 -28.48 -29.95 -15.92
C LEU F 292 -28.89 -29.90 -17.39
N LEU F 293 -28.12 -29.25 -18.24
CA LEU F 293 -28.47 -29.10 -19.64
C LEU F 293 -28.24 -30.40 -20.41
N PRO F 294 -28.93 -30.59 -21.54
CA PRO F 294 -28.64 -31.76 -22.37
C PRO F 294 -27.21 -31.75 -22.87
N GLN F 295 -26.68 -32.94 -23.12
CA GLN F 295 -25.23 -33.07 -23.36
C GLN F 295 -24.73 -32.23 -24.53
N PRO F 296 -25.34 -32.26 -25.72
CA PRO F 296 -24.78 -31.45 -26.82
C PRO F 296 -24.72 -29.97 -26.48
N ILE F 297 -25.72 -29.45 -25.76
CA ILE F 297 -25.66 -28.06 -25.33
C ILE F 297 -24.78 -27.90 -24.10
N ARG F 298 -24.73 -28.92 -23.24
CA ARG F 298 -23.91 -28.83 -22.04
C ARG F 298 -22.44 -28.65 -22.39
N GLY F 299 -21.94 -29.44 -23.34
CA GLY F 299 -20.55 -29.30 -23.73
C GLY F 299 -20.23 -27.93 -24.28
N GLN F 300 -21.10 -27.41 -25.14
CA GLN F 300 -20.88 -26.09 -25.71
C GLN F 300 -20.88 -25.02 -24.63
N VAL F 301 -21.84 -25.08 -23.71
CA VAL F 301 -21.91 -24.08 -22.65
C VAL F 301 -20.65 -24.14 -21.78
N LYS F 302 -20.22 -25.35 -21.43
CA LYS F 302 -19.04 -25.49 -20.60
C LYS F 302 -17.79 -24.96 -21.32
N ASP F 303 -17.66 -25.24 -22.62
CA ASP F 303 -16.54 -24.70 -23.37
C ASP F 303 -16.57 -23.18 -23.40
N LEU F 304 -17.74 -22.60 -23.62
CA LEU F 304 -17.84 -21.15 -23.70
C LEU F 304 -17.62 -20.47 -22.35
N LEU F 305 -17.64 -21.23 -21.26
CA LEU F 305 -17.43 -20.65 -19.93
C LEU F 305 -15.96 -20.68 -19.51
N LYS F 306 -15.08 -21.24 -20.31
CA LYS F 306 -13.66 -21.27 -19.96
C LYS F 306 -13.09 -19.86 -20.02
N PRO F 307 -12.45 -19.37 -18.95
CA PRO F 307 -12.02 -17.96 -18.95
C PRO F 307 -10.96 -17.61 -19.97
N LEU F 308 -10.20 -18.58 -20.49
CA LEU F 308 -9.05 -18.27 -21.34
C LEU F 308 -9.05 -19.14 -22.58
N LEU F 309 -8.57 -18.57 -23.68
CA LEU F 309 -8.20 -19.33 -24.86
C LEU F 309 -6.71 -19.60 -24.82
N GLY F 310 -6.32 -20.81 -25.19
CA GLY F 310 -4.94 -21.25 -25.10
C GLY F 310 -4.32 -21.47 -26.47
N LYS F 311 -3.01 -21.29 -26.54
CA LYS F 311 -2.26 -21.52 -27.78
C LYS F 311 -0.85 -21.93 -27.41
N TRP F 312 -0.25 -22.77 -28.25
CA TRP F 312 1.12 -23.23 -28.06
C TRP F 312 2.02 -22.55 -29.09
N VAL F 313 3.16 -22.02 -28.64
CA VAL F 313 4.09 -21.32 -29.50
C VAL F 313 5.49 -21.85 -29.26
N ASP F 314 6.42 -21.46 -30.14
CA ASP F 314 7.80 -21.88 -30.03
C ASP F 314 8.55 -21.00 -29.03
N VAL F 315 9.68 -21.52 -28.55
CA VAL F 315 10.43 -20.87 -27.48
C VAL F 315 11.85 -20.58 -27.95
N GLU F 316 12.47 -19.61 -27.30
CA GLU F 316 13.85 -19.23 -27.53
C GLU F 316 14.56 -19.14 -26.19
N LYS F 317 15.81 -19.57 -26.16
CA LYS F 317 16.61 -19.52 -24.95
C LYS F 317 16.96 -18.08 -24.61
N VAL F 318 16.78 -17.71 -23.35
CA VAL F 318 17.09 -16.34 -22.93
C VAL F 318 18.61 -16.14 -22.97
N PRO F 319 19.10 -15.07 -23.59
CA PRO F 319 20.55 -14.87 -23.66
C PRO F 319 21.16 -14.66 -22.28
N GLY F 320 22.42 -15.08 -22.15
CA GLY F 320 23.10 -14.97 -20.87
C GLY F 320 22.65 -16.05 -19.92
N LEU F 321 22.70 -15.72 -18.62
CA LEU F 321 22.25 -16.64 -17.58
C LEU F 321 22.98 -17.97 -17.65
N GLU F 322 24.27 -17.93 -18.02
CA GLU F 322 25.06 -19.15 -18.05
C GLU F 322 25.37 -19.67 -16.66
N SER F 323 25.21 -18.84 -15.63
CA SER F 323 25.46 -19.29 -14.27
C SER F 323 24.42 -20.31 -13.82
N LEU F 324 23.17 -20.13 -14.22
CA LEU F 324 22.10 -20.96 -13.72
C LEU F 324 22.26 -22.40 -14.23
N PRO F 325 21.79 -23.38 -13.45
CA PRO F 325 21.97 -24.79 -13.84
C PRO F 325 21.03 -25.26 -14.94
N VAL F 326 20.05 -24.45 -15.34
CA VAL F 326 19.10 -24.82 -16.37
C VAL F 326 18.99 -23.66 -17.37
N SER F 327 18.48 -23.99 -18.55
CA SER F 327 18.26 -23.00 -19.60
C SER F 327 16.88 -22.37 -19.43
N VAL F 328 16.82 -21.05 -19.57
CA VAL F 328 15.58 -20.30 -19.44
C VAL F 328 15.05 -20.02 -20.85
N TYR F 329 13.76 -20.26 -21.04
CA TYR F 329 13.13 -20.12 -22.34
C TYR F 329 11.94 -19.17 -22.25
N ARG F 330 11.72 -18.44 -23.34
CA ARG F 330 10.63 -17.48 -23.44
C ARG F 330 9.94 -17.64 -24.78
N PRO F 331 8.72 -17.15 -24.92
CA PRO F 331 8.06 -17.20 -26.23
C PRO F 331 8.92 -16.54 -27.29
N LYS F 332 9.06 -17.19 -28.43
CA LYS F 332 9.88 -16.69 -29.51
C LYS F 332 9.08 -15.76 -30.41
N GLY F 333 9.68 -14.62 -30.75
CA GLY F 333 9.03 -13.67 -31.63
C GLY F 333 8.02 -12.82 -30.90
N ALA F 334 7.36 -11.96 -31.67
CA ALA F 334 6.35 -11.07 -31.12
C ALA F 334 5.11 -11.84 -30.72
N ILE F 335 4.53 -11.47 -29.59
CA ILE F 335 3.29 -12.09 -29.14
C ILE F 335 2.12 -11.50 -29.93
N PRO F 336 1.25 -12.32 -30.52
CA PRO F 336 0.12 -11.75 -31.28
C PRO F 336 -0.72 -10.83 -30.42
N ALA F 337 -1.23 -9.78 -31.05
CA ALA F 337 -2.00 -8.79 -30.31
C ALA F 337 -3.17 -9.43 -29.59
N GLY F 338 -3.36 -9.04 -28.32
CA GLY F 338 -4.43 -9.58 -27.50
C GLY F 338 -4.07 -10.85 -26.76
N TRP F 339 -2.90 -11.43 -27.01
CA TRP F 339 -2.44 -12.64 -26.34
C TRP F 339 -1.35 -12.28 -25.34
N PHE F 340 -1.22 -13.12 -24.31
CA PHE F 340 -0.29 -12.87 -23.23
C PHE F 340 0.42 -14.17 -22.87
N TRP F 341 1.59 -14.04 -22.28
CA TRP F 341 2.38 -15.16 -21.78
C TRP F 341 2.43 -15.09 -20.26
N LEU F 342 2.84 -16.20 -19.65
CA LEU F 342 2.67 -16.39 -18.22
C LEU F 342 3.97 -16.46 -17.44
N GLY F 343 5.13 -16.54 -18.10
CA GLY F 343 6.39 -16.49 -17.38
C GLY F 343 7.47 -17.37 -17.97
N ASP F 344 8.69 -17.24 -17.43
CA ASP F 344 9.82 -18.02 -17.92
C ASP F 344 9.70 -19.46 -17.46
N THR F 345 10.17 -20.37 -18.31
CA THR F 345 10.04 -21.81 -18.06
C THR F 345 11.31 -22.52 -18.47
N ALA F 346 11.45 -23.75 -17.99
CA ALA F 346 12.55 -24.63 -18.38
C ALA F 346 12.20 -25.53 -19.54
N ASP F 347 11.01 -25.38 -20.13
CA ASP F 347 10.59 -26.20 -21.25
C ASP F 347 11.20 -25.65 -22.53
N ALA F 348 12.00 -26.47 -23.22
CA ALA F 348 12.66 -26.06 -24.44
C ALA F 348 11.81 -26.27 -25.68
N SER F 349 10.62 -26.85 -25.55
CA SER F 349 9.79 -27.19 -26.70
C SER F 349 8.81 -26.07 -27.04
N LYS F 350 7.95 -25.72 -26.10
CA LYS F 350 6.84 -24.82 -26.41
C LYS F 350 6.49 -23.98 -25.19
N ALA F 351 5.75 -22.91 -25.44
CA ALA F 351 5.24 -22.04 -24.39
C ALA F 351 3.74 -21.84 -24.62
N LEU F 352 3.05 -21.49 -23.54
CA LEU F 352 1.61 -21.33 -23.55
C LEU F 352 1.24 -19.85 -23.56
N LEU F 353 0.43 -19.45 -24.52
CA LEU F 353 -0.14 -18.12 -24.59
C LEU F 353 -1.63 -18.19 -24.28
N VAL F 354 -2.14 -17.21 -23.55
CA VAL F 354 -3.53 -17.20 -23.11
C VAL F 354 -4.15 -15.86 -23.48
N LYS F 355 -5.43 -15.90 -23.86
CA LYS F 355 -6.18 -14.69 -24.16
C LYS F 355 -7.49 -14.71 -23.38
N PRO F 356 -7.82 -13.63 -22.67
CA PRO F 356 -9.11 -13.60 -21.97
C PRO F 356 -10.27 -13.72 -22.93
N THR F 357 -11.33 -14.40 -22.49
CA THR F 357 -12.52 -14.59 -23.31
C THR F 357 -13.61 -13.58 -23.04
N LEU F 358 -13.57 -12.88 -21.91
CA LEU F 358 -14.58 -11.91 -21.55
C LEU F 358 -13.96 -10.52 -21.47
N PRO F 359 -14.57 -9.50 -22.09
CA PRO F 359 -14.05 -8.14 -21.95
C PRO F 359 -14.12 -7.66 -20.50
N ALA F 360 -13.20 -6.78 -20.15
CA ALA F 360 -13.20 -6.21 -18.80
C ALA F 360 -14.44 -5.36 -18.59
N ARG F 361 -15.04 -5.50 -17.41
CA ARG F 361 -16.21 -4.71 -17.04
C ARG F 361 -16.16 -4.43 -15.55
N SER F 362 -16.65 -3.27 -15.15
CA SER F 362 -16.69 -2.92 -13.75
C SER F 362 -17.55 -3.90 -12.98
N GLY F 363 -17.09 -4.29 -11.78
CA GLY F 363 -17.79 -5.25 -10.98
C GLY F 363 -17.53 -6.70 -11.35
N ARG F 364 -16.56 -6.96 -12.20
CA ARG F 364 -16.22 -8.32 -12.63
C ARG F 364 -14.72 -8.51 -12.51
N ASN F 365 -14.32 -9.65 -11.97
CA ASN F 365 -12.91 -9.95 -11.79
C ASN F 365 -12.29 -10.38 -13.12
N PRO F 366 -11.28 -9.68 -13.62
CA PRO F 366 -10.62 -10.13 -14.86
C PRO F 366 -9.90 -11.45 -14.65
N ALA F 367 -9.80 -12.22 -15.73
CA ALA F 367 -9.07 -13.48 -15.66
C ALA F 367 -7.57 -13.25 -15.47
N LEU F 368 -7.05 -12.15 -15.98
CA LEU F 368 -5.63 -11.84 -15.93
C LEU F 368 -5.41 -10.48 -15.29
N THR F 369 -4.20 -10.27 -14.78
CA THR F 369 -3.83 -9.01 -14.16
C THR F 369 -2.51 -8.52 -14.74
N SER F 370 -2.37 -7.19 -14.79
CA SER F 370 -1.12 -6.58 -15.19
C SER F 370 -0.14 -6.55 -14.01
N LEU F 371 1.14 -6.50 -14.35
CA LEU F 371 2.21 -6.48 -13.37
C LEU F 371 2.96 -5.16 -13.45
N HIS F 372 3.46 -4.71 -12.29
CA HIS F 372 4.20 -3.45 -12.20
C HIS F 372 5.54 -3.67 -11.51
N GLN F 373 6.49 -2.81 -11.81
CA GLN F 373 7.82 -2.93 -11.25
C GLN F 373 7.80 -2.69 -9.74
N GLY F 374 8.71 -3.37 -9.04
CA GLY F 374 8.76 -3.29 -7.60
C GLY F 374 9.25 -1.94 -7.11
N SER F 375 9.01 -1.69 -5.81
CA SER F 375 9.29 -0.38 -5.25
C SER F 375 10.79 -0.09 -5.19
N GLY F 376 11.57 -1.02 -4.64
CA GLY F 376 12.98 -0.75 -4.46
C GLY F 376 13.86 -1.97 -4.24
N MET F 377 15.10 -1.90 -4.74
CA MET F 377 16.08 -2.97 -4.59
C MET F 377 15.58 -4.28 -5.15
N THR F 378 14.62 -4.23 -6.07
CA THR F 378 14.11 -5.43 -6.72
C THR F 378 13.67 -5.06 -8.12
N GLU F 379 13.90 -5.96 -9.06
CA GLU F 379 13.47 -5.79 -10.44
C GLU F 379 12.51 -6.91 -10.84
N GLN F 380 11.61 -7.27 -9.93
CA GLN F 380 10.64 -8.33 -10.14
C GLN F 380 9.23 -7.74 -10.22
N PRO F 381 8.33 -8.40 -10.96
CA PRO F 381 6.97 -7.87 -11.08
C PRO F 381 6.16 -8.06 -9.80
N PHE F 382 5.14 -7.21 -9.67
CA PHE F 382 4.15 -7.31 -8.61
C PHE F 382 2.76 -7.25 -9.24
N VAL F 383 1.86 -8.11 -8.77
CA VAL F 383 0.51 -8.14 -9.32
C VAL F 383 -0.22 -6.86 -8.98
N ASP F 384 -0.91 -6.30 -9.97
CA ASP F 384 -1.69 -5.07 -9.74
C ASP F 384 -2.93 -5.36 -8.90
N LEU F 385 -3.65 -6.41 -9.23
CA LEU F 385 -4.89 -6.75 -8.53
C LEU F 385 -4.58 -7.65 -7.35
N PRO F 386 -5.10 -7.34 -6.16
CA PRO F 386 -4.75 -8.14 -4.98
C PRO F 386 -5.20 -9.58 -5.12
N GLN F 387 -4.41 -10.48 -4.53
CA GLN F 387 -4.66 -11.92 -4.45
C GLN F 387 -4.44 -12.64 -5.77
N TYR F 388 -4.05 -11.94 -6.83
CA TYR F 388 -3.67 -12.61 -8.06
C TYR F 388 -2.26 -13.18 -7.93
N GLN F 389 -1.89 -14.04 -8.88
CA GLN F 389 -0.61 -14.73 -8.81
C GLN F 389 -0.06 -14.96 -10.19
N TYR F 390 1.26 -14.85 -10.32
CA TYR F 390 1.98 -15.29 -11.51
C TYR F 390 2.82 -16.51 -11.17
N LEU F 391 3.32 -17.18 -12.20
CA LEU F 391 3.87 -18.52 -12.04
C LEU F 391 5.39 -18.57 -12.00
N SER F 392 6.08 -17.53 -12.46
CA SER F 392 7.53 -17.57 -12.57
C SER F 392 8.13 -16.27 -12.05
N THR F 393 9.39 -16.35 -11.64
CA THR F 393 10.16 -15.15 -11.39
C THR F 393 10.75 -14.66 -12.70
N TYR F 394 10.86 -13.33 -12.82
CA TYR F 394 11.37 -12.73 -14.05
C TYR F 394 12.90 -12.80 -14.04
N PHE F 395 13.46 -13.40 -15.08
CA PHE F 395 14.92 -13.54 -15.19
C PHE F 395 15.46 -12.40 -16.03
N GLY F 396 15.58 -11.26 -15.40
CA GLY F 396 16.05 -10.05 -16.05
C GLY F 396 15.46 -8.83 -15.35
N SER F 397 15.33 -7.75 -16.11
CA SER F 397 14.72 -6.52 -15.63
C SER F 397 13.33 -6.41 -16.24
N PHE F 398 12.32 -6.33 -15.38
CA PHE F 398 10.94 -6.30 -15.83
C PHE F 398 10.47 -4.86 -16.00
N ALA F 399 9.99 -4.53 -17.19
CA ALA F 399 9.37 -3.25 -17.47
C ALA F 399 8.00 -3.53 -18.08
N HIS F 400 6.95 -2.97 -17.48
CA HIS F 400 5.60 -3.21 -17.97
C HIS F 400 5.25 -2.33 -19.16
N ASP F 401 6.09 -1.35 -19.49
CA ASP F 401 5.83 -0.47 -20.62
C ASP F 401 6.42 -0.97 -21.93
N THR F 402 7.31 -1.94 -21.90
CA THR F 402 7.97 -2.43 -23.10
C THR F 402 7.97 -3.94 -23.12
N PRO F 403 8.03 -4.56 -24.30
CA PRO F 403 8.00 -6.02 -24.38
C PRO F 403 9.32 -6.60 -23.91
N PRO F 404 9.33 -7.88 -23.51
CA PRO F 404 8.20 -8.81 -23.46
C PRO F 404 7.42 -8.68 -22.16
N GLY F 405 7.82 -7.78 -21.27
CA GLY F 405 7.13 -7.63 -20.00
C GLY F 405 5.78 -6.97 -20.13
N SER F 406 5.50 -6.31 -21.25
CA SER F 406 4.20 -5.68 -21.45
C SER F 406 3.09 -6.69 -21.62
N THR F 407 3.41 -7.92 -22.04
CA THR F 407 2.43 -8.97 -22.25
C THR F 407 2.50 -10.07 -21.20
N LEU F 408 3.25 -9.86 -20.12
CA LEU F 408 3.30 -10.80 -19.01
C LEU F 408 2.14 -10.50 -18.07
N ARG F 409 1.41 -11.54 -17.67
CA ARG F 409 0.19 -11.38 -16.90
C ARG F 409 0.14 -12.37 -15.75
N GLY F 410 -0.51 -11.93 -14.66
CA GLY F 410 -0.86 -12.81 -13.56
C GLY F 410 -2.22 -13.46 -13.79
N LEU F 411 -2.62 -14.28 -12.82
CA LEU F 411 -3.81 -15.11 -12.95
C LEU F 411 -4.75 -14.87 -11.78
N ARG F 412 -6.05 -14.99 -12.06
CA ARG F 412 -7.05 -14.91 -11.01
C ARG F 412 -6.91 -16.10 -10.06
N PRO F 413 -7.15 -15.91 -8.76
CA PRO F 413 -6.84 -17.00 -7.81
C PRO F 413 -7.55 -18.30 -8.11
N ASP F 414 -8.71 -18.28 -8.77
CA ASP F 414 -9.40 -19.53 -9.08
C ASP F 414 -8.75 -20.28 -10.23
N HIS F 415 -7.77 -19.69 -10.92
CA HIS F 415 -7.15 -20.33 -12.08
C HIS F 415 -6.04 -21.29 -11.72
N VAL F 416 -5.53 -21.27 -10.49
CA VAL F 416 -4.27 -21.92 -10.16
C VAL F 416 -4.44 -22.82 -8.95
N LEU F 417 -3.55 -23.81 -8.86
CA LEU F 417 -3.45 -24.72 -7.75
C LEU F 417 -2.00 -24.83 -7.31
N PRO F 418 -1.73 -25.14 -6.04
CA PRO F 418 -0.33 -25.26 -5.61
C PRO F 418 0.40 -26.35 -6.39
N GLY F 419 1.67 -26.08 -6.69
CA GLY F 419 2.53 -27.02 -7.35
C GLY F 419 3.59 -27.58 -6.41
N ARG F 420 4.56 -28.27 -7.01
CA ARG F 420 5.68 -28.83 -6.26
C ARG F 420 6.99 -28.41 -6.91
N TYR F 421 8.00 -28.19 -6.08
CA TYR F 421 9.29 -27.72 -6.56
C TYR F 421 10.23 -28.89 -6.86
N GLU F 422 11.08 -28.69 -7.85
CA GLU F 422 12.24 -29.54 -8.09
C GLU F 422 13.46 -28.65 -8.17
N MET F 423 14.41 -28.83 -7.25
CA MET F 423 15.56 -27.94 -7.17
C MET F 423 16.66 -28.38 -8.11
N HIS F 424 17.29 -27.42 -8.76
CA HIS F 424 18.48 -27.63 -9.58
C HIS F 424 19.56 -26.67 -9.12
N GLY F 425 20.79 -27.16 -9.03
CA GLY F 425 21.90 -26.34 -8.63
C GLY F 425 22.53 -26.78 -7.31
N ASP F 426 23.85 -26.63 -7.20
CA ASP F 426 24.59 -27.09 -6.04
C ASP F 426 24.80 -26.01 -4.98
N THR F 427 24.40 -24.77 -5.25
CA THR F 427 24.60 -23.68 -4.33
C THR F 427 23.32 -22.87 -4.20
N ILE F 428 23.18 -22.19 -3.06
CA ILE F 428 21.99 -21.40 -2.81
C ILE F 428 21.88 -20.28 -3.83
N SER F 429 23.00 -19.63 -4.16
CA SER F 429 22.95 -18.46 -5.02
C SER F 429 22.57 -18.81 -6.45
N THR F 430 22.82 -20.04 -6.89
CA THR F 430 22.54 -20.46 -8.25
C THR F 430 21.38 -21.45 -8.34
N ALA F 431 20.77 -21.83 -7.23
CA ALA F 431 19.71 -22.82 -7.26
C ALA F 431 18.44 -22.23 -7.87
N VAL F 432 17.71 -23.06 -8.61
CA VAL F 432 16.43 -22.68 -9.20
C VAL F 432 15.44 -23.81 -9.01
N TYR F 433 14.20 -23.45 -8.68
CA TYR F 433 13.10 -24.40 -8.63
C TYR F 433 12.43 -24.48 -9.99
N VAL F 434 12.11 -25.69 -10.41
CA VAL F 434 11.19 -25.94 -11.51
C VAL F 434 9.88 -26.40 -10.90
N THR F 435 8.80 -25.69 -11.20
CA THR F 435 7.49 -26.02 -10.67
C THR F 435 6.84 -27.09 -11.54
N ARG F 436 6.37 -28.15 -10.89
CA ARG F 436 5.68 -29.23 -11.57
C ARG F 436 4.29 -29.41 -10.96
N PRO F 437 3.33 -29.87 -11.75
CA PRO F 437 1.98 -30.10 -11.20
C PRO F 437 1.99 -31.21 -10.16
N VAL F 438 1.09 -31.09 -9.21
CA VAL F 438 0.86 -32.17 -8.24
C VAL F 438 -0.02 -33.21 -8.91
N ASP F 439 0.49 -34.44 -9.03
CA ASP F 439 -0.26 -35.49 -9.69
C ASP F 439 -1.56 -35.76 -8.96
N VAL F 440 -2.65 -35.85 -9.71
CA VAL F 440 -3.97 -36.13 -9.16
C VAL F 440 -4.62 -37.24 -9.97
N PRO F 441 -5.50 -38.05 -9.39
CA PRO F 441 -6.16 -39.10 -10.19
C PRO F 441 -7.32 -38.59 -11.03
N PHE F 442 -7.91 -37.46 -10.68
CA PHE F 442 -9.10 -36.95 -11.36
C PHE F 442 -8.71 -35.90 -12.38
N PRO F 443 -9.18 -35.98 -13.64
CA PRO F 443 -8.84 -34.95 -14.61
C PRO F 443 -9.31 -33.56 -14.22
N GLU F 444 -10.29 -33.45 -13.34
CA GLU F 444 -10.84 -32.15 -12.97
C GLU F 444 -9.82 -31.26 -12.29
N ASP F 445 -8.77 -31.83 -11.71
CA ASP F 445 -7.77 -31.06 -10.97
C ASP F 445 -6.42 -31.03 -11.65
N GLU F 446 -6.31 -31.55 -12.88
CA GLU F 446 -5.03 -31.53 -13.56
C GLU F 446 -4.59 -30.10 -13.85
N CYS F 447 -3.28 -29.89 -13.80
CA CYS F 447 -2.68 -28.59 -14.07
C CYS F 447 -1.65 -28.74 -15.17
N PHE F 448 -1.42 -27.64 -15.89
CA PHE F 448 -0.45 -27.64 -16.97
C PHE F 448 0.95 -27.88 -16.42
N ASP F 449 1.73 -28.65 -17.16
CA ASP F 449 3.15 -28.87 -16.83
C ASP F 449 4.00 -27.88 -17.63
N LEU F 450 3.95 -26.63 -17.20
CA LEU F 450 4.68 -25.56 -17.88
C LEU F 450 6.14 -25.49 -17.47
N LYS F 451 6.53 -26.14 -16.38
CA LYS F 451 7.90 -26.09 -15.89
C LYS F 451 8.32 -24.66 -15.59
N SER F 452 7.47 -23.94 -14.86
CA SER F 452 7.78 -22.58 -14.47
C SER F 452 9.04 -22.54 -13.63
N LEU F 453 9.85 -21.50 -13.83
CA LEU F 453 11.12 -21.35 -13.14
C LEU F 453 10.99 -20.31 -12.05
N VAL F 454 11.49 -20.66 -10.86
CA VAL F 454 11.51 -19.76 -9.70
C VAL F 454 12.94 -19.67 -9.21
N ARG F 455 13.42 -18.46 -8.99
CA ARG F 455 14.76 -18.28 -8.45
C ARG F 455 14.75 -18.55 -6.95
N VAL F 456 15.61 -19.47 -6.51
CA VAL F 456 15.60 -19.86 -5.10
C VAL F 456 15.94 -18.67 -4.22
N LYS F 457 16.98 -17.93 -4.58
CA LYS F 457 17.43 -16.77 -3.80
C LYS F 457 17.55 -15.59 -4.75
N LEU F 458 16.57 -14.71 -4.73
CA LEU F 458 16.62 -13.52 -5.57
C LEU F 458 17.57 -12.49 -4.96
N PRO F 459 18.47 -11.90 -5.74
CA PRO F 459 19.33 -10.85 -5.19
C PRO F 459 18.52 -9.62 -4.79
N GLY F 460 19.10 -8.84 -3.90
CA GLY F 460 18.45 -7.63 -3.43
C GLY F 460 17.47 -7.89 -2.32
N SER F 461 16.63 -6.89 -2.06
CA SER F 461 15.65 -6.95 -0.99
C SER F 461 14.32 -6.40 -1.50
N GLY F 462 13.27 -6.63 -0.73
CA GLY F 462 11.95 -6.19 -1.13
C GLY F 462 11.35 -6.98 -2.26
N ASN F 463 11.82 -8.21 -2.48
CA ASN F 463 11.28 -9.03 -3.54
C ASN F 463 9.87 -9.50 -3.19
N PRO F 464 9.05 -9.82 -4.19
CA PRO F 464 7.72 -10.35 -3.92
C PRO F 464 7.78 -11.79 -3.45
N PRO F 465 6.68 -12.33 -2.91
CA PRO F 465 6.69 -13.72 -2.48
C PRO F 465 6.95 -14.66 -3.66
N LYS F 466 7.65 -15.76 -3.37
CA LYS F 466 8.00 -16.70 -4.42
C LYS F 466 6.74 -17.36 -4.96
N PRO F 467 6.54 -17.40 -6.28
CA PRO F 467 5.41 -18.15 -6.82
C PRO F 467 5.58 -19.64 -6.63
N ARG F 468 4.46 -20.33 -6.49
CA ARG F 468 4.47 -21.79 -6.33
C ARG F 468 3.34 -22.46 -7.09
N SER F 469 2.60 -21.75 -7.93
CA SER F 469 1.34 -22.22 -8.47
C SER F 469 1.52 -22.87 -9.83
N ALA F 470 0.47 -23.57 -10.25
CA ALA F 470 0.36 -24.15 -11.58
C ALA F 470 -1.03 -23.88 -12.10
N LEU F 471 -1.17 -23.82 -13.42
CA LEU F 471 -2.41 -23.40 -14.06
C LEU F 471 -3.32 -24.59 -14.30
N LYS F 472 -4.58 -24.46 -13.91
CA LYS F 472 -5.55 -25.52 -14.12
C LYS F 472 -5.84 -25.71 -15.61
N LYS F 473 -5.90 -26.96 -16.04
CA LYS F 473 -6.19 -27.25 -17.43
C LYS F 473 -7.62 -26.89 -17.80
N SER F 474 -8.53 -26.91 -16.82
CA SER F 474 -9.94 -26.67 -17.11
C SER F 474 -10.25 -25.21 -17.42
N MET F 475 -9.31 -24.31 -17.19
CA MET F 475 -9.54 -22.89 -17.41
C MET F 475 -9.20 -22.44 -18.83
N VAL F 476 -8.60 -23.30 -19.65
CA VAL F 476 -8.04 -22.92 -20.93
C VAL F 476 -8.73 -23.70 -22.02
N LEU F 477 -9.20 -22.99 -23.06
CA LEU F 477 -9.86 -23.59 -24.20
C LEU F 477 -8.91 -23.60 -25.39
N PHE F 478 -8.73 -24.77 -25.99
CA PHE F 478 -7.82 -24.95 -27.12
C PHE F 478 -8.61 -25.20 -28.40
N ASP F 479 -8.04 -24.79 -29.52
CA ASP F 479 -8.59 -25.09 -30.85
C ASP F 479 -9.99 -24.52 -31.03
N SER F 480 -10.28 -23.40 -30.38
CA SER F 480 -11.59 -22.77 -30.54
C SER F 480 -11.73 -22.04 -31.86
N GLY F 481 -10.62 -21.77 -32.54
CA GLY F 481 -10.66 -21.05 -33.81
C GLY F 481 -10.91 -19.57 -33.68
N GLU F 482 -10.86 -19.02 -32.48
CA GLU F 482 -11.12 -17.60 -32.27
C GLU F 482 -9.81 -16.81 -32.24
#